data_1GZ4
#
_entry.id   1GZ4
#
_cell.length_a   224.944
_cell.length_b   117.454
_cell.length_c   111.610
_cell.angle_alpha   90.00
_cell.angle_beta   109.33
_cell.angle_gamma   90.00
#
_symmetry.space_group_name_H-M   'C 1 2 1'
#
loop_
_entity.id
_entity.type
_entity.pdbx_description
1 polymer 'NAD-DEPENDENT MALIC ENZYME'
2 non-polymer "ADENOSINE-5'-TRIPHOSPHATE"
3 non-polymer TARTRONATE
4 non-polymer 'MANGANESE (II) ION'
5 non-polymer 'FUMARIC ACID'
6 water water
#
_entity_poly.entity_id   1
_entity_poly.type   'polypeptide(L)'
_entity_poly.pdbx_seq_one_letter_code
;EKGKPL(MSE)LNPRTNKG(MSE)AFTLQERQ(MSE)LGLQGLLPPKIETQDIQALRFHRNLKK(MSE)TSPLEKYIYI
(MSE)GIQERNEKLFYRILQDDIESL(MSE)PIVYTPTVGLACSQYGHIFRRPKGLFISISDRGHVRSIVDNWPENHVKA
VVVTDGERILGLGDLGVYG(MSE)GIPVGKLCLYTACAGIRPDRCLPVCIDVGTDNIALLKDPFY(MSE)GLYQKRDRTQ
QYDDLIDEF(MSE)KAITDRYGRNTLIQFEDFGNHNAFRFLRKYREKYCTFNDDIQGTAAVALAGLLAAQKVISKPISEH
KILFLGAGEAALGIANLIV(MSE)S(MSE)VENGLSEQEAQKKIW(MSE)FDKYGLLVKGRKAKIDSYQEPFTHSAPESI
PDTFEDAVNILKPSTIIGVAGAGRLFTPDVIRA(MSE)ASINERPVIFALSNPTAQAECTAEEAYTLTEGRCLFASGSPF
GPVKLTDGRVFTPGQGNNVYIFPGVALAVILCNTRHISDSVFLEAAKALTSQLTDEELAQGRLYPPLANIQEVSINIAIK
VTEYLYANK(MSE)AFRYPEPEDKAKYVKERTWRSEYDSLLPDVYEWP
;
_entity_poly.pdbx_strand_id   A,B,C,D
#
loop_
_chem_comp.id
_chem_comp.type
_chem_comp.name
_chem_comp.formula
ATP non-polymer ADENOSINE-5'-TRIPHOSPHATE 'C10 H16 N5 O13 P3'
FUM non-polymer 'FUMARIC ACID' 'C4 H4 O4'
MN non-polymer 'MANGANESE (II) ION' 'Mn 2'
TTN non-polymer TARTRONATE 'C3 H2 O5 -2'
#
# COMPACT_ATOMS: atom_id res chain seq x y z
N GLU A 1 3.29 4.72 -5.99
CA GLU A 1 3.97 4.24 -4.74
C GLU A 1 5.35 4.90 -4.59
N LYS A 2 5.75 5.16 -3.35
CA LYS A 2 7.04 5.78 -3.10
C LYS A 2 7.89 4.94 -2.15
N GLY A 3 9.16 5.28 -2.03
CA GLY A 3 10.03 4.53 -1.14
C GLY A 3 10.56 3.24 -1.72
N LYS A 4 11.11 2.40 -0.84
CA LYS A 4 11.71 1.13 -1.21
C LYS A 4 10.92 0.34 -2.25
N PRO A 5 9.58 0.29 -2.11
CA PRO A 5 8.78 -0.44 -3.10
C PRO A 5 9.07 -0.08 -4.55
N LEU A 6 9.55 1.14 -4.79
CA LEU A 6 9.86 1.56 -6.15
C LEU A 6 11.07 0.81 -6.67
N MSE A 7 11.93 0.39 -5.74
CA MSE A 7 13.13 -0.34 -6.13
C MSE A 7 12.88 -1.83 -6.20
O MSE A 7 13.55 -2.53 -6.95
CB MSE A 7 14.26 -0.03 -5.13
CG MSE A 7 14.74 1.43 -5.22
SE MSE A 7 15.68 1.94 -3.59
CE MSE A 7 17.14 0.71 -3.67
N LEU A 8 11.91 -2.32 -5.44
CA LEU A 8 11.56 -3.75 -5.41
C LEU A 8 10.78 -4.18 -6.65
N ASN A 9 10.12 -3.22 -7.29
CA ASN A 9 9.35 -3.51 -8.50
C ASN A 9 10.22 -3.29 -9.73
N PRO A 10 10.56 -4.36 -10.44
CA PRO A 10 11.41 -4.23 -11.64
C PRO A 10 10.86 -3.27 -12.69
N ARG A 11 9.55 -3.04 -12.65
CA ARG A 11 8.91 -2.15 -13.61
C ARG A 11 9.31 -0.68 -13.39
N THR A 12 9.48 -0.28 -12.13
CA THR A 12 9.86 1.09 -11.82
C THR A 12 11.33 1.29 -11.41
N ASN A 13 11.99 0.22 -10.95
CA ASN A 13 13.39 0.33 -10.51
C ASN A 13 14.35 0.80 -11.61
N LYS A 14 15.12 1.84 -11.29
CA LYS A 14 16.09 2.40 -12.22
C LYS A 14 17.50 2.19 -11.70
N GLY A 15 17.62 1.65 -10.50
CA GLY A 15 18.94 1.44 -9.94
C GLY A 15 19.57 2.79 -9.67
N MSE A 16 20.85 2.94 -9.96
CA MSE A 16 21.52 4.21 -9.72
C MSE A 16 21.18 5.27 -10.77
O MSE A 16 21.73 6.36 -10.75
CB MSE A 16 23.04 4.02 -9.64
CG MSE A 16 23.51 3.42 -8.31
SE MSE A 16 25.44 3.17 -8.32
CE MSE A 16 25.49 1.42 -9.12
N ALA A 17 20.26 4.95 -11.68
CA ALA A 17 19.87 5.91 -12.71
C ALA A 17 18.80 6.85 -12.16
N PHE A 18 18.29 6.56 -10.95
CA PHE A 18 17.31 7.47 -10.35
C PHE A 18 18.05 8.78 -10.13
N THR A 19 17.50 9.88 -10.62
CA THR A 19 18.14 11.18 -10.46
C THR A 19 18.11 11.63 -9.00
N LEU A 20 18.93 12.63 -8.68
CA LEU A 20 18.97 13.13 -7.32
C LEU A 20 17.59 13.65 -6.92
N GLN A 21 16.94 14.40 -7.81
CA GLN A 21 15.62 14.93 -7.50
C GLN A 21 14.59 13.82 -7.31
N GLU A 22 14.64 12.80 -8.16
CA GLU A 22 13.71 11.68 -8.01
C GLU A 22 13.91 11.03 -6.64
N ARG A 23 15.17 10.79 -6.28
CA ARG A 23 15.49 10.16 -5.00
C ARG A 23 14.96 10.94 -3.81
N GLN A 24 15.22 12.23 -3.79
CA GLN A 24 14.76 13.06 -2.68
C GLN A 24 13.25 13.13 -2.61
N MSE A 25 12.60 13.35 -3.76
CA MSE A 25 11.16 13.45 -3.77
C MSE A 25 10.41 12.13 -3.56
O MSE A 25 9.30 12.15 -3.04
CB MSE A 25 10.68 14.12 -5.06
CG MSE A 25 10.55 15.64 -4.91
SE MSE A 25 10.12 16.46 -6.61
CE MSE A 25 11.90 16.77 -7.23
N LEU A 26 11.01 11.01 -3.94
CA LEU A 26 10.36 9.71 -3.79
C LEU A 26 10.83 8.93 -2.55
N GLY A 27 11.63 9.57 -1.70
CA GLY A 27 12.11 8.91 -0.51
C GLY A 27 13.09 7.77 -0.76
N LEU A 28 13.99 7.98 -1.71
CA LEU A 28 14.97 6.97 -2.05
C LEU A 28 16.37 7.39 -1.59
N GLN A 29 16.50 8.64 -1.13
CA GLN A 29 17.78 9.15 -0.68
C GLN A 29 18.38 8.29 0.39
N GLY A 30 19.62 7.83 0.16
CA GLY A 30 20.28 7.00 1.15
C GLY A 30 20.10 5.52 0.90
N LEU A 31 19.08 5.14 0.12
CA LEU A 31 18.85 3.73 -0.16
C LEU A 31 19.67 3.30 -1.39
N LEU A 32 20.27 4.27 -2.07
CA LEU A 32 21.08 4.01 -3.26
C LEU A 32 22.47 4.63 -3.06
N PRO A 33 23.50 4.08 -3.72
CA PRO A 33 24.84 4.65 -3.59
C PRO A 33 24.75 6.10 -4.06
N PRO A 34 25.63 7.00 -3.58
CA PRO A 34 25.63 8.42 -3.96
C PRO A 34 25.68 8.69 -5.46
N LYS A 35 26.40 7.85 -6.18
CA LYS A 35 26.58 7.96 -7.62
C LYS A 35 25.29 7.96 -8.44
N ILE A 36 25.19 8.90 -9.39
CA ILE A 36 24.06 8.99 -10.29
C ILE A 36 24.56 8.41 -11.62
N GLU A 37 24.03 7.28 -12.03
CA GLU A 37 24.48 6.66 -13.29
C GLU A 37 23.47 6.90 -14.41
N THR A 38 23.88 6.60 -15.64
CA THR A 38 23.03 6.72 -16.81
C THR A 38 22.77 5.29 -17.27
N GLN A 39 21.81 5.10 -18.16
CA GLN A 39 21.51 3.77 -18.65
C GLN A 39 22.71 3.23 -19.45
N ASP A 40 23.45 4.12 -20.10
CA ASP A 40 24.63 3.72 -20.87
C ASP A 40 25.66 3.04 -19.98
N ILE A 41 25.87 3.58 -18.78
CA ILE A 41 26.83 2.98 -17.85
C ILE A 41 26.35 1.63 -17.37
N GLN A 42 25.04 1.54 -17.15
CA GLN A 42 24.44 0.29 -16.71
C GLN A 42 24.58 -0.76 -17.81
N ALA A 43 24.41 -0.36 -19.07
CA ALA A 43 24.53 -1.29 -20.18
C ALA A 43 25.98 -1.80 -20.25
N LEU A 44 26.94 -0.91 -20.05
CA LEU A 44 28.35 -1.28 -20.08
C LEU A 44 28.68 -2.31 -19.01
N ARG A 45 28.16 -2.11 -17.82
CA ARG A 45 28.40 -3.05 -16.73
C ARG A 45 27.93 -4.42 -17.20
N PHE A 46 26.76 -4.46 -17.83
CA PHE A 46 26.19 -5.71 -18.35
C PHE A 46 27.11 -6.39 -19.36
N HIS A 47 27.47 -5.68 -20.42
CA HIS A 47 28.31 -6.26 -21.46
C HIS A 47 29.66 -6.75 -20.93
N ARG A 48 30.24 -6.02 -19.98
CA ARG A 48 31.50 -6.42 -19.39
C ARG A 48 31.32 -7.78 -18.71
N ASN A 49 30.30 -7.91 -17.87
CA ASN A 49 30.06 -9.19 -17.18
C ASN A 49 29.65 -10.31 -18.13
N LEU A 50 28.87 -10.00 -19.15
CA LEU A 50 28.45 -11.05 -20.08
C LEU A 50 29.65 -11.64 -20.81
N LYS A 51 30.57 -10.77 -21.21
CA LYS A 51 31.75 -11.20 -21.94
C LYS A 51 32.61 -12.23 -21.19
N LYS A 52 32.60 -12.16 -19.86
CA LYS A 52 33.38 -13.08 -19.04
C LYS A 52 32.72 -14.43 -18.81
N MSE A 53 31.44 -14.54 -19.12
CA MSE A 53 30.74 -15.81 -18.90
C MSE A 53 31.01 -16.82 -20.00
O MSE A 53 31.39 -16.46 -21.12
CB MSE A 53 29.25 -15.56 -18.73
CG MSE A 53 28.97 -14.58 -17.60
SE MSE A 53 27.09 -14.30 -17.39
CE MSE A 53 27.12 -13.34 -15.72
N THR A 54 30.81 -18.10 -19.68
CA THR A 54 31.08 -19.17 -20.64
C THR A 54 29.87 -19.85 -21.26
N SER A 55 29.08 -20.55 -20.43
CA SER A 55 27.93 -21.26 -20.95
C SER A 55 26.69 -20.42 -21.26
N PRO A 56 25.92 -20.82 -22.29
CA PRO A 56 24.72 -20.09 -22.68
C PRO A 56 23.69 -20.11 -21.55
N LEU A 57 23.58 -21.23 -20.85
CA LEU A 57 22.61 -21.32 -19.77
C LEU A 57 22.93 -20.29 -18.68
N GLU A 58 24.22 -20.10 -18.41
CA GLU A 58 24.66 -19.15 -17.39
C GLU A 58 24.27 -17.74 -17.82
N LYS A 59 24.48 -17.43 -19.10
CA LYS A 59 24.12 -16.13 -19.64
C LYS A 59 22.60 -15.93 -19.58
N TYR A 60 21.84 -16.99 -19.87
CA TYR A 60 20.38 -16.92 -19.84
C TYR A 60 19.92 -16.57 -18.42
N ILE A 61 20.49 -17.25 -17.43
CA ILE A 61 20.12 -16.99 -16.04
C ILE A 61 20.39 -15.54 -15.65
N TYR A 62 21.50 -15.03 -16.15
CA TYR A 62 21.93 -13.68 -15.85
C TYR A 62 21.04 -12.62 -16.50
N ILE A 63 20.86 -12.70 -17.80
CA ILE A 63 20.05 -11.71 -18.48
C ILE A 63 18.55 -11.80 -18.11
N MSE A 64 17.99 -13.00 -18.04
CA MSE A 64 16.58 -13.12 -17.68
C MSE A 64 16.38 -12.62 -16.24
O MSE A 64 15.30 -12.17 -15.85
CB MSE A 64 16.08 -14.57 -17.84
CG MSE A 64 16.10 -15.10 -19.29
SE MSE A 64 15.10 -13.91 -20.52
CE MSE A 64 13.33 -14.14 -19.81
N GLY A 65 17.44 -12.70 -15.43
CA GLY A 65 17.36 -12.23 -14.06
C GLY A 65 17.27 -10.71 -14.02
N ILE A 66 17.79 -10.04 -15.04
CA ILE A 66 17.72 -8.59 -15.09
C ILE A 66 16.25 -8.14 -15.26
N GLN A 67 15.47 -8.92 -16.01
CA GLN A 67 14.06 -8.61 -16.24
C GLN A 67 13.27 -8.56 -14.92
N GLU A 68 13.77 -9.26 -13.90
CA GLU A 68 13.12 -9.28 -12.60
C GLU A 68 13.71 -8.24 -11.65
N ARG A 69 14.68 -7.48 -12.14
CA ARG A 69 15.32 -6.45 -11.32
C ARG A 69 15.11 -5.05 -11.88
N ASN A 70 15.36 -4.89 -13.17
CA ASN A 70 15.26 -3.59 -13.83
C ASN A 70 14.74 -3.81 -15.24
N GLU A 71 13.42 -3.76 -15.39
CA GLU A 71 12.79 -3.99 -16.69
C GLU A 71 13.33 -3.14 -17.83
N LYS A 72 13.39 -1.83 -17.63
CA LYS A 72 13.90 -0.93 -18.66
C LYS A 72 15.30 -1.34 -19.12
N LEU A 73 16.21 -1.58 -18.17
CA LEU A 73 17.57 -1.98 -18.51
C LEU A 73 17.55 -3.32 -19.25
N PHE A 74 16.67 -4.21 -18.82
CA PHE A 74 16.55 -5.52 -19.47
C PHE A 74 16.32 -5.35 -20.97
N TYR A 75 15.36 -4.51 -21.35
CA TYR A 75 15.10 -4.32 -22.76
C TYR A 75 16.16 -3.53 -23.48
N ARG A 76 16.77 -2.57 -22.80
CA ARG A 76 17.85 -1.78 -23.38
C ARG A 76 18.97 -2.72 -23.80
N ILE A 77 19.26 -3.68 -22.93
CA ILE A 77 20.30 -4.67 -23.18
C ILE A 77 19.98 -5.55 -24.40
N LEU A 78 18.74 -6.01 -24.52
CA LEU A 78 18.36 -6.82 -25.67
C LEU A 78 18.52 -5.96 -26.93
N GLN A 79 18.04 -4.72 -26.85
CA GLN A 79 18.12 -3.79 -27.98
C GLN A 79 19.54 -3.49 -28.45
N ASP A 80 20.51 -3.51 -27.54
CA ASP A 80 21.90 -3.24 -27.90
C ASP A 80 22.47 -4.23 -28.93
N ASP A 81 22.08 -5.49 -28.82
CA ASP A 81 22.55 -6.51 -29.78
C ASP A 81 21.63 -7.72 -29.74
N ILE A 82 20.43 -7.53 -30.28
CA ILE A 82 19.42 -8.57 -30.31
C ILE A 82 19.90 -9.85 -31.00
N GLU A 83 20.75 -9.68 -32.01
CA GLU A 83 21.27 -10.82 -32.77
C GLU A 83 22.10 -11.79 -31.95
N SER A 84 23.03 -11.27 -31.14
CA SER A 84 23.87 -12.15 -30.35
C SER A 84 23.17 -12.73 -29.13
N LEU A 85 22.12 -12.05 -28.66
CA LEU A 85 21.39 -12.53 -27.49
C LEU A 85 20.19 -13.43 -27.82
N MSE A 86 19.72 -13.36 -29.07
CA MSE A 86 18.58 -14.18 -29.51
C MSE A 86 18.76 -15.66 -29.20
O MSE A 86 17.83 -16.32 -28.70
CB MSE A 86 18.37 -13.99 -31.02
CG MSE A 86 17.12 -14.65 -31.55
SE MSE A 86 15.57 -13.76 -30.86
CE MSE A 86 15.73 -12.16 -31.91
N PRO A 87 19.96 -16.22 -29.49
CA PRO A 87 20.26 -17.64 -29.23
C PRO A 87 20.27 -18.00 -27.74
N ILE A 88 20.37 -16.98 -26.90
CA ILE A 88 20.42 -17.16 -25.45
C ILE A 88 19.05 -17.05 -24.81
N VAL A 89 18.30 -16.02 -25.19
CA VAL A 89 16.97 -15.81 -24.64
C VAL A 89 15.92 -16.59 -25.41
N TYR A 90 16.25 -17.01 -26.62
CA TYR A 90 15.31 -17.74 -27.45
C TYR A 90 15.94 -19.08 -27.87
N THR A 91 15.53 -19.63 -29.01
CA THR A 91 16.08 -20.90 -29.47
C THR A 91 17.56 -20.70 -29.81
N PRO A 92 18.43 -21.69 -29.48
CA PRO A 92 18.14 -22.96 -28.83
C PRO A 92 18.19 -22.99 -27.30
N THR A 93 18.90 -22.04 -26.68
CA THR A 93 19.04 -22.06 -25.23
C THR A 93 17.74 -22.10 -24.41
N VAL A 94 16.69 -21.44 -24.90
CA VAL A 94 15.43 -21.45 -24.17
C VAL A 94 14.96 -22.89 -24.01
N GLY A 95 15.23 -23.72 -25.01
CA GLY A 95 14.86 -25.13 -24.92
C GLY A 95 15.62 -25.76 -23.75
N LEU A 96 16.89 -25.40 -23.63
CA LEU A 96 17.69 -25.91 -22.52
C LEU A 96 17.16 -25.43 -21.17
N ALA A 97 16.76 -24.15 -21.10
CA ALA A 97 16.25 -23.58 -19.86
C ALA A 97 14.98 -24.28 -19.36
N CYS A 98 14.06 -24.56 -20.29
CA CYS A 98 12.82 -25.24 -19.93
C CYS A 98 13.09 -26.64 -19.38
N SER A 99 13.98 -27.39 -20.04
CA SER A 99 14.32 -28.75 -19.58
C SER A 99 14.86 -28.70 -18.16
N GLN A 100 15.50 -27.58 -17.80
CA GLN A 100 16.10 -27.40 -16.50
C GLN A 100 15.40 -26.39 -15.61
N TYR A 101 14.23 -25.92 -16.05
CA TYR A 101 13.48 -24.89 -15.33
C TYR A 101 13.43 -25.03 -13.81
N GLY A 102 13.10 -26.22 -13.33
CA GLY A 102 13.01 -26.43 -11.89
C GLY A 102 14.34 -26.38 -11.17
N HIS A 103 15.43 -26.54 -11.91
CA HIS A 103 16.78 -26.51 -11.34
C HIS A 103 17.35 -25.11 -11.21
N ILE A 104 16.93 -24.21 -12.10
CA ILE A 104 17.42 -22.83 -12.10
C ILE A 104 16.45 -21.81 -11.52
N PHE A 105 15.28 -22.30 -11.09
CA PHE A 105 14.26 -21.44 -10.52
C PHE A 105 14.76 -20.51 -9.43
N ARG A 106 14.32 -19.26 -9.51
CA ARG A 106 14.66 -18.23 -8.53
C ARG A 106 13.38 -17.43 -8.24
N ARG A 107 12.72 -16.97 -9.30
CA ARG A 107 11.49 -16.20 -9.17
C ARG A 107 10.49 -16.67 -10.24
N PRO A 108 9.20 -16.71 -9.88
CA PRO A 108 8.18 -17.13 -10.85
C PRO A 108 7.83 -15.98 -11.79
N LYS A 109 7.44 -16.33 -13.01
CA LYS A 109 7.03 -15.32 -13.99
C LYS A 109 5.75 -15.84 -14.63
N GLY A 110 4.75 -14.98 -14.76
CA GLY A 110 3.50 -15.38 -15.36
C GLY A 110 2.45 -15.91 -14.40
N LEU A 111 1.32 -16.29 -14.97
CA LEU A 111 0.21 -16.84 -14.22
C LEU A 111 0.22 -18.35 -14.40
N PHE A 112 -0.04 -19.08 -13.32
CA PHE A 112 -0.09 -20.54 -13.38
C PHE A 112 -1.49 -21.00 -13.03
N ILE A 113 -2.13 -21.70 -13.96
CA ILE A 113 -3.48 -22.21 -13.73
C ILE A 113 -3.47 -23.72 -13.82
N SER A 114 -3.87 -24.39 -12.73
CA SER A 114 -3.88 -25.85 -12.73
C SER A 114 -5.29 -26.42 -12.76
N ILE A 115 -5.40 -27.69 -13.15
CA ILE A 115 -6.69 -28.36 -13.24
C ILE A 115 -7.33 -28.38 -11.84
N SER A 116 -6.51 -28.35 -10.80
CA SER A 116 -7.02 -28.35 -9.43
C SER A 116 -7.68 -27.02 -9.09
N ASP A 117 -7.54 -26.04 -9.97
CA ASP A 117 -8.14 -24.72 -9.76
C ASP A 117 -9.44 -24.56 -10.52
N ARG A 118 -9.89 -25.62 -11.20
CA ARG A 118 -11.13 -25.53 -11.98
C ARG A 118 -12.27 -25.04 -11.09
N GLY A 119 -12.98 -24.03 -11.57
CA GLY A 119 -14.08 -23.45 -10.81
C GLY A 119 -13.63 -22.23 -10.04
N HIS A 120 -12.33 -21.93 -10.10
CA HIS A 120 -11.82 -20.77 -9.36
C HIS A 120 -10.82 -20.00 -10.21
N VAL A 121 -10.84 -20.21 -11.52
CA VAL A 121 -9.90 -19.55 -12.43
C VAL A 121 -9.99 -18.02 -12.39
N ARG A 122 -11.20 -17.49 -12.29
CA ARG A 122 -11.36 -16.04 -12.25
C ARG A 122 -10.63 -15.44 -11.06
N SER A 123 -10.63 -16.14 -9.94
CA SER A 123 -9.97 -15.67 -8.72
C SER A 123 -8.47 -15.57 -8.97
N ILE A 124 -7.95 -16.49 -9.77
CA ILE A 124 -6.53 -16.50 -10.10
C ILE A 124 -6.20 -15.33 -11.02
N VAL A 125 -7.02 -15.10 -12.03
CA VAL A 125 -6.81 -14.00 -12.96
C VAL A 125 -6.87 -12.66 -12.24
N ASP A 126 -7.70 -12.55 -11.21
CA ASP A 126 -7.79 -11.30 -10.47
C ASP A 126 -6.59 -11.07 -9.54
N ASN A 127 -5.76 -12.08 -9.37
CA ASN A 127 -4.57 -11.93 -8.54
C ASN A 127 -3.42 -11.27 -9.29
N TRP A 128 -3.46 -11.32 -10.63
CA TRP A 128 -2.42 -10.69 -11.44
C TRP A 128 -2.47 -9.19 -11.19
N PRO A 129 -1.34 -8.59 -10.80
CA PRO A 129 -1.18 -7.17 -10.50
C PRO A 129 -1.53 -6.15 -11.58
N GLU A 130 -1.22 -6.45 -12.83
CA GLU A 130 -1.49 -5.50 -13.92
C GLU A 130 -2.99 -5.42 -14.30
N ASN A 131 -3.47 -4.21 -14.50
CA ASN A 131 -4.87 -3.97 -14.82
C ASN A 131 -5.26 -3.84 -16.29
N HIS A 132 -4.31 -3.62 -17.18
CA HIS A 132 -4.67 -3.45 -18.59
C HIS A 132 -3.93 -4.36 -19.55
N VAL A 133 -4.10 -5.67 -19.37
CA VAL A 133 -3.44 -6.62 -20.24
C VAL A 133 -4.01 -6.59 -21.66
N LYS A 134 -3.13 -6.60 -22.65
CA LYS A 134 -3.57 -6.58 -24.04
C LYS A 134 -3.10 -7.81 -24.79
N ALA A 135 -2.12 -8.52 -24.24
CA ALA A 135 -1.60 -9.71 -24.91
C ALA A 135 -1.30 -10.84 -23.94
N VAL A 136 -1.79 -12.02 -24.29
CA VAL A 136 -1.58 -13.21 -23.50
C VAL A 136 -0.96 -14.31 -24.38
N VAL A 137 0.04 -15.01 -23.85
CA VAL A 137 0.65 -16.14 -24.54
C VAL A 137 0.52 -17.28 -23.55
N VAL A 138 -0.24 -18.29 -23.95
CA VAL A 138 -0.51 -19.43 -23.10
C VAL A 138 -0.05 -20.75 -23.69
N THR A 139 0.35 -21.67 -22.81
CA THR A 139 0.80 -23.00 -23.20
C THR A 139 0.42 -24.01 -22.11
N ASP A 140 0.32 -25.29 -22.49
CA ASP A 140 0.05 -26.36 -21.52
C ASP A 140 1.31 -27.22 -21.45
N GLY A 141 2.34 -26.78 -22.19
CA GLY A 141 3.62 -27.47 -22.18
C GLY A 141 3.67 -28.89 -22.74
N GLU A 142 2.73 -29.25 -23.60
CA GLU A 142 2.74 -30.61 -24.13
C GLU A 142 3.64 -30.76 -25.35
N ARG A 143 3.91 -29.66 -26.04
CA ARG A 143 4.75 -29.69 -27.22
C ARG A 143 5.65 -28.47 -27.22
N ILE A 144 6.67 -28.51 -26.36
CA ILE A 144 7.63 -27.40 -26.25
C ILE A 144 8.66 -27.58 -27.35
N LEU A 145 8.63 -26.69 -28.34
CA LEU A 145 9.54 -26.79 -29.48
C LEU A 145 9.45 -28.24 -29.96
N GLY A 146 10.59 -28.89 -30.13
CA GLY A 146 10.58 -30.28 -30.55
C GLY A 146 11.03 -31.17 -29.40
N LEU A 147 10.96 -30.62 -28.19
CA LEU A 147 11.37 -31.32 -26.97
C LEU A 147 10.31 -32.23 -26.37
N GLY A 148 9.06 -32.06 -26.78
CA GLY A 148 8.00 -32.89 -26.24
C GLY A 148 7.28 -32.29 -25.05
N ASP A 149 6.68 -33.15 -24.23
CA ASP A 149 5.94 -32.75 -23.05
C ASP A 149 6.87 -32.36 -21.88
N LEU A 150 6.89 -31.07 -21.53
CA LEU A 150 7.74 -30.60 -20.42
C LEU A 150 6.91 -30.05 -19.26
N GLY A 151 5.59 -30.17 -19.38
CA GLY A 151 4.70 -29.69 -18.34
C GLY A 151 4.95 -28.25 -17.94
N VAL A 152 4.82 -27.95 -16.65
CA VAL A 152 5.02 -26.58 -16.17
C VAL A 152 6.43 -26.06 -16.47
N TYR A 153 7.38 -26.94 -16.77
CA TYR A 153 8.72 -26.47 -17.12
C TYR A 153 8.63 -25.68 -18.42
N GLY A 154 7.50 -25.81 -19.10
CA GLY A 154 7.32 -25.10 -20.37
C GLY A 154 7.01 -23.62 -20.25
N MSE A 155 6.79 -23.13 -19.03
CA MSE A 155 6.47 -21.71 -18.84
C MSE A 155 7.55 -20.82 -19.42
O MSE A 155 7.28 -19.66 -19.75
CB MSE A 155 6.27 -21.39 -17.36
CG MSE A 155 6.14 -19.88 -17.06
SE MSE A 155 4.53 -19.12 -17.94
CE MSE A 155 3.44 -18.83 -16.38
N GLY A 156 8.76 -21.35 -19.55
CA GLY A 156 9.86 -20.55 -20.11
C GLY A 156 9.56 -20.07 -21.52
N ILE A 157 8.74 -20.82 -22.26
CA ILE A 157 8.39 -20.48 -23.62
C ILE A 157 7.55 -19.19 -23.72
N PRO A 158 6.41 -19.13 -23.02
CA PRO A 158 5.55 -17.93 -23.05
C PRO A 158 6.33 -16.70 -22.58
N VAL A 159 7.15 -16.88 -21.55
CA VAL A 159 7.97 -15.79 -21.02
C VAL A 159 8.90 -15.30 -22.12
N GLY A 160 9.56 -16.22 -22.80
CA GLY A 160 10.46 -15.85 -23.88
C GLY A 160 9.74 -15.14 -25.01
N LYS A 161 8.60 -15.71 -25.42
CA LYS A 161 7.80 -15.12 -26.48
C LYS A 161 7.46 -13.66 -26.18
N LEU A 162 6.93 -13.40 -24.99
CA LEU A 162 6.54 -12.05 -24.61
C LEU A 162 7.70 -11.06 -24.55
N CYS A 163 8.91 -11.53 -24.24
CA CYS A 163 10.07 -10.63 -24.20
C CYS A 163 10.25 -10.12 -25.63
N LEU A 164 9.97 -10.99 -26.59
CA LEU A 164 10.12 -10.62 -27.99
C LEU A 164 9.01 -9.69 -28.45
N TYR A 165 7.84 -9.79 -27.81
CA TYR A 165 6.73 -8.90 -28.14
C TYR A 165 7.26 -7.49 -27.94
N THR A 166 7.89 -7.27 -26.80
CA THR A 166 8.43 -5.96 -26.46
C THR A 166 9.73 -5.63 -27.18
N ALA A 167 10.72 -6.51 -27.09
CA ALA A 167 12.01 -6.28 -27.72
C ALA A 167 11.94 -6.03 -29.22
N CYS A 168 11.04 -6.74 -29.90
CA CYS A 168 10.89 -6.63 -31.35
C CYS A 168 9.84 -5.64 -31.84
N ALA A 169 8.69 -5.58 -31.18
CA ALA A 169 7.61 -4.70 -31.64
C ALA A 169 7.23 -3.53 -30.74
N GLY A 170 7.87 -3.41 -29.59
CA GLY A 170 7.58 -2.30 -28.71
C GLY A 170 6.25 -2.40 -27.99
N ILE A 171 5.77 -3.62 -27.81
CA ILE A 171 4.51 -3.81 -27.08
C ILE A 171 4.85 -3.61 -25.60
N ARG A 172 4.03 -2.83 -24.89
CA ARG A 172 4.28 -2.56 -23.48
C ARG A 172 4.34 -3.82 -22.61
N PRO A 173 5.48 -4.03 -21.92
CA PRO A 173 5.69 -5.18 -21.02
C PRO A 173 4.59 -5.35 -19.99
N ASP A 174 4.13 -4.24 -19.39
CA ASP A 174 3.10 -4.32 -18.38
C ASP A 174 1.74 -4.74 -18.95
N ARG A 175 1.65 -4.84 -20.26
CA ARG A 175 0.40 -5.26 -20.87
C ARG A 175 0.48 -6.67 -21.48
N CYS A 176 1.52 -7.40 -21.08
CA CYS A 176 1.73 -8.77 -21.55
C CYS A 176 1.56 -9.73 -20.37
N LEU A 177 0.96 -10.88 -20.63
CA LEU A 177 0.71 -11.87 -19.60
C LEU A 177 1.06 -13.29 -20.01
N PRO A 178 2.13 -13.87 -19.45
CA PRO A 178 2.51 -15.23 -19.81
C PRO A 178 1.69 -16.19 -18.95
N VAL A 179 1.11 -17.20 -19.57
CA VAL A 179 0.29 -18.14 -18.83
C VAL A 179 0.64 -19.59 -19.09
N CYS A 180 0.68 -20.36 -18.02
CA CYS A 180 0.94 -21.79 -18.12
C CYS A 180 -0.26 -22.55 -17.56
N ILE A 181 -0.86 -23.40 -18.38
CA ILE A 181 -2.01 -24.23 -17.97
C ILE A 181 -1.44 -25.57 -17.52
N ASP A 182 -1.64 -25.94 -16.26
CA ASP A 182 -1.11 -27.18 -15.71
C ASP A 182 -2.16 -28.25 -15.42
N VAL A 183 -2.21 -29.27 -16.28
CA VAL A 183 -3.17 -30.36 -16.12
C VAL A 183 -2.43 -31.69 -15.97
N GLY A 184 -1.14 -31.58 -15.64
CA GLY A 184 -0.31 -32.76 -15.47
C GLY A 184 0.68 -32.92 -16.61
N THR A 185 1.45 -34.00 -16.57
CA THR A 185 2.44 -34.26 -17.60
C THR A 185 2.66 -35.76 -17.76
N ASP A 186 2.92 -36.20 -18.98
CA ASP A 186 3.17 -37.61 -19.23
C ASP A 186 4.66 -37.89 -19.24
N ASN A 187 5.45 -36.87 -18.98
CA ASN A 187 6.91 -37.01 -18.95
C ASN A 187 7.26 -37.75 -17.66
N ILE A 188 7.60 -39.03 -17.80
CA ILE A 188 7.94 -39.87 -16.66
C ILE A 188 9.10 -39.34 -15.85
N ALA A 189 10.11 -38.79 -16.52
CA ALA A 189 11.27 -38.26 -15.81
C ALA A 189 10.89 -37.13 -14.86
N LEU A 190 10.02 -36.24 -15.31
CA LEU A 190 9.61 -35.11 -14.48
C LEU A 190 8.71 -35.53 -13.31
N LEU A 191 7.97 -36.61 -13.51
CA LEU A 191 7.08 -37.10 -12.47
C LEU A 191 7.87 -37.66 -11.29
N LYS A 192 9.16 -37.90 -11.50
CA LYS A 192 10.01 -38.40 -10.44
C LYS A 192 11.07 -37.37 -10.05
N ASP A 193 10.97 -36.17 -10.63
CA ASP A 193 11.91 -35.09 -10.34
C ASP A 193 11.42 -34.29 -9.13
N PRO A 194 12.22 -34.26 -8.05
CA PRO A 194 11.84 -33.52 -6.84
C PRO A 194 11.76 -32.02 -7.05
N PHE A 195 12.34 -31.55 -8.16
CA PHE A 195 12.33 -30.12 -8.45
C PHE A 195 11.22 -29.70 -9.42
N TYR A 196 10.45 -30.67 -9.92
CA TYR A 196 9.37 -30.34 -10.85
C TYR A 196 8.42 -29.30 -10.26
N MSE A 197 8.02 -28.35 -11.11
CA MSE A 197 7.15 -27.23 -10.71
C MSE A 197 5.64 -27.43 -10.94
O MSE A 197 4.85 -26.53 -10.67
CB MSE A 197 7.62 -25.96 -11.43
CG MSE A 197 8.96 -25.38 -10.90
SE MSE A 197 9.88 -24.37 -12.31
CE MSE A 197 8.53 -23.04 -12.70
N GLY A 198 5.23 -28.60 -11.40
CA GLY A 198 3.83 -28.82 -11.64
C GLY A 198 3.16 -29.88 -10.78
N LEU A 199 1.92 -30.17 -11.12
CA LEU A 199 1.13 -31.19 -10.43
C LEU A 199 1.74 -32.57 -10.76
N TYR A 200 1.91 -33.40 -9.74
CA TYR A 200 2.47 -34.73 -9.96
C TYR A 200 1.38 -35.71 -10.38
N GLN A 201 0.98 -35.62 -11.64
CA GLN A 201 -0.06 -36.49 -12.17
C GLN A 201 0.11 -36.56 -13.68
N LYS A 202 -0.49 -37.59 -14.28
CA LYS A 202 -0.45 -37.77 -15.71
C LYS A 202 -1.34 -36.68 -16.30
N ARG A 203 -1.15 -36.37 -17.57
CA ARG A 203 -1.96 -35.35 -18.21
C ARG A 203 -3.44 -35.73 -18.19
N ASP A 204 -4.29 -34.81 -17.72
CA ASP A 204 -5.73 -35.03 -17.68
C ASP A 204 -6.27 -34.76 -19.08
N ARG A 205 -6.73 -35.81 -19.77
CA ARG A 205 -7.24 -35.65 -21.13
C ARG A 205 -8.76 -35.77 -21.27
N THR A 206 -9.47 -35.62 -20.16
CA THR A 206 -10.93 -35.71 -20.19
C THR A 206 -11.54 -34.34 -20.49
N GLN A 207 -12.88 -34.27 -20.50
CA GLN A 207 -13.60 -33.04 -20.76
C GLN A 207 -13.22 -31.96 -19.73
N GLN A 208 -12.68 -32.38 -18.58
CA GLN A 208 -12.29 -31.41 -17.55
C GLN A 208 -11.21 -30.47 -18.08
N TYR A 209 -10.40 -30.98 -18.99
CA TYR A 209 -9.34 -30.21 -19.62
C TYR A 209 -9.97 -29.14 -20.48
N ASP A 210 -10.88 -29.55 -21.36
CA ASP A 210 -11.55 -28.60 -22.23
C ASP A 210 -12.29 -27.58 -21.42
N ASP A 211 -12.89 -28.01 -20.30
CA ASP A 211 -13.64 -27.12 -19.43
C ASP A 211 -12.72 -26.06 -18.81
N LEU A 212 -11.54 -26.49 -18.39
CA LEU A 212 -10.57 -25.58 -17.78
C LEU A 212 -10.16 -24.51 -18.79
N ILE A 213 -9.84 -24.92 -20.02
CA ILE A 213 -9.44 -23.96 -21.04
C ILE A 213 -10.60 -22.98 -21.30
N ASP A 214 -11.83 -23.49 -21.32
CA ASP A 214 -13.02 -22.65 -21.55
C ASP A 214 -13.11 -21.62 -20.42
N GLU A 215 -12.97 -22.08 -19.18
CA GLU A 215 -13.03 -21.21 -18.01
C GLU A 215 -11.98 -20.12 -18.14
N PHE A 216 -10.79 -20.52 -18.56
CA PHE A 216 -9.66 -19.62 -18.73
C PHE A 216 -9.97 -18.52 -19.74
N MSE A 217 -10.37 -18.91 -20.95
CA MSE A 217 -10.69 -17.94 -21.99
C MSE A 217 -11.71 -16.94 -21.47
O MSE A 217 -11.56 -15.73 -21.66
CB MSE A 217 -11.27 -18.64 -23.23
CG MSE A 217 -10.31 -19.60 -23.92
SE MSE A 217 -8.70 -18.66 -24.47
CE MSE A 217 -9.30 -18.01 -26.18
N LYS A 218 -12.73 -17.44 -20.80
CA LYS A 218 -13.79 -16.60 -20.26
C LYS A 218 -13.29 -15.66 -19.16
N ALA A 219 -12.51 -16.19 -18.23
CA ALA A 219 -11.97 -15.36 -17.13
C ALA A 219 -11.03 -14.27 -17.64
N ILE A 220 -10.22 -14.60 -18.64
CA ILE A 220 -9.28 -13.63 -19.18
C ILE A 220 -10.01 -12.47 -19.83
N THR A 221 -10.93 -12.77 -20.74
CA THR A 221 -11.68 -11.74 -21.43
C THR A 221 -12.67 -11.00 -20.52
N ASP A 222 -13.18 -11.67 -19.48
CA ASP A 222 -14.08 -10.99 -18.55
C ASP A 222 -13.34 -9.84 -17.84
N ARG A 223 -12.10 -10.08 -17.39
CA ARG A 223 -11.35 -9.03 -16.70
C ARG A 223 -10.70 -7.99 -17.61
N TYR A 224 -10.08 -8.46 -18.69
CA TYR A 224 -9.37 -7.57 -19.59
C TYR A 224 -10.02 -7.12 -20.88
N GLY A 225 -11.11 -7.78 -21.27
CA GLY A 225 -11.78 -7.37 -22.49
C GLY A 225 -11.84 -8.46 -23.55
N ARG A 226 -12.93 -8.43 -24.32
CA ARG A 226 -13.16 -9.41 -25.37
C ARG A 226 -12.11 -9.39 -26.49
N ASN A 227 -11.49 -8.26 -26.75
CA ASN A 227 -10.49 -8.24 -27.80
C ASN A 227 -9.05 -8.47 -27.33
N THR A 228 -8.91 -9.01 -26.12
CA THR A 228 -7.58 -9.32 -25.55
C THR A 228 -6.92 -10.33 -26.48
N LEU A 229 -5.75 -10.00 -27.03
CA LEU A 229 -5.06 -10.94 -27.93
C LEU A 229 -4.58 -12.16 -27.14
N ILE A 230 -5.00 -13.35 -27.56
CA ILE A 230 -4.60 -14.57 -26.90
C ILE A 230 -3.84 -15.49 -27.86
N GLN A 231 -2.55 -15.61 -27.63
CA GLN A 231 -1.69 -16.44 -28.47
C GLN A 231 -1.44 -17.83 -27.89
N PHE A 232 -1.92 -18.86 -28.58
CA PHE A 232 -1.74 -20.23 -28.15
C PHE A 232 -0.35 -20.68 -28.60
N GLU A 233 0.44 -21.19 -27.66
CA GLU A 233 1.78 -21.62 -27.96
C GLU A 233 2.11 -23.00 -27.39
N ASP A 234 2.73 -23.83 -28.23
CA ASP A 234 3.14 -25.17 -27.85
C ASP A 234 2.12 -26.12 -27.22
N PHE A 235 0.96 -26.24 -27.85
CA PHE A 235 -0.06 -27.17 -27.39
C PHE A 235 0.13 -28.42 -28.26
N GLY A 236 -0.27 -29.58 -27.75
CA GLY A 236 -0.15 -30.80 -28.52
C GLY A 236 -1.00 -30.71 -29.78
N ASN A 237 -0.66 -31.50 -30.79
CA ASN A 237 -1.37 -31.47 -32.07
C ASN A 237 -2.90 -31.51 -32.03
N HIS A 238 -3.48 -32.49 -31.37
CA HIS A 238 -4.94 -32.58 -31.31
C HIS A 238 -5.58 -31.30 -30.79
N ASN A 239 -5.18 -30.91 -29.58
CA ASN A 239 -5.71 -29.72 -28.93
C ASN A 239 -5.50 -28.40 -29.70
N ALA A 240 -4.33 -28.25 -30.32
CA ALA A 240 -4.00 -27.03 -31.05
C ALA A 240 -5.05 -26.63 -32.09
N PHE A 241 -5.35 -27.55 -33.01
CA PHE A 241 -6.33 -27.28 -34.05
C PHE A 241 -7.73 -27.08 -33.50
N ARG A 242 -8.18 -28.01 -32.65
CA ARG A 242 -9.54 -27.88 -32.15
C ARG A 242 -9.77 -26.63 -31.32
N PHE A 243 -8.75 -26.19 -30.58
CA PHE A 243 -8.90 -24.97 -29.78
C PHE A 243 -8.92 -23.75 -30.71
N LEU A 244 -8.10 -23.79 -31.74
CA LEU A 244 -8.05 -22.70 -32.71
C LEU A 244 -9.41 -22.58 -33.40
N ARG A 245 -9.92 -23.71 -33.89
CA ARG A 245 -11.21 -23.73 -34.58
C ARG A 245 -12.33 -23.28 -33.67
N LYS A 246 -12.35 -23.80 -32.45
CA LYS A 246 -13.39 -23.47 -31.49
C LYS A 246 -13.40 -22.02 -31.02
N TYR A 247 -12.23 -21.39 -30.97
CA TYR A 247 -12.15 -20.03 -30.45
C TYR A 247 -11.83 -18.87 -31.40
N ARG A 248 -11.27 -19.16 -32.58
CA ARG A 248 -10.92 -18.07 -33.50
C ARG A 248 -12.08 -17.16 -33.91
N GLU A 249 -13.31 -17.64 -33.76
CA GLU A 249 -14.47 -16.84 -34.11
C GLU A 249 -15.12 -16.20 -32.88
N LYS A 250 -14.77 -16.67 -31.69
CA LYS A 250 -15.36 -16.13 -30.47
C LYS A 250 -14.45 -15.15 -29.74
N TYR A 251 -13.15 -15.35 -29.87
CA TYR A 251 -12.17 -14.49 -29.20
C TYR A 251 -11.13 -14.01 -30.19
N CYS A 252 -10.25 -13.11 -29.75
CA CYS A 252 -9.18 -12.60 -30.59
C CYS A 252 -8.00 -13.52 -30.30
N THR A 253 -7.90 -14.61 -31.06
CA THR A 253 -6.88 -15.61 -30.82
C THR A 253 -6.27 -16.22 -32.08
N PHE A 254 -5.07 -16.76 -31.92
CA PHE A 254 -4.39 -17.43 -33.01
C PHE A 254 -3.33 -18.37 -32.41
N ASN A 255 -2.89 -19.34 -33.19
CA ASN A 255 -1.89 -20.31 -32.76
C ASN A 255 -0.58 -20.07 -33.49
N ASP A 256 0.44 -19.71 -32.74
CA ASP A 256 1.75 -19.40 -33.30
C ASP A 256 2.44 -20.53 -34.07
N ASP A 257 2.15 -21.76 -33.66
CA ASP A 257 2.77 -22.91 -34.30
C ASP A 257 2.10 -23.31 -35.61
N ILE A 258 0.82 -22.99 -35.74
CA ILE A 258 0.11 -23.31 -36.97
C ILE A 258 0.13 -22.12 -37.94
N GLN A 259 -0.20 -20.95 -37.44
CA GLN A 259 -0.27 -19.74 -38.25
C GLN A 259 0.98 -18.86 -38.34
N GLY A 260 1.66 -18.66 -37.21
CA GLY A 260 2.88 -17.87 -37.23
C GLY A 260 3.97 -18.56 -38.03
N THR A 261 4.12 -19.86 -37.80
CA THR A 261 5.12 -20.64 -38.51
C THR A 261 4.73 -20.70 -40.00
N ALA A 262 3.44 -20.83 -40.25
CA ALA A 262 2.96 -20.87 -41.62
C ALA A 262 3.42 -19.63 -42.37
N ALA A 263 3.25 -18.46 -41.76
CA ALA A 263 3.62 -17.20 -42.39
C ALA A 263 5.12 -17.00 -42.65
N VAL A 264 5.99 -17.35 -41.68
CA VAL A 264 7.42 -17.18 -41.89
C VAL A 264 7.89 -18.13 -43.00
N ALA A 265 7.39 -19.36 -42.97
CA ALA A 265 7.74 -20.34 -43.99
C ALA A 265 7.40 -19.75 -45.36
N LEU A 266 6.14 -19.36 -45.52
CA LEU A 266 5.68 -18.76 -46.78
C LEU A 266 6.59 -17.60 -47.19
N ALA A 267 6.91 -16.71 -46.24
CA ALA A 267 7.77 -15.58 -46.55
C ALA A 267 9.07 -16.08 -47.18
N GLY A 268 9.64 -17.13 -46.60
CA GLY A 268 10.86 -17.71 -47.12
C GLY A 268 10.68 -18.29 -48.51
N LEU A 269 9.56 -18.96 -48.75
CA LEU A 269 9.29 -19.53 -50.06
C LEU A 269 9.14 -18.44 -51.12
N LEU A 270 8.43 -17.36 -50.79
CA LEU A 270 8.27 -16.26 -51.74
C LEU A 270 9.62 -15.64 -52.11
N ALA A 271 10.54 -15.64 -51.16
CA ALA A 271 11.87 -15.06 -51.41
C ALA A 271 12.66 -15.97 -52.34
N ALA A 272 12.52 -17.28 -52.14
CA ALA A 272 13.23 -18.26 -52.95
C ALA A 272 12.75 -18.18 -54.39
N GLN A 273 11.43 -18.11 -54.57
CA GLN A 273 10.82 -18.03 -55.89
C GLN A 273 11.37 -16.78 -56.62
N LYS A 274 11.68 -15.74 -55.85
CA LYS A 274 12.22 -14.52 -56.44
C LYS A 274 13.57 -14.77 -57.09
N VAL A 275 14.27 -15.81 -56.62
CA VAL A 275 15.58 -16.17 -57.14
C VAL A 275 15.53 -17.29 -58.18
N ILE A 276 14.62 -18.23 -57.97
CA ILE A 276 14.48 -19.38 -58.87
C ILE A 276 13.52 -19.09 -60.03
N SER A 277 12.50 -18.28 -59.78
CA SER A 277 11.52 -17.93 -60.79
C SER A 277 11.02 -19.16 -61.54
N LYS A 278 10.55 -20.15 -60.77
CA LYS A 278 10.05 -21.41 -61.33
C LYS A 278 8.58 -21.30 -61.72
N PRO A 279 8.21 -21.87 -62.88
CA PRO A 279 6.82 -21.83 -63.36
C PRO A 279 5.89 -22.40 -62.30
N ILE A 280 4.90 -21.61 -61.90
CA ILE A 280 3.94 -22.01 -60.87
C ILE A 280 3.45 -23.45 -61.06
N SER A 281 3.38 -23.90 -62.31
CA SER A 281 2.91 -25.24 -62.62
C SER A 281 3.89 -26.34 -62.21
N GLU A 282 5.18 -26.03 -62.20
CA GLU A 282 6.20 -27.01 -61.84
C GLU A 282 6.59 -27.02 -60.36
N HIS A 283 5.72 -26.50 -59.51
CA HIS A 283 5.98 -26.48 -58.08
C HIS A 283 5.53 -27.81 -57.50
N LYS A 284 6.38 -28.40 -56.68
CA LYS A 284 6.08 -29.67 -56.05
C LYS A 284 6.71 -29.61 -54.66
N ILE A 285 5.86 -29.57 -53.64
CA ILE A 285 6.36 -29.47 -52.29
C ILE A 285 6.11 -30.73 -51.44
N LEU A 286 7.18 -31.24 -50.87
CA LEU A 286 7.09 -32.42 -50.01
C LEU A 286 7.41 -32.04 -48.56
N PHE A 287 6.47 -32.31 -47.66
CA PHE A 287 6.63 -32.00 -46.24
C PHE A 287 7.10 -33.22 -45.45
N LEU A 288 8.08 -33.01 -44.58
CA LEU A 288 8.54 -34.08 -43.70
C LEU A 288 7.73 -33.75 -42.46
N GLY A 289 6.68 -34.52 -42.21
CA GLY A 289 5.82 -34.26 -41.07
C GLY A 289 4.52 -33.73 -41.63
N ALA A 290 3.43 -33.87 -40.88
CA ALA A 290 2.13 -33.41 -41.34
C ALA A 290 1.28 -32.94 -40.17
N GLY A 291 1.88 -32.12 -39.31
CA GLY A 291 1.17 -31.63 -38.13
C GLY A 291 0.83 -30.14 -38.15
N GLU A 292 0.98 -29.50 -37.00
CA GLU A 292 0.68 -28.09 -36.84
C GLU A 292 1.37 -27.19 -37.86
N ALA A 293 2.68 -27.33 -37.98
CA ALA A 293 3.43 -26.51 -38.94
C ALA A 293 3.15 -26.88 -40.39
N ALA A 294 3.18 -28.18 -40.69
CA ALA A 294 2.94 -28.63 -42.06
C ALA A 294 1.58 -28.17 -42.58
N LEU A 295 0.53 -28.45 -41.82
CA LEU A 295 -0.81 -28.07 -42.22
C LEU A 295 -0.96 -26.55 -42.28
N GLY A 296 -0.30 -25.86 -41.36
CA GLY A 296 -0.37 -24.41 -41.37
C GLY A 296 0.30 -23.85 -42.61
N ILE A 297 1.51 -24.33 -42.89
CA ILE A 297 2.26 -23.85 -44.05
C ILE A 297 1.56 -24.24 -45.35
N ALA A 298 1.02 -25.45 -45.41
CA ALA A 298 0.34 -25.94 -46.60
C ALA A 298 -0.85 -25.06 -46.96
N ASN A 299 -1.69 -24.78 -45.96
CA ASN A 299 -2.86 -23.95 -46.17
C ASN A 299 -2.50 -22.55 -46.64
N LEU A 300 -1.43 -21.98 -46.08
CA LEU A 300 -1.00 -20.64 -46.49
C LEU A 300 -0.38 -20.66 -47.89
N ILE A 301 0.28 -21.76 -48.24
CA ILE A 301 0.89 -21.86 -49.56
C ILE A 301 -0.24 -21.95 -50.60
N VAL A 302 -1.30 -22.68 -50.27
CA VAL A 302 -2.43 -22.83 -51.17
C VAL A 302 -3.08 -21.47 -51.42
N MSE A 303 -3.24 -20.68 -50.37
CA MSE A 303 -3.85 -19.34 -50.50
C MSE A 303 -3.01 -18.45 -51.41
O MSE A 303 -3.55 -17.64 -52.17
CB MSE A 303 -3.99 -18.68 -49.13
CG MSE A 303 -5.03 -19.32 -48.23
SE MSE A 303 -5.10 -18.38 -46.52
CE MSE A 303 -6.48 -17.09 -46.91
N SER A 304 -1.69 -18.58 -51.33
CA SER A 304 -0.80 -17.78 -52.15
C SER A 304 -0.91 -18.17 -53.62
N MSE A 305 -1.07 -19.46 -53.89
CA MSE A 305 -1.21 -19.93 -55.25
C MSE A 305 -2.58 -19.60 -55.84
O MSE A 305 -2.69 -19.22 -57.01
CB MSE A 305 -0.97 -21.45 -55.32
CG MSE A 305 0.46 -21.85 -55.08
SE MSE A 305 0.65 -23.74 -55.32
CE MSE A 305 -0.16 -24.29 -53.66
N VAL A 306 -3.62 -19.73 -55.03
CA VAL A 306 -4.96 -19.42 -55.51
C VAL A 306 -5.03 -17.94 -55.90
N GLU A 307 -4.44 -17.07 -55.08
CA GLU A 307 -4.45 -15.64 -55.40
C GLU A 307 -3.49 -15.34 -56.55
N ASN A 308 -2.88 -16.39 -57.09
CA ASN A 308 -1.93 -16.24 -58.19
C ASN A 308 -2.36 -17.00 -59.44
N GLY A 309 -3.64 -17.38 -59.51
CA GLY A 309 -4.13 -18.11 -60.67
C GLY A 309 -4.74 -19.47 -60.40
N LEU A 310 -3.92 -20.42 -59.94
CA LEU A 310 -4.38 -21.77 -59.65
C LEU A 310 -5.64 -21.80 -58.78
N SER A 311 -6.39 -22.89 -58.87
CA SER A 311 -7.59 -23.07 -58.08
C SER A 311 -7.17 -23.82 -56.83
N GLU A 312 -7.98 -23.75 -55.78
CA GLU A 312 -7.67 -24.42 -54.52
C GLU A 312 -7.39 -25.91 -54.75
N GLN A 313 -8.19 -26.54 -55.59
CA GLN A 313 -8.04 -27.96 -55.89
C GLN A 313 -6.71 -28.30 -56.58
N GLU A 314 -6.30 -27.49 -57.55
CA GLU A 314 -5.05 -27.77 -58.25
C GLU A 314 -3.80 -27.36 -57.49
N ALA A 315 -3.94 -26.45 -56.53
CA ALA A 315 -2.79 -26.02 -55.73
C ALA A 315 -2.50 -27.08 -54.66
N GLN A 316 -3.56 -27.68 -54.11
CA GLN A 316 -3.42 -28.70 -53.09
C GLN A 316 -2.80 -29.98 -53.61
N LYS A 317 -2.95 -30.22 -54.91
CA LYS A 317 -2.42 -31.42 -55.53
C LYS A 317 -0.90 -31.33 -55.75
N LYS A 318 -0.34 -30.13 -55.61
CA LYS A 318 1.10 -29.93 -55.77
C LYS A 318 1.83 -30.10 -54.43
N ILE A 319 1.06 -30.39 -53.38
CA ILE A 319 1.59 -30.54 -52.03
C ILE A 319 1.48 -31.96 -51.48
N TRP A 320 2.61 -32.57 -51.11
CA TRP A 320 2.62 -33.92 -50.53
C TRP A 320 3.17 -33.89 -49.10
N MSE A 321 2.76 -34.86 -48.28
CA MSE A 321 3.22 -34.92 -46.91
C MSE A 321 3.67 -36.34 -46.54
O MSE A 321 3.09 -37.32 -47.01
CB MSE A 321 2.13 -34.44 -45.96
CG MSE A 321 1.59 -33.05 -46.33
SE MSE A 321 0.44 -32.36 -44.93
CE MSE A 321 -0.88 -33.74 -44.90
N PHE A 322 4.68 -36.43 -45.69
CA PHE A 322 5.26 -37.69 -45.23
C PHE A 322 5.43 -37.62 -43.71
N ASP A 323 4.59 -38.33 -42.97
CA ASP A 323 4.69 -38.30 -41.52
C ASP A 323 5.40 -39.51 -40.94
N LYS A 324 5.28 -39.74 -39.63
CA LYS A 324 5.99 -40.85 -39.01
C LYS A 324 5.53 -42.24 -39.45
N TYR A 325 4.41 -42.30 -40.17
CA TYR A 325 3.92 -43.58 -40.65
C TYR A 325 4.20 -43.70 -42.14
N GLY A 326 4.70 -42.62 -42.74
CA GLY A 326 4.98 -42.65 -44.16
C GLY A 326 4.17 -41.64 -44.98
N LEU A 327 4.24 -41.77 -46.30
CA LEU A 327 3.54 -40.87 -47.20
C LEU A 327 2.02 -40.88 -46.98
N LEU A 328 1.41 -39.70 -46.91
CA LEU A 328 -0.03 -39.63 -46.73
C LEU A 328 -0.72 -39.92 -48.08
N VAL A 329 -1.15 -41.17 -48.26
CA VAL A 329 -1.85 -41.57 -49.48
C VAL A 329 -3.23 -42.05 -49.08
N LYS A 330 -4.20 -41.88 -49.97
CA LYS A 330 -5.55 -42.30 -49.66
C LYS A 330 -5.61 -43.79 -49.37
N GLY A 331 -6.35 -44.15 -48.32
CA GLY A 331 -6.49 -45.54 -47.95
C GLY A 331 -5.33 -46.15 -47.19
N ARG A 332 -4.37 -45.33 -46.76
CA ARG A 332 -3.24 -45.85 -46.02
C ARG A 332 -3.78 -46.31 -44.68
N LYS A 333 -3.08 -47.22 -44.02
CA LYS A 333 -3.54 -47.74 -42.73
C LYS A 333 -3.52 -46.70 -41.62
N ALA A 334 -2.52 -45.84 -41.63
CA ALA A 334 -2.40 -44.80 -40.60
C ALA A 334 -3.47 -43.72 -40.79
N LYS A 335 -4.03 -43.25 -39.68
CA LYS A 335 -5.07 -42.24 -39.68
C LYS A 335 -4.81 -41.06 -40.63
N ILE A 336 -5.90 -40.40 -41.02
CA ILE A 336 -5.86 -39.23 -41.89
C ILE A 336 -7.02 -38.35 -41.45
N ASP A 337 -6.72 -37.27 -40.74
CA ASP A 337 -7.78 -36.39 -40.27
C ASP A 337 -8.26 -35.43 -41.35
N SER A 338 -9.31 -34.68 -41.03
CA SER A 338 -9.91 -33.72 -41.97
C SER A 338 -8.94 -32.68 -42.52
N TYR A 339 -8.03 -32.20 -41.69
CA TYR A 339 -7.06 -31.20 -42.13
C TYR A 339 -6.06 -31.73 -43.14
N GLN A 340 -5.75 -33.02 -43.04
CA GLN A 340 -4.79 -33.64 -43.94
C GLN A 340 -5.41 -34.13 -45.26
N GLU A 341 -6.69 -34.44 -45.23
CA GLU A 341 -7.40 -34.93 -46.41
C GLU A 341 -7.08 -34.20 -47.72
N PRO A 342 -7.14 -32.85 -47.72
CA PRO A 342 -6.85 -32.08 -48.94
C PRO A 342 -5.45 -32.31 -49.51
N PHE A 343 -4.54 -32.82 -48.69
CA PHE A 343 -3.17 -33.06 -49.12
C PHE A 343 -2.83 -34.54 -49.20
N THR A 344 -3.85 -35.38 -49.07
CA THR A 344 -3.69 -36.84 -49.12
C THR A 344 -4.03 -37.26 -50.56
N HIS A 345 -3.02 -37.60 -51.34
CA HIS A 345 -3.21 -38.01 -52.74
C HIS A 345 -3.39 -39.51 -52.91
N SER A 346 -3.67 -39.91 -54.15
CA SER A 346 -3.82 -41.32 -54.46
C SER A 346 -2.42 -41.88 -54.55
N ALA A 347 -2.20 -43.01 -53.89
CA ALA A 347 -0.90 -43.67 -53.86
C ALA A 347 -0.20 -43.69 -55.23
N PRO A 348 1.06 -43.24 -55.28
CA PRO A 348 1.81 -43.22 -56.54
C PRO A 348 2.10 -44.63 -57.03
N GLU A 349 2.85 -44.71 -58.14
CA GLU A 349 3.22 -45.99 -58.75
C GLU A 349 3.74 -46.93 -57.66
N SER A 350 4.78 -46.49 -56.94
CA SER A 350 5.37 -47.28 -55.87
C SER A 350 5.36 -46.44 -54.60
N ILE A 351 4.87 -47.02 -53.51
CA ILE A 351 4.81 -46.31 -52.24
C ILE A 351 6.17 -46.26 -51.56
N PRO A 352 6.70 -45.04 -51.36
CA PRO A 352 8.00 -44.83 -50.71
C PRO A 352 8.04 -45.32 -49.28
N ASP A 353 9.15 -45.95 -48.90
CA ASP A 353 9.30 -46.47 -47.55
C ASP A 353 9.94 -45.43 -46.63
N THR A 354 10.94 -44.73 -47.15
CA THR A 354 11.65 -43.71 -46.39
C THR A 354 11.41 -42.35 -47.04
N PHE A 355 11.91 -41.29 -46.41
CA PHE A 355 11.72 -39.98 -46.99
C PHE A 355 12.57 -39.84 -48.26
N GLU A 356 13.72 -40.51 -48.28
CA GLU A 356 14.61 -40.49 -49.44
C GLU A 356 13.87 -41.10 -50.65
N ASP A 357 13.09 -42.15 -50.43
CA ASP A 357 12.34 -42.77 -51.53
C ASP A 357 11.29 -41.79 -52.03
N ALA A 358 10.66 -41.09 -51.09
CA ALA A 358 9.63 -40.11 -51.43
C ALA A 358 10.20 -39.03 -52.31
N VAL A 359 11.42 -38.62 -52.03
CA VAL A 359 12.10 -37.57 -52.79
C VAL A 359 12.43 -38.02 -54.22
N ASN A 360 12.86 -39.27 -54.37
CA ASN A 360 13.23 -39.80 -55.68
C ASN A 360 12.00 -40.18 -56.52
N ILE A 361 10.91 -40.54 -55.85
CA ILE A 361 9.68 -40.92 -56.55
C ILE A 361 8.80 -39.71 -56.92
N LEU A 362 8.67 -38.76 -56.01
CA LEU A 362 7.85 -37.58 -56.26
C LEU A 362 8.66 -36.48 -56.94
N LYS A 363 9.97 -36.48 -56.70
CA LYS A 363 10.86 -35.48 -57.28
C LYS A 363 10.42 -34.05 -56.95
N PRO A 364 10.25 -33.75 -55.65
CA PRO A 364 9.83 -32.40 -55.24
C PRO A 364 10.92 -31.36 -55.53
N SER A 365 10.49 -30.12 -55.71
CA SER A 365 11.42 -29.01 -55.98
C SER A 365 11.71 -28.35 -54.64
N THR A 366 10.83 -28.60 -53.67
CA THR A 366 10.97 -28.03 -52.33
C THR A 366 10.75 -29.09 -51.27
N ILE A 367 11.60 -29.05 -50.25
CA ILE A 367 11.53 -29.99 -49.14
C ILE A 367 11.45 -29.14 -47.86
N ILE A 368 10.44 -29.42 -47.03
CA ILE A 368 10.24 -28.66 -45.79
C ILE A 368 10.19 -29.57 -44.57
N GLY A 369 11.18 -29.41 -43.69
CA GLY A 369 11.26 -30.22 -42.50
C GLY A 369 10.57 -29.64 -41.29
N VAL A 370 9.51 -30.30 -40.84
CA VAL A 370 8.77 -29.87 -39.66
C VAL A 370 8.27 -31.09 -38.90
N ALA A 371 9.17 -32.01 -38.60
CA ALA A 371 8.83 -33.22 -37.87
C ALA A 371 9.29 -33.13 -36.41
N GLY A 372 10.19 -32.19 -36.15
CA GLY A 372 10.72 -32.02 -34.80
C GLY A 372 11.29 -33.31 -34.22
N ALA A 373 11.89 -34.13 -35.08
CA ALA A 373 12.44 -35.41 -34.64
C ALA A 373 13.90 -35.66 -34.97
N GLY A 374 14.65 -34.60 -35.29
CA GLY A 374 16.06 -34.79 -35.59
C GLY A 374 16.42 -34.82 -37.07
N ARG A 375 17.66 -35.24 -37.32
CA ARG A 375 18.26 -35.30 -38.66
C ARG A 375 17.62 -36.22 -39.71
N LEU A 376 16.35 -36.00 -40.03
CA LEU A 376 15.69 -36.82 -41.03
C LEU A 376 16.17 -36.47 -42.45
N PHE A 377 16.65 -35.25 -42.65
CA PHE A 377 17.18 -34.86 -43.95
C PHE A 377 18.63 -35.32 -43.99
N THR A 378 18.79 -36.62 -44.24
CA THR A 378 20.09 -37.26 -44.30
C THR A 378 20.90 -36.82 -45.53
N PRO A 379 22.22 -37.08 -45.53
CA PRO A 379 23.08 -36.71 -46.65
C PRO A 379 22.53 -37.22 -47.97
N ASP A 380 21.93 -38.40 -47.94
CA ASP A 380 21.34 -38.98 -49.15
C ASP A 380 20.11 -38.22 -49.61
N VAL A 381 19.29 -37.78 -48.67
CA VAL A 381 18.09 -37.02 -48.98
C VAL A 381 18.50 -35.71 -49.68
N ILE A 382 19.50 -35.04 -49.11
CA ILE A 382 19.98 -33.76 -49.64
C ILE A 382 20.67 -33.94 -50.99
N ARG A 383 21.44 -35.01 -51.14
CA ARG A 383 22.13 -35.29 -52.39
C ARG A 383 21.09 -35.56 -53.48
N ALA A 384 19.99 -36.21 -53.11
CA ALA A 384 18.94 -36.51 -54.08
C ALA A 384 18.28 -35.22 -54.59
N MSE A 385 18.05 -34.28 -53.69
CA MSE A 385 17.45 -33.01 -54.05
C MSE A 385 18.32 -32.17 -54.98
O MSE A 385 17.81 -31.43 -55.81
CB MSE A 385 17.13 -32.21 -52.79
CG MSE A 385 15.94 -32.74 -52.02
SE MSE A 385 14.30 -32.25 -52.90
CE MSE A 385 14.27 -33.51 -54.33
N ALA A 386 19.64 -32.30 -54.83
CA ALA A 386 20.56 -31.54 -55.66
C ALA A 386 20.69 -32.16 -57.05
N SER A 387 20.45 -33.47 -57.15
CA SER A 387 20.53 -34.15 -58.43
C SER A 387 19.22 -33.99 -59.20
N ILE A 388 18.13 -33.81 -58.48
CA ILE A 388 16.82 -33.64 -59.09
C ILE A 388 16.53 -32.18 -59.45
N ASN A 389 16.99 -31.26 -58.59
CA ASN A 389 16.76 -29.83 -58.80
C ASN A 389 18.06 -29.07 -59.00
N GLU A 390 18.02 -28.04 -59.85
CA GLU A 390 19.21 -27.23 -60.08
C GLU A 390 19.43 -26.36 -58.84
N ARG A 391 18.34 -25.79 -58.33
CA ARG A 391 18.36 -24.95 -57.13
C ARG A 391 17.29 -25.50 -56.18
N PRO A 392 17.62 -26.58 -55.44
CA PRO A 392 16.65 -27.17 -54.52
C PRO A 392 16.40 -26.31 -53.29
N VAL A 393 15.14 -26.22 -52.89
CA VAL A 393 14.76 -25.45 -51.71
C VAL A 393 14.66 -26.44 -50.55
N ILE A 394 15.46 -26.20 -49.51
CA ILE A 394 15.49 -27.08 -48.35
C ILE A 394 15.31 -26.27 -47.07
N PHE A 395 14.20 -26.52 -46.38
CA PHE A 395 13.85 -25.85 -45.14
C PHE A 395 13.83 -26.85 -43.97
N ALA A 396 14.70 -26.65 -42.97
CA ALA A 396 14.74 -27.53 -41.80
C ALA A 396 14.34 -26.62 -40.62
N LEU A 397 13.03 -26.51 -40.40
CA LEU A 397 12.48 -25.62 -39.38
C LEU A 397 12.31 -26.10 -37.94
N SER A 398 12.54 -27.37 -37.66
CA SER A 398 12.36 -27.88 -36.30
C SER A 398 13.36 -27.29 -35.29
N ASN A 399 12.89 -27.02 -34.08
CA ASN A 399 13.71 -26.47 -33.01
C ASN A 399 13.66 -27.39 -31.79
N PRO A 400 14.71 -27.38 -30.95
CA PRO A 400 15.94 -26.59 -31.06
C PRO A 400 16.91 -27.23 -32.05
N THR A 401 18.13 -26.69 -32.13
CA THR A 401 19.14 -27.19 -33.05
C THR A 401 19.29 -28.72 -33.15
N ALA A 402 19.22 -29.42 -32.03
CA ALA A 402 19.36 -30.88 -32.06
C ALA A 402 18.20 -31.60 -32.78
N GLN A 403 17.05 -30.94 -32.85
CA GLN A 403 15.89 -31.54 -33.51
C GLN A 403 15.79 -31.14 -34.99
N ALA A 404 16.68 -30.26 -35.42
CA ALA A 404 16.69 -29.80 -36.81
C ALA A 404 16.90 -30.95 -37.78
N GLU A 405 16.21 -30.90 -38.92
CA GLU A 405 16.30 -31.93 -39.95
C GLU A 405 17.74 -32.07 -40.51
N CYS A 406 18.45 -30.95 -40.61
CA CYS A 406 19.83 -30.96 -41.10
C CYS A 406 20.45 -29.61 -40.76
N THR A 407 21.77 -29.50 -40.86
CA THR A 407 22.43 -28.24 -40.54
C THR A 407 22.67 -27.45 -41.82
N ALA A 408 23.11 -26.20 -41.68
CA ALA A 408 23.37 -25.36 -42.84
C ALA A 408 24.61 -25.88 -43.58
N GLU A 409 25.61 -26.29 -42.81
CA GLU A 409 26.84 -26.83 -43.39
C GLU A 409 26.51 -28.00 -44.31
N GLU A 410 25.71 -28.94 -43.82
CA GLU A 410 25.31 -30.12 -44.59
C GLU A 410 24.58 -29.73 -45.87
N ALA A 411 23.59 -28.85 -45.75
CA ALA A 411 22.80 -28.41 -46.90
C ALA A 411 23.63 -27.73 -47.98
N TYR A 412 24.43 -26.74 -47.61
CA TYR A 412 25.26 -26.02 -48.58
C TYR A 412 26.37 -26.88 -49.19
N THR A 413 27.06 -27.64 -48.36
CA THR A 413 28.14 -28.48 -48.83
C THR A 413 27.68 -29.60 -49.77
N LEU A 414 26.68 -30.37 -49.33
CA LEU A 414 26.14 -31.48 -50.11
C LEU A 414 25.38 -31.12 -51.39
N THR A 415 25.12 -29.83 -51.61
CA THR A 415 24.42 -29.39 -52.82
C THR A 415 25.33 -28.48 -53.62
N GLU A 416 26.57 -28.34 -53.15
CA GLU A 416 27.56 -27.50 -53.78
C GLU A 416 27.11 -26.05 -53.91
N GLY A 417 26.45 -25.57 -52.85
CA GLY A 417 25.99 -24.19 -52.83
C GLY A 417 24.81 -23.86 -53.70
N ARG A 418 24.13 -24.87 -54.23
CA ARG A 418 22.99 -24.62 -55.11
C ARG A 418 21.64 -24.55 -54.42
N CYS A 419 21.58 -24.92 -53.14
CA CYS A 419 20.31 -24.90 -52.43
C CYS A 419 19.97 -23.55 -51.84
N LEU A 420 18.70 -23.36 -51.56
CA LEU A 420 18.20 -22.15 -50.91
C LEU A 420 17.77 -22.76 -49.58
N PHE A 421 18.56 -22.50 -48.54
CA PHE A 421 18.33 -23.07 -47.21
C PHE A 421 17.82 -22.09 -46.17
N ALA A 422 17.01 -22.62 -45.25
CA ALA A 422 16.46 -21.86 -44.13
C ALA A 422 16.24 -22.83 -42.97
N SER A 423 16.45 -22.35 -41.74
CA SER A 423 16.26 -23.20 -40.57
C SER A 423 15.55 -22.46 -39.44
N GLY A 424 14.93 -23.21 -38.53
CA GLY A 424 14.25 -22.59 -37.41
C GLY A 424 15.23 -22.07 -36.38
N SER A 425 16.33 -22.79 -36.19
CA SER A 425 17.37 -22.42 -35.24
C SER A 425 18.54 -21.76 -35.95
N PRO A 426 19.32 -20.93 -35.24
CA PRO A 426 20.47 -20.23 -35.83
C PRO A 426 21.68 -21.09 -36.17
N PHE A 427 22.32 -20.75 -37.28
CA PHE A 427 23.52 -21.42 -37.79
C PHE A 427 24.38 -20.32 -38.38
N GLY A 428 25.67 -20.33 -38.09
CA GLY A 428 26.55 -19.31 -38.63
C GLY A 428 26.75 -19.44 -40.13
N PRO A 429 27.52 -18.53 -40.74
CA PRO A 429 27.75 -18.59 -42.19
C PRO A 429 28.53 -19.86 -42.56
N VAL A 430 28.35 -20.30 -43.80
CA VAL A 430 29.03 -21.50 -44.29
C VAL A 430 29.96 -21.14 -45.45
N LYS A 431 31.22 -21.53 -45.33
CA LYS A 431 32.22 -21.25 -46.37
C LYS A 431 32.61 -22.58 -47.02
N LEU A 432 32.36 -22.70 -48.32
CA LEU A 432 32.70 -23.93 -49.03
C LEU A 432 34.18 -23.98 -49.32
N THR A 433 34.69 -25.19 -49.60
CA THR A 433 36.11 -25.37 -49.89
C THR A 433 36.59 -24.49 -51.04
N ASP A 434 35.67 -24.08 -51.91
CA ASP A 434 36.04 -23.23 -53.05
C ASP A 434 36.09 -21.75 -52.66
N GLY A 435 35.73 -21.44 -51.42
CA GLY A 435 35.77 -20.06 -50.96
C GLY A 435 34.47 -19.31 -50.87
N ARG A 436 33.42 -19.82 -51.53
CA ARG A 436 32.11 -19.16 -51.50
C ARG A 436 31.51 -19.20 -50.09
N VAL A 437 30.95 -18.07 -49.67
CA VAL A 437 30.35 -17.96 -48.35
C VAL A 437 28.84 -17.81 -48.42
N PHE A 438 28.14 -18.65 -47.67
CA PHE A 438 26.68 -18.64 -47.62
C PHE A 438 26.19 -18.22 -46.23
N THR A 439 25.20 -17.33 -46.21
CA THR A 439 24.63 -16.83 -44.96
C THR A 439 23.16 -17.27 -44.89
N PRO A 440 22.90 -18.37 -44.18
CA PRO A 440 21.55 -18.91 -44.03
C PRO A 440 20.60 -18.06 -43.19
N GLY A 441 19.34 -17.99 -43.62
CA GLY A 441 18.34 -17.23 -42.90
C GLY A 441 17.60 -18.10 -41.90
N GLN A 442 16.97 -17.45 -40.93
CA GLN A 442 16.24 -18.18 -39.90
C GLN A 442 14.74 -18.07 -40.11
N GLY A 443 14.12 -19.17 -40.52
CA GLY A 443 12.69 -19.18 -40.73
C GLY A 443 11.99 -19.52 -39.43
N ASN A 444 11.95 -18.55 -38.52
CA ASN A 444 11.35 -18.74 -37.21
C ASN A 444 10.22 -17.72 -37.03
N ASN A 445 9.11 -18.14 -36.43
CA ASN A 445 7.98 -17.24 -36.24
C ASN A 445 8.24 -15.97 -35.46
N VAL A 446 9.46 -15.76 -34.98
CA VAL A 446 9.75 -14.52 -34.26
C VAL A 446 9.66 -13.35 -35.25
N TYR A 447 9.85 -13.63 -36.54
CA TYR A 447 9.75 -12.58 -37.56
C TYR A 447 8.29 -12.17 -37.82
N ILE A 448 7.34 -12.94 -37.27
CA ILE A 448 5.94 -12.65 -37.52
C ILE A 448 5.08 -12.25 -36.32
N PHE A 449 4.95 -13.11 -35.32
CA PHE A 449 4.05 -12.78 -34.22
C PHE A 449 4.21 -11.41 -33.56
N PRO A 450 5.45 -10.86 -33.48
CA PRO A 450 5.63 -9.55 -32.85
C PRO A 450 4.90 -8.45 -33.62
N GLY A 451 5.21 -8.32 -34.91
CA GLY A 451 4.57 -7.31 -35.74
C GLY A 451 3.06 -7.50 -35.86
N VAL A 452 2.61 -8.74 -36.04
CA VAL A 452 1.19 -9.01 -36.19
C VAL A 452 0.45 -8.70 -34.88
N ALA A 453 1.03 -9.10 -33.75
CA ALA A 453 0.38 -8.83 -32.46
C ALA A 453 0.20 -7.33 -32.23
N LEU A 454 1.21 -6.55 -32.60
CA LEU A 454 1.13 -5.10 -32.41
C LEU A 454 -0.03 -4.51 -33.24
N ALA A 455 -0.10 -4.88 -34.52
CA ALA A 455 -1.16 -4.37 -35.40
C ALA A 455 -2.54 -4.77 -34.88
N VAL A 456 -2.70 -6.02 -34.51
CA VAL A 456 -3.98 -6.49 -33.98
C VAL A 456 -4.37 -5.72 -32.72
N ILE A 457 -3.40 -5.49 -31.85
CA ILE A 457 -3.65 -4.76 -30.61
C ILE A 457 -4.02 -3.30 -30.90
N LEU A 458 -3.20 -2.62 -31.70
CA LEU A 458 -3.42 -1.22 -32.03
C LEU A 458 -4.76 -0.96 -32.77
N CYS A 459 -5.18 -1.91 -33.59
CA CYS A 459 -6.42 -1.75 -34.35
C CYS A 459 -7.68 -2.21 -33.61
N ASN A 460 -7.53 -2.70 -32.39
CA ASN A 460 -8.67 -3.20 -31.62
C ASN A 460 -9.42 -4.26 -32.43
N THR A 461 -8.65 -5.12 -33.09
CA THR A 461 -9.20 -6.20 -33.90
C THR A 461 -9.85 -7.25 -33.01
N ARG A 462 -11.01 -7.75 -33.44
CA ARG A 462 -11.77 -8.73 -32.69
C ARG A 462 -11.46 -10.20 -32.99
N HIS A 463 -11.16 -10.48 -34.25
CA HIS A 463 -10.82 -11.83 -34.65
C HIS A 463 -9.73 -11.76 -35.72
N ILE A 464 -8.90 -12.80 -35.78
CA ILE A 464 -7.79 -12.82 -36.74
C ILE A 464 -8.01 -13.88 -37.81
N SER A 465 -8.21 -13.42 -39.04
CA SER A 465 -8.43 -14.33 -40.15
C SER A 465 -7.07 -14.82 -40.63
N ASP A 466 -7.07 -15.89 -41.41
CA ASP A 466 -5.83 -16.44 -41.92
C ASP A 466 -5.20 -15.55 -43.00
N SER A 467 -6.00 -14.67 -43.58
CA SER A 467 -5.51 -13.76 -44.61
C SER A 467 -4.59 -12.70 -43.99
N VAL A 468 -4.65 -12.56 -42.66
CA VAL A 468 -3.79 -11.60 -41.97
C VAL A 468 -2.35 -12.11 -42.06
N PHE A 469 -2.17 -13.39 -41.76
CA PHE A 469 -0.85 -14.01 -41.82
C PHE A 469 -0.31 -14.04 -43.24
N LEU A 470 -1.19 -14.12 -44.23
CA LEU A 470 -0.77 -14.12 -45.63
C LEU A 470 -0.14 -12.75 -45.89
N GLU A 471 -0.81 -11.70 -45.42
CA GLU A 471 -0.33 -10.33 -45.59
C GLU A 471 0.99 -10.12 -44.84
N ALA A 472 1.07 -10.63 -43.61
CA ALA A 472 2.31 -10.48 -42.85
C ALA A 472 3.42 -11.17 -43.61
N ALA A 473 3.11 -12.33 -44.21
CA ALA A 473 4.10 -13.08 -44.97
C ALA A 473 4.66 -12.21 -46.07
N LYS A 474 3.76 -11.57 -46.81
CA LYS A 474 4.14 -10.69 -47.92
C LYS A 474 4.89 -9.46 -47.43
N ALA A 475 4.47 -8.91 -46.29
CA ALA A 475 5.13 -7.72 -45.74
C ALA A 475 6.56 -8.07 -45.32
N LEU A 476 6.76 -9.28 -44.78
CA LEU A 476 8.09 -9.70 -44.34
C LEU A 476 9.06 -9.85 -45.51
N THR A 477 8.61 -10.55 -46.55
CA THR A 477 9.45 -10.77 -47.72
C THR A 477 9.70 -9.50 -48.55
N SER A 478 8.75 -8.58 -48.53
CA SER A 478 8.87 -7.34 -49.30
C SER A 478 9.99 -6.46 -48.77
N GLN A 479 10.51 -6.82 -47.60
CA GLN A 479 11.59 -6.04 -46.99
C GLN A 479 12.97 -6.59 -47.32
N LEU A 480 13.02 -7.76 -47.94
CA LEU A 480 14.29 -8.36 -48.30
C LEU A 480 14.92 -7.60 -49.45
N THR A 481 16.18 -7.17 -49.26
CA THR A 481 16.90 -6.43 -50.29
C THR A 481 17.62 -7.43 -51.20
N ASP A 482 17.76 -7.11 -52.48
CA ASP A 482 18.42 -8.00 -53.42
C ASP A 482 19.85 -8.37 -53.00
N GLU A 483 20.50 -7.48 -52.25
CA GLU A 483 21.86 -7.74 -51.77
C GLU A 483 21.87 -8.89 -50.78
N GLU A 484 20.86 -8.91 -49.90
CA GLU A 484 20.75 -9.96 -48.89
C GLU A 484 20.39 -11.30 -49.53
N LEU A 485 19.58 -11.24 -50.57
CA LEU A 485 19.16 -12.43 -51.29
C LEU A 485 20.43 -13.07 -51.89
N ALA A 486 21.32 -12.22 -52.39
CA ALA A 486 22.57 -12.67 -53.00
C ALA A 486 23.42 -13.47 -52.02
N GLN A 487 23.42 -13.05 -50.75
CA GLN A 487 24.19 -13.72 -49.70
C GLN A 487 23.64 -15.11 -49.39
N GLY A 488 22.39 -15.34 -49.77
CA GLY A 488 21.75 -16.61 -49.51
C GLY A 488 20.66 -16.46 -48.46
N ARG A 489 20.42 -15.22 -48.04
CA ARG A 489 19.40 -14.91 -47.04
C ARG A 489 18.00 -14.88 -47.64
N LEU A 490 17.09 -15.64 -47.05
CA LEU A 490 15.71 -15.68 -47.52
C LEU A 490 14.85 -14.79 -46.60
N TYR A 491 15.49 -14.19 -45.61
CA TYR A 491 14.80 -13.32 -44.68
C TYR A 491 15.66 -12.12 -44.31
N PRO A 492 15.03 -11.00 -43.92
CA PRO A 492 15.77 -9.79 -43.54
C PRO A 492 16.70 -10.13 -42.37
N PRO A 493 17.87 -9.47 -42.30
CA PRO A 493 18.82 -9.72 -41.22
C PRO A 493 18.16 -9.66 -39.84
N LEU A 494 18.51 -10.61 -38.98
CA LEU A 494 17.96 -10.67 -37.64
C LEU A 494 18.29 -9.40 -36.86
N ALA A 495 19.39 -8.76 -37.22
CA ALA A 495 19.83 -7.53 -36.57
C ALA A 495 18.78 -6.43 -36.71
N ASN A 496 18.00 -6.47 -37.78
CA ASN A 496 16.99 -5.44 -38.00
C ASN A 496 15.58 -5.88 -37.64
N ILE A 497 15.47 -6.89 -36.77
CA ILE A 497 14.16 -7.40 -36.37
C ILE A 497 13.22 -6.30 -35.85
N GLN A 498 13.76 -5.30 -35.15
CA GLN A 498 12.94 -4.22 -34.61
C GLN A 498 12.21 -3.48 -35.74
N GLU A 499 12.98 -2.96 -36.68
CA GLU A 499 12.44 -2.24 -37.81
C GLU A 499 11.54 -3.12 -38.66
N VAL A 500 11.96 -4.35 -38.92
CA VAL A 500 11.16 -5.27 -39.72
C VAL A 500 9.81 -5.53 -39.08
N SER A 501 9.78 -5.71 -37.77
CA SER A 501 8.53 -5.96 -37.07
C SER A 501 7.57 -4.77 -37.16
N ILE A 502 8.12 -3.56 -37.05
CA ILE A 502 7.30 -2.35 -37.13
C ILE A 502 6.71 -2.22 -38.53
N ASN A 503 7.51 -2.48 -39.56
CA ASN A 503 7.03 -2.39 -40.93
C ASN A 503 5.94 -3.43 -41.19
N ILE A 504 6.09 -4.61 -40.61
CA ILE A 504 5.07 -5.63 -40.80
C ILE A 504 3.79 -5.15 -40.12
N ALA A 505 3.95 -4.57 -38.93
CA ALA A 505 2.81 -4.07 -38.17
C ALA A 505 2.09 -2.96 -38.95
N ILE A 506 2.85 -2.06 -39.56
CA ILE A 506 2.27 -0.99 -40.34
C ILE A 506 1.44 -1.58 -41.49
N LYS A 507 2.02 -2.52 -42.23
CA LYS A 507 1.32 -3.16 -43.35
C LYS A 507 0.06 -3.88 -42.90
N VAL A 508 0.13 -4.60 -41.80
CA VAL A 508 -1.01 -5.33 -41.30
C VAL A 508 -2.11 -4.40 -40.80
N THR A 509 -1.72 -3.26 -40.21
CA THR A 509 -2.70 -2.30 -39.72
C THR A 509 -3.45 -1.75 -40.95
N GLU A 510 -2.70 -1.45 -42.01
CA GLU A 510 -3.31 -0.93 -43.23
C GLU A 510 -4.30 -1.97 -43.77
N TYR A 511 -3.90 -3.23 -43.75
CA TYR A 511 -4.75 -4.31 -44.22
C TYR A 511 -6.01 -4.42 -43.35
N LEU A 512 -5.84 -4.42 -42.03
CA LEU A 512 -6.98 -4.53 -41.13
C LEU A 512 -8.05 -3.44 -41.36
N TYR A 513 -7.64 -2.20 -41.56
CA TYR A 513 -8.59 -1.11 -41.81
C TYR A 513 -9.25 -1.21 -43.17
N ALA A 514 -8.46 -1.50 -44.20
CA ALA A 514 -8.98 -1.60 -45.56
C ALA A 514 -10.01 -2.71 -45.71
N ASN A 515 -9.92 -3.72 -44.86
CA ASN A 515 -10.85 -4.84 -44.91
C ASN A 515 -11.88 -4.81 -43.81
N LYS A 516 -12.03 -3.64 -43.18
CA LYS A 516 -13.00 -3.45 -42.12
C LYS A 516 -12.88 -4.44 -40.96
N MSE A 517 -11.65 -4.69 -40.52
CA MSE A 517 -11.40 -5.61 -39.43
C MSE A 517 -10.81 -4.88 -38.23
O MSE A 517 -10.49 -5.50 -37.22
CB MSE A 517 -10.44 -6.72 -39.87
CG MSE A 517 -11.05 -7.69 -40.86
SE MSE A 517 -9.66 -8.82 -41.59
CE MSE A 517 -9.55 -10.11 -40.17
N ALA A 518 -10.66 -3.57 -38.37
CA ALA A 518 -10.11 -2.73 -37.31
C ALA A 518 -11.22 -1.87 -36.72
N PHE A 519 -11.32 -1.85 -35.39
CA PHE A 519 -12.36 -1.06 -34.75
C PHE A 519 -11.86 0.07 -33.87
N ARG A 520 -10.57 0.39 -34.00
CA ARG A 520 -10.00 1.50 -33.24
C ARG A 520 -10.44 2.75 -34.01
N TYR A 521 -11.02 3.72 -33.31
CA TYR A 521 -11.47 4.95 -33.94
C TYR A 521 -10.94 6.19 -33.24
N PRO A 522 -10.72 7.28 -34.00
CA PRO A 522 -10.96 7.33 -35.44
C PRO A 522 -9.84 6.62 -36.19
N GLU A 523 -10.06 6.32 -37.47
CA GLU A 523 -9.04 5.66 -38.26
C GLU A 523 -7.92 6.68 -38.50
N PRO A 524 -6.69 6.31 -38.19
CA PRO A 524 -5.57 7.24 -38.40
C PRO A 524 -5.35 7.46 -39.90
N GLU A 525 -4.91 8.65 -40.27
CA GLU A 525 -4.67 8.95 -41.67
C GLU A 525 -3.34 8.32 -42.12
N ASP A 526 -2.30 8.54 -41.32
CA ASP A 526 -0.96 8.01 -41.60
C ASP A 526 -0.74 6.80 -40.68
N LYS A 527 -0.93 5.59 -41.19
CA LYS A 527 -0.77 4.38 -40.38
C LYS A 527 0.65 4.21 -39.85
N ALA A 528 1.64 4.62 -40.63
CA ALA A 528 3.03 4.50 -40.25
C ALA A 528 3.31 5.32 -39.00
N LYS A 529 2.85 6.57 -39.00
CA LYS A 529 3.08 7.46 -37.87
C LYS A 529 2.28 6.95 -36.68
N TYR A 530 1.09 6.44 -36.96
CA TYR A 530 0.21 5.92 -35.92
C TYR A 530 0.90 4.81 -35.10
N VAL A 531 1.53 3.87 -35.80
CA VAL A 531 2.24 2.76 -35.17
C VAL A 531 3.52 3.21 -34.45
N LYS A 532 4.36 3.95 -35.15
CA LYS A 532 5.62 4.42 -34.59
C LYS A 532 5.47 5.29 -33.34
N GLU A 533 4.35 5.99 -33.22
CA GLU A 533 4.10 6.87 -32.08
C GLU A 533 3.73 6.07 -30.84
N ARG A 534 3.26 4.84 -31.04
CA ARG A 534 2.82 4.04 -29.91
C ARG A 534 3.75 2.92 -29.44
N THR A 535 4.96 2.86 -29.98
CA THR A 535 5.89 1.81 -29.56
C THR A 535 6.53 2.14 -28.22
N TRP A 536 6.60 1.14 -27.33
CA TRP A 536 7.20 1.31 -26.02
C TRP A 536 8.70 1.46 -26.22
N ARG A 537 9.31 2.33 -25.44
CA ARG A 537 10.75 2.60 -25.51
C ARG A 537 11.44 2.15 -24.22
N SER A 538 12.71 1.74 -24.34
CA SER A 538 13.47 1.29 -23.19
C SER A 538 14.20 2.42 -22.46
N GLU A 539 14.03 3.65 -22.95
CA GLU A 539 14.66 4.79 -22.30
C GLU A 539 13.89 5.05 -21.00
N TYR A 540 14.61 5.45 -19.97
CA TYR A 540 13.96 5.72 -18.69
C TYR A 540 13.02 6.92 -18.81
N ASP A 541 11.91 6.87 -18.06
CA ASP A 541 10.95 7.96 -18.01
C ASP A 541 11.22 8.70 -16.71
N SER A 542 10.81 9.96 -16.65
CA SER A 542 10.99 10.73 -15.43
C SER A 542 9.87 10.32 -14.48
N LEU A 543 10.20 10.11 -13.21
CA LEU A 543 9.19 9.72 -12.24
C LEU A 543 8.89 10.90 -11.31
N LEU A 544 9.36 12.08 -11.69
CA LEU A 544 9.15 13.28 -10.89
C LEU A 544 7.70 13.74 -10.92
N PRO A 545 7.18 14.20 -9.77
CA PRO A 545 5.80 14.67 -9.71
C PRO A 545 5.77 16.02 -10.44
N ASP A 546 4.62 16.38 -10.97
CA ASP A 546 4.48 17.63 -11.71
C ASP A 546 4.44 18.83 -10.76
N VAL A 547 5.57 19.51 -10.56
CA VAL A 547 5.59 20.68 -9.69
C VAL A 547 5.70 21.92 -10.55
N TYR A 548 4.88 22.92 -10.24
CA TYR A 548 4.84 24.19 -10.98
C TYR A 548 4.12 25.19 -10.09
N GLU A 549 4.30 26.47 -10.35
CA GLU A 549 3.65 27.46 -9.51
C GLU A 549 2.39 28.02 -10.15
N TRP A 550 1.50 28.50 -9.31
CA TRP A 550 0.25 29.11 -9.76
C TRP A 550 0.50 30.59 -10.03
N PRO A 551 0.03 31.10 -11.18
CA PRO A 551 0.19 32.50 -11.57
C PRO A 551 -0.74 33.44 -10.80
N GLU B 1 0.87 -6.02 3.99
CA GLU B 1 0.84 -6.27 2.55
C GLU B 1 0.23 -7.62 2.18
N LYS B 2 -0.29 -7.70 0.97
CA LYS B 2 -0.93 -8.89 0.43
C LYS B 2 -0.66 -8.86 -1.07
N GLY B 3 -0.70 -10.02 -1.73
CA GLY B 3 -0.45 -10.05 -3.15
C GLY B 3 1.03 -10.04 -3.54
N LYS B 4 1.28 -9.75 -4.80
CA LYS B 4 2.63 -9.70 -5.36
C LYS B 4 3.69 -9.05 -4.46
N PRO B 5 3.33 -7.97 -3.73
CA PRO B 5 4.31 -7.33 -2.85
C PRO B 5 4.95 -8.31 -1.85
N LEU B 6 4.22 -9.35 -1.44
CA LEU B 6 4.75 -10.34 -0.51
C LEU B 6 5.88 -11.13 -1.16
N MSE B 7 5.84 -11.25 -2.47
CA MSE B 7 6.86 -11.99 -3.21
C MSE B 7 8.02 -11.10 -3.68
O MSE B 7 9.09 -11.60 -3.98
CB MSE B 7 6.25 -12.66 -4.44
CG MSE B 7 5.28 -13.78 -4.10
SE MSE B 7 4.25 -14.24 -5.68
CE MSE B 7 2.74 -13.10 -5.38
N LEU B 8 7.78 -9.79 -3.73
CA LEU B 8 8.82 -8.87 -4.16
C LEU B 8 9.73 -8.51 -2.99
N ASN B 9 9.24 -8.71 -1.78
CA ASN B 9 10.01 -8.42 -0.58
C ASN B 9 10.69 -9.70 -0.08
N PRO B 10 12.03 -9.73 -0.13
CA PRO B 10 12.82 -10.90 0.33
C PRO B 10 12.55 -11.29 1.77
N ARG B 11 12.10 -10.34 2.58
CA ARG B 11 11.81 -10.57 3.99
C ARG B 11 10.62 -11.53 4.16
N THR B 12 9.63 -11.42 3.27
CA THR B 12 8.43 -12.27 3.35
C THR B 12 8.37 -13.39 2.31
N ASN B 13 9.01 -13.20 1.16
CA ASN B 13 8.97 -14.19 0.09
C ASN B 13 9.44 -15.58 0.48
N LYS B 14 8.60 -16.58 0.23
CA LYS B 14 8.91 -17.97 0.51
C LYS B 14 9.05 -18.75 -0.79
N GLY B 15 8.82 -18.09 -1.93
CA GLY B 15 8.89 -18.81 -3.20
C GLY B 15 7.81 -19.88 -3.23
N MSE B 16 8.11 -21.07 -3.71
CA MSE B 16 7.10 -22.14 -3.76
C MSE B 16 6.77 -22.77 -2.41
O MSE B 16 5.96 -23.69 -2.34
CB MSE B 16 7.53 -23.22 -4.74
CG MSE B 16 7.63 -22.74 -6.16
SE MSE B 16 7.99 -24.23 -7.31
CE MSE B 16 9.84 -23.89 -7.69
N ALA B 17 7.38 -22.29 -1.34
CA ALA B 17 7.10 -22.82 0.00
C ALA B 17 5.83 -22.20 0.59
N PHE B 18 5.26 -21.20 -0.09
CA PHE B 18 4.01 -20.63 0.40
C PHE B 18 3.01 -21.78 0.30
N THR B 19 2.28 -22.06 1.38
CA THR B 19 1.31 -23.16 1.36
C THR B 19 0.07 -22.78 0.54
N LEU B 20 -0.69 -23.80 0.12
CA LEU B 20 -1.89 -23.60 -0.68
C LEU B 20 -2.82 -22.60 -0.02
N GLN B 21 -3.09 -22.82 1.26
CA GLN B 21 -3.96 -21.94 2.03
C GLN B 21 -3.41 -20.51 2.11
N GLU B 22 -2.09 -20.37 2.22
CA GLU B 22 -1.48 -19.04 2.28
C GLU B 22 -1.64 -18.31 0.95
N ARG B 23 -1.46 -19.02 -0.15
CA ARG B 23 -1.60 -18.42 -1.48
C ARG B 23 -3.02 -17.93 -1.70
N GLN B 24 -3.98 -18.78 -1.38
CA GLN B 24 -5.38 -18.44 -1.57
C GLN B 24 -5.80 -17.26 -0.70
N MSE B 25 -5.39 -17.28 0.56
CA MSE B 25 -5.76 -16.20 1.46
C MSE B 25 -4.98 -14.90 1.29
O MSE B 25 -5.48 -13.83 1.65
CB MSE B 25 -5.67 -16.67 2.90
CG MSE B 25 -6.86 -17.54 3.34
SE MSE B 25 -6.81 -17.83 5.28
CE MSE B 25 -6.91 -19.75 5.29
N LEU B 26 -3.78 -14.98 0.72
CA LEU B 26 -2.96 -13.77 0.54
C LEU B 26 -2.92 -13.26 -0.89
N GLY B 27 -3.72 -13.86 -1.76
CA GLY B 27 -3.79 -13.44 -3.15
C GLY B 27 -2.58 -13.79 -3.98
N LEU B 28 -2.01 -14.96 -3.75
CA LEU B 28 -0.84 -15.41 -4.50
C LEU B 28 -1.18 -16.56 -5.46
N GLN B 29 -2.36 -17.14 -5.29
CA GLN B 29 -2.77 -18.24 -6.17
C GLN B 29 -2.62 -17.87 -7.64
N GLY B 30 -1.84 -18.66 -8.36
CA GLY B 30 -1.62 -18.40 -9.77
C GLY B 30 -0.33 -17.64 -10.06
N LEU B 31 0.21 -16.96 -9.05
CA LEU B 31 1.45 -16.18 -9.24
C LEU B 31 2.67 -17.05 -8.97
N LEU B 32 2.42 -18.26 -8.51
CA LEU B 32 3.47 -19.23 -8.21
C LEU B 32 3.13 -20.52 -8.93
N PRO B 33 4.15 -21.35 -9.24
CA PRO B 33 3.90 -22.62 -9.92
C PRO B 33 3.00 -23.46 -9.02
N PRO B 34 2.25 -24.42 -9.59
CA PRO B 34 1.33 -25.31 -8.84
C PRO B 34 1.97 -26.07 -7.66
N LYS B 35 3.22 -26.45 -7.84
CA LYS B 35 4.00 -27.18 -6.84
C LYS B 35 4.18 -26.47 -5.48
N ILE B 36 3.97 -27.20 -4.39
CA ILE B 36 4.19 -26.63 -3.06
C ILE B 36 5.50 -27.28 -2.62
N GLU B 37 6.52 -26.46 -2.35
CA GLU B 37 7.80 -27.02 -1.93
C GLU B 37 8.05 -26.81 -0.45
N THR B 38 9.12 -27.44 0.03
CA THR B 38 9.54 -27.28 1.41
C THR B 38 10.89 -26.57 1.35
N GLN B 39 11.32 -26.01 2.47
CA GLN B 39 12.60 -25.33 2.48
C GLN B 39 13.72 -26.32 2.15
N ASP B 40 13.52 -27.59 2.53
CA ASP B 40 14.49 -28.66 2.26
C ASP B 40 14.74 -28.81 0.77
N ILE B 41 13.68 -28.79 -0.03
CA ILE B 41 13.80 -28.92 -1.47
C ILE B 41 14.54 -27.71 -2.04
N GLN B 42 14.22 -26.53 -1.51
CA GLN B 42 14.86 -25.30 -1.96
C GLN B 42 16.35 -25.36 -1.64
N ALA B 43 16.68 -25.84 -0.45
CA ALA B 43 18.07 -25.96 -0.04
C ALA B 43 18.82 -26.91 -0.99
N LEU B 44 18.17 -27.99 -1.40
CA LEU B 44 18.78 -28.95 -2.31
C LEU B 44 19.07 -28.30 -3.67
N ARG B 45 18.14 -27.47 -4.14
CA ARG B 45 18.33 -26.81 -5.42
C ARG B 45 19.59 -25.95 -5.37
N PHE B 46 19.75 -25.23 -4.27
CA PHE B 46 20.91 -24.36 -4.11
C PHE B 46 22.23 -25.13 -4.11
N HIS B 47 22.32 -26.16 -3.28
CA HIS B 47 23.54 -26.95 -3.22
C HIS B 47 23.87 -27.58 -4.57
N ARG B 48 22.85 -27.97 -5.33
CA ARG B 48 23.09 -28.57 -6.66
C ARG B 48 23.76 -27.57 -7.58
N ASN B 49 23.23 -26.35 -7.62
CA ASN B 49 23.79 -25.30 -8.47
C ASN B 49 25.18 -24.89 -7.98
N LEU B 50 25.31 -24.68 -6.67
CA LEU B 50 26.58 -24.25 -6.10
C LEU B 50 27.74 -25.18 -6.48
N LYS B 51 27.49 -26.49 -6.47
CA LYS B 51 28.52 -27.46 -6.82
C LYS B 51 29.02 -27.35 -8.25
N LYS B 52 28.16 -26.89 -9.16
CA LYS B 52 28.54 -26.75 -10.57
C LYS B 52 29.33 -25.48 -10.84
N MSE B 53 29.39 -24.57 -9.87
CA MSE B 53 30.09 -23.32 -10.05
C MSE B 53 31.59 -23.40 -9.80
O MSE B 53 32.06 -24.21 -8.99
CB MSE B 53 29.47 -22.23 -9.17
CG MSE B 53 28.09 -21.85 -9.66
SE MSE B 53 27.30 -20.57 -8.46
CE MSE B 53 25.50 -20.68 -9.15
N THR B 54 32.34 -22.56 -10.49
CA THR B 54 33.79 -22.57 -10.41
C THR B 54 34.44 -21.59 -9.45
N SER B 55 34.39 -20.30 -9.79
CA SER B 55 35.03 -19.28 -8.98
C SER B 55 34.31 -18.85 -7.72
N PRO B 56 35.07 -18.42 -6.71
CA PRO B 56 34.49 -17.98 -5.44
C PRO B 56 33.67 -16.70 -5.61
N LEU B 57 34.06 -15.85 -6.56
CA LEU B 57 33.31 -14.61 -6.77
C LEU B 57 31.94 -14.93 -7.37
N GLU B 58 31.90 -15.90 -8.27
CA GLU B 58 30.63 -16.29 -8.89
C GLU B 58 29.72 -16.87 -7.81
N LYS B 59 30.29 -17.57 -6.85
CA LYS B 59 29.49 -18.16 -5.79
C LYS B 59 29.02 -17.08 -4.83
N TYR B 60 29.82 -16.02 -4.71
CA TYR B 60 29.48 -14.92 -3.83
C TYR B 60 28.27 -14.18 -4.40
N ILE B 61 28.33 -13.87 -5.69
CA ILE B 61 27.25 -13.19 -6.38
C ILE B 61 25.96 -14.01 -6.26
N TYR B 62 26.07 -15.32 -6.39
CA TYR B 62 24.90 -16.18 -6.32
C TYR B 62 24.27 -16.25 -4.94
N ILE B 63 25.05 -16.56 -3.92
CA ILE B 63 24.46 -16.64 -2.59
C ILE B 63 23.98 -15.30 -2.02
N MSE B 64 24.73 -14.22 -2.25
CA MSE B 64 24.32 -12.92 -1.73
C MSE B 64 23.06 -12.45 -2.46
O MSE B 64 22.23 -11.74 -1.89
CB MSE B 64 25.44 -11.88 -1.89
CG MSE B 64 26.73 -12.18 -1.11
SE MSE B 64 26.36 -12.49 0.79
CE MSE B 64 25.77 -10.72 1.25
N GLY B 65 22.91 -12.88 -3.71
CA GLY B 65 21.73 -12.53 -4.47
C GLY B 65 20.50 -13.18 -3.87
N ILE B 66 20.69 -14.32 -3.19
CA ILE B 66 19.58 -15.02 -2.57
C ILE B 66 19.02 -14.21 -1.41
N GLN B 67 19.89 -13.48 -0.73
CA GLN B 67 19.48 -12.65 0.40
C GLN B 67 18.51 -11.57 -0.08
N GLU B 68 18.58 -11.22 -1.36
CA GLU B 68 17.71 -10.22 -1.95
C GLU B 68 16.43 -10.81 -2.57
N ARG B 69 16.28 -12.13 -2.50
CA ARG B 69 15.10 -12.77 -3.05
C ARG B 69 14.28 -13.53 -2.01
N ASN B 70 14.97 -14.26 -1.14
CA ASN B 70 14.30 -15.05 -0.12
C ASN B 70 15.19 -15.09 1.12
N GLU B 71 15.02 -14.10 1.99
CA GLU B 71 15.83 -13.99 3.19
C GLU B 71 15.92 -15.25 4.05
N LYS B 72 14.79 -15.89 4.32
CA LYS B 72 14.79 -17.10 5.13
C LYS B 72 15.63 -18.18 4.51
N LEU B 73 15.48 -18.38 3.20
CA LEU B 73 16.26 -19.40 2.50
C LEU B 73 17.75 -19.08 2.55
N PHE B 74 18.08 -17.78 2.47
CA PHE B 74 19.48 -17.35 2.49
C PHE B 74 20.17 -17.83 3.77
N TYR B 75 19.53 -17.59 4.91
CA TYR B 75 20.11 -18.01 6.16
C TYR B 75 20.06 -19.51 6.38
N ARG B 76 19.09 -20.18 5.79
CA ARG B 76 19.01 -21.62 5.95
C ARG B 76 20.21 -22.23 5.22
N ILE B 77 20.50 -21.69 4.04
CA ILE B 77 21.61 -22.18 3.25
C ILE B 77 22.96 -21.95 3.94
N LEU B 78 23.12 -20.82 4.62
CA LEU B 78 24.35 -20.53 5.35
C LEU B 78 24.45 -21.54 6.49
N GLN B 79 23.35 -21.76 7.19
CA GLN B 79 23.29 -22.69 8.31
C GLN B 79 23.58 -24.15 7.93
N ASP B 80 23.30 -24.52 6.68
CA ASP B 80 23.54 -25.88 6.22
C ASP B 80 25.02 -26.25 6.27
N ASP B 81 25.88 -25.29 5.97
CA ASP B 81 27.32 -25.55 5.98
C ASP B 81 28.12 -24.27 6.05
N ILE B 82 28.00 -23.58 7.19
CA ILE B 82 28.68 -22.31 7.44
C ILE B 82 30.19 -22.37 7.21
N GLU B 83 30.79 -23.52 7.49
CA GLU B 83 32.23 -23.67 7.32
C GLU B 83 32.69 -23.57 5.87
N SER B 84 31.95 -24.19 4.96
CA SER B 84 32.33 -24.14 3.55
C SER B 84 31.97 -22.82 2.89
N LEU B 85 30.96 -22.14 3.42
CA LEU B 85 30.53 -20.87 2.83
C LEU B 85 31.19 -19.63 3.44
N MSE B 86 31.76 -19.77 4.62
CA MSE B 86 32.42 -18.64 5.28
C MSE B 86 33.47 -17.97 4.36
O MSE B 86 33.54 -16.75 4.29
CB MSE B 86 33.09 -19.11 6.58
CG MSE B 86 33.66 -17.99 7.43
SE MSE B 86 32.22 -16.93 8.19
CE MSE B 86 31.75 -18.14 9.61
N PRO B 87 34.29 -18.78 3.65
CA PRO B 87 35.32 -18.23 2.75
C PRO B 87 34.77 -17.47 1.55
N ILE B 88 33.51 -17.74 1.20
CA ILE B 88 32.88 -17.08 0.07
C ILE B 88 32.14 -15.81 0.49
N VAL B 89 31.39 -15.88 1.59
CA VAL B 89 30.62 -14.74 2.06
C VAL B 89 31.44 -13.79 2.93
N TYR B 90 32.54 -14.30 3.45
CA TYR B 90 33.42 -13.54 4.32
C TYR B 90 34.85 -13.59 3.77
N THR B 91 35.85 -13.46 4.63
CA THR B 91 37.24 -13.48 4.16
C THR B 91 37.60 -14.87 3.60
N PRO B 92 38.33 -14.92 2.49
CA PRO B 92 38.88 -13.82 1.68
C PRO B 92 38.03 -13.27 0.54
N THR B 93 37.04 -14.04 0.08
CA THR B 93 36.23 -13.61 -1.06
C THR B 93 35.55 -12.26 -0.88
N VAL B 94 35.06 -11.96 0.32
CA VAL B 94 34.42 -10.66 0.53
C VAL B 94 35.38 -9.52 0.18
N GLY B 95 36.66 -9.73 0.44
CA GLY B 95 37.64 -8.70 0.11
C GLY B 95 37.71 -8.54 -1.39
N LEU B 96 37.62 -9.64 -2.11
CA LEU B 96 37.65 -9.58 -3.57
C LEU B 96 36.36 -8.89 -4.06
N ALA B 97 35.22 -9.21 -3.44
CA ALA B 97 33.95 -8.59 -3.84
C ALA B 97 34.05 -7.06 -3.72
N CYS B 98 34.46 -6.58 -2.56
CA CYS B 98 34.59 -5.15 -2.34
C CYS B 98 35.42 -4.45 -3.41
N SER B 99 36.59 -4.99 -3.69
CA SER B 99 37.46 -4.39 -4.68
C SER B 99 36.78 -4.31 -6.03
N GLN B 100 35.72 -5.08 -6.22
CA GLN B 100 35.03 -5.10 -7.51
C GLN B 100 33.53 -4.83 -7.39
N TYR B 101 33.13 -4.29 -6.25
CA TYR B 101 31.74 -4.00 -5.94
C TYR B 101 30.96 -3.32 -7.05
N GLY B 102 31.55 -2.29 -7.66
CA GLY B 102 30.88 -1.56 -8.72
C GLY B 102 30.72 -2.30 -10.02
N HIS B 103 31.50 -3.36 -10.20
CA HIS B 103 31.45 -4.17 -11.40
C HIS B 103 30.38 -5.25 -11.29
N ILE B 104 30.12 -5.69 -10.06
CA ILE B 104 29.15 -6.75 -9.82
C ILE B 104 27.81 -6.29 -9.28
N PHE B 105 27.68 -4.99 -9.07
CA PHE B 105 26.44 -4.39 -8.55
C PHE B 105 25.17 -4.82 -9.31
N ARG B 106 24.12 -5.12 -8.54
CA ARG B 106 22.81 -5.48 -9.10
C ARG B 106 21.72 -4.76 -8.29
N ARG B 107 21.82 -4.83 -6.96
CA ARG B 107 20.89 -4.16 -6.06
C ARG B 107 21.67 -3.59 -4.87
N PRO B 108 21.23 -2.45 -4.33
CA PRO B 108 21.93 -1.87 -3.20
C PRO B 108 21.49 -2.52 -1.89
N LYS B 109 22.34 -2.44 -0.88
CA LYS B 109 22.03 -3.00 0.42
C LYS B 109 22.55 -2.00 1.43
N GLY B 110 21.76 -1.73 2.45
CA GLY B 110 22.20 -0.79 3.46
C GLY B 110 21.90 0.67 3.14
N LEU B 111 22.25 1.53 4.08
CA LEU B 111 22.05 2.97 4.01
C LEU B 111 23.34 3.68 3.62
N PHE B 112 23.24 4.60 2.68
CA PHE B 112 24.41 5.37 2.24
C PHE B 112 24.24 6.83 2.66
N ILE B 113 25.19 7.33 3.45
CA ILE B 113 25.15 8.70 3.91
C ILE B 113 26.42 9.38 3.40
N SER B 114 26.29 10.41 2.58
CA SER B 114 27.47 11.08 2.05
C SER B 114 27.66 12.46 2.66
N ILE B 115 28.85 13.01 2.49
CA ILE B 115 29.17 14.32 3.05
C ILE B 115 28.27 15.37 2.40
N SER B 116 27.84 15.09 1.18
CA SER B 116 26.97 15.99 0.46
C SER B 116 25.59 16.02 1.08
N ASP B 117 25.32 15.12 2.02
CA ASP B 117 24.02 15.10 2.69
C ASP B 117 24.07 15.70 4.09
N ARG B 118 25.19 16.33 4.45
CA ARG B 118 25.32 16.92 5.78
C ARG B 118 24.16 17.88 6.01
N GLY B 119 23.57 17.82 7.21
CA GLY B 119 22.45 18.67 7.55
C GLY B 119 21.11 18.03 7.20
N HIS B 120 21.15 16.87 6.55
CA HIS B 120 19.94 16.15 6.16
C HIS B 120 20.06 14.66 6.45
N VAL B 121 20.95 14.28 7.35
CA VAL B 121 21.14 12.88 7.64
C VAL B 121 19.90 12.23 8.25
N ARG B 122 19.15 12.98 9.05
CA ARG B 122 17.97 12.41 9.69
C ARG B 122 16.91 12.01 8.66
N SER B 123 16.78 12.77 7.58
CA SER B 123 15.80 12.44 6.56
C SER B 123 16.23 11.17 5.84
N ILE B 124 17.53 10.92 5.78
CA ILE B 124 18.01 9.70 5.13
C ILE B 124 17.69 8.51 6.01
N VAL B 125 17.94 8.66 7.31
CA VAL B 125 17.67 7.60 8.27
C VAL B 125 16.18 7.26 8.29
N ASP B 126 15.32 8.26 8.10
CA ASP B 126 13.88 8.03 8.08
C ASP B 126 13.44 7.29 6.82
N ASN B 127 14.29 7.25 5.80
CA ASN B 127 13.95 6.56 4.55
C ASN B 127 14.13 5.04 4.68
N TRP B 128 14.89 4.60 5.68
CA TRP B 128 15.07 3.18 5.87
C TRP B 128 13.73 2.59 6.30
N PRO B 129 13.25 1.57 5.56
CA PRO B 129 11.99 0.84 5.76
C PRO B 129 11.70 0.23 7.13
N GLU B 130 12.69 -0.43 7.73
CA GLU B 130 12.49 -1.06 9.03
C GLU B 130 12.36 -0.06 10.18
N ASN B 131 11.44 -0.35 11.10
CA ASN B 131 11.18 0.54 12.21
C ASN B 131 11.83 0.20 13.54
N HIS B 132 12.33 -1.02 13.70
CA HIS B 132 12.93 -1.38 14.98
C HIS B 132 14.35 -1.91 14.90
N VAL B 133 15.24 -1.08 14.37
CA VAL B 133 16.64 -1.45 14.23
C VAL B 133 17.32 -1.53 15.59
N LYS B 134 18.07 -2.60 15.82
CA LYS B 134 18.75 -2.79 17.10
C LYS B 134 20.26 -2.90 16.94
N ALA B 135 20.72 -3.05 15.70
CA ALA B 135 22.14 -3.19 15.43
C ALA B 135 22.58 -2.53 14.13
N VAL B 136 23.60 -1.69 14.25
CA VAL B 136 24.14 -0.98 13.10
C VAL B 136 25.62 -1.28 12.94
N VAL B 137 26.06 -1.53 11.71
CA VAL B 137 27.47 -1.73 11.43
C VAL B 137 27.77 -0.69 10.37
N VAL B 138 28.68 0.22 10.70
CA VAL B 138 29.04 1.31 9.82
C VAL B 138 30.51 1.40 9.48
N THR B 139 30.80 1.84 8.26
CA THR B 139 32.17 1.98 7.80
C THR B 139 32.31 3.19 6.90
N ASP B 140 33.50 3.76 6.82
CA ASP B 140 33.72 4.86 5.89
C ASP B 140 34.63 4.33 4.78
N GLY B 141 34.90 3.03 4.84
CA GLY B 141 35.70 2.34 3.84
C GLY B 141 37.16 2.74 3.65
N GLU B 142 37.75 3.39 4.65
CA GLU B 142 39.14 3.81 4.50
C GLU B 142 40.13 2.67 4.77
N ARG B 143 39.74 1.70 5.56
CA ARG B 143 40.61 0.58 5.88
C ARG B 143 39.86 -0.74 5.80
N ILE B 144 39.53 -1.15 4.58
CA ILE B 144 38.81 -2.39 4.35
C ILE B 144 39.78 -3.56 4.49
N LEU B 145 39.64 -4.34 5.56
CA LEU B 145 40.56 -5.44 5.80
C LEU B 145 41.98 -4.88 5.67
N GLY B 146 42.84 -5.53 4.87
CA GLY B 146 44.20 -5.04 4.69
C GLY B 146 44.35 -4.52 3.27
N LEU B 147 43.21 -4.25 2.63
CA LEU B 147 43.17 -3.74 1.26
C LEU B 147 43.29 -2.22 1.16
N GLY B 148 43.13 -1.54 2.30
CA GLY B 148 43.24 -0.10 2.29
C GLY B 148 41.93 0.64 2.06
N ASP B 149 42.03 1.81 1.43
CA ASP B 149 40.90 2.69 1.13
C ASP B 149 40.12 2.23 -0.11
N LEU B 150 38.91 1.73 0.07
CA LEU B 150 38.09 1.29 -1.06
C LEU B 150 36.81 2.11 -1.22
N GLY B 151 36.70 3.19 -0.44
CA GLY B 151 35.53 4.05 -0.52
C GLY B 151 34.21 3.33 -0.36
N VAL B 152 33.22 3.73 -1.14
CA VAL B 152 31.90 3.12 -1.08
C VAL B 152 31.92 1.63 -1.43
N TYR B 153 32.96 1.18 -2.12
CA TYR B 153 33.06 -0.24 -2.45
C TYR B 153 33.15 -1.04 -1.15
N GLY B 154 33.45 -0.36 -0.05
CA GLY B 154 33.57 -1.03 1.23
C GLY B 154 32.26 -1.46 1.87
N MSE B 155 31.13 -1.07 1.29
CA MSE B 155 29.82 -1.44 1.84
C MSE B 155 29.64 -2.95 1.92
O MSE B 155 28.81 -3.46 2.69
CB MSE B 155 28.69 -0.82 1.01
CG MSE B 155 27.27 -1.27 1.40
SE MSE B 155 26.87 -0.72 3.24
CE MSE B 155 25.68 0.74 2.83
N GLY B 156 30.42 -3.68 1.13
CA GLY B 156 30.33 -5.13 1.19
C GLY B 156 30.67 -5.66 2.58
N ILE B 157 31.48 -4.93 3.33
CA ILE B 157 31.89 -5.37 4.67
C ILE B 157 30.77 -5.31 5.71
N PRO B 158 30.11 -4.14 5.87
CA PRO B 158 29.03 -4.08 6.86
C PRO B 158 27.93 -5.09 6.50
N VAL B 159 27.68 -5.25 5.20
CA VAL B 159 26.68 -6.20 4.72
C VAL B 159 27.10 -7.60 5.17
N GLY B 160 28.36 -7.95 4.92
CA GLY B 160 28.84 -9.26 5.33
C GLY B 160 28.81 -9.46 6.84
N LYS B 161 29.23 -8.44 7.59
CA LYS B 161 29.24 -8.54 9.06
C LYS B 161 27.85 -8.86 9.60
N LEU B 162 26.84 -8.14 9.12
CA LEU B 162 25.48 -8.34 9.58
C LEU B 162 24.90 -9.69 9.21
N CYS B 163 25.36 -10.27 8.11
CA CYS B 163 24.90 -11.60 7.72
C CYS B 163 25.30 -12.55 8.84
N LEU B 164 26.50 -12.33 9.38
CA LEU B 164 27.04 -13.16 10.43
C LEU B 164 26.34 -12.92 11.78
N TYR B 165 25.85 -11.70 11.97
CA TYR B 165 25.10 -11.37 13.19
C TYR B 165 23.96 -12.40 13.27
N THR B 166 23.24 -12.52 12.15
CA THR B 166 22.11 -13.43 12.03
C THR B 166 22.51 -14.90 11.94
N ALA B 167 23.35 -15.23 10.96
CA ALA B 167 23.77 -16.61 10.77
C ALA B 167 24.37 -17.22 12.04
N CYS B 168 25.22 -16.47 12.73
CA CYS B 168 25.88 -16.97 13.94
C CYS B 168 25.11 -16.85 15.25
N ALA B 169 24.54 -15.68 15.52
CA ALA B 169 23.84 -15.49 16.79
C ALA B 169 22.32 -15.39 16.75
N GLY B 170 21.73 -15.55 15.57
CA GLY B 170 20.29 -15.46 15.49
C GLY B 170 19.72 -14.10 15.83
N ILE B 171 20.43 -13.05 15.43
CA ILE B 171 19.98 -11.69 15.65
C ILE B 171 19.02 -11.44 14.46
N ARG B 172 17.84 -10.91 14.74
CA ARG B 172 16.86 -10.67 13.67
C ARG B 172 17.37 -9.79 12.53
N PRO B 173 17.32 -10.30 11.30
CA PRO B 173 17.76 -9.60 10.08
C PRO B 173 17.09 -8.22 9.90
N ASP B 174 15.80 -8.15 10.18
CA ASP B 174 15.05 -6.91 10.02
C ASP B 174 15.45 -5.87 11.06
N ARG B 175 16.22 -6.27 12.06
CA ARG B 175 16.66 -5.31 13.06
C ARG B 175 18.13 -4.93 12.90
N CYS B 176 18.69 -5.26 11.74
CA CYS B 176 20.08 -4.96 11.41
C CYS B 176 20.15 -3.95 10.28
N LEU B 177 21.11 -3.02 10.39
CA LEU B 177 21.27 -1.98 9.40
C LEU B 177 22.72 -1.71 8.98
N PRO B 178 23.09 -2.10 7.76
CA PRO B 178 24.47 -1.84 7.31
C PRO B 178 24.56 -0.41 6.80
N VAL B 179 25.61 0.30 7.20
CA VAL B 179 25.74 1.69 6.79
C VAL B 179 27.11 2.03 6.21
N CYS B 180 27.08 2.89 5.19
CA CYS B 180 28.32 3.33 4.57
C CYS B 180 28.34 4.86 4.55
N ILE B 181 29.35 5.43 5.20
CA ILE B 181 29.54 6.87 5.26
C ILE B 181 30.54 7.24 4.16
N ASP B 182 30.07 7.97 3.15
CA ASP B 182 30.91 8.36 2.03
C ASP B 182 31.33 9.83 2.06
N VAL B 183 32.61 10.05 2.30
CA VAL B 183 33.15 11.40 2.35
C VAL B 183 34.25 11.56 1.32
N GLY B 184 34.27 10.64 0.35
CA GLY B 184 35.28 10.66 -0.70
C GLY B 184 36.25 9.50 -0.51
N THR B 185 37.24 9.39 -1.39
CA THR B 185 38.23 8.33 -1.28
C THR B 185 39.58 8.80 -1.84
N ASP B 186 40.68 8.34 -1.24
CA ASP B 186 41.99 8.74 -1.74
C ASP B 186 42.56 7.73 -2.73
N ASN B 187 41.80 6.67 -2.99
CA ASN B 187 42.20 5.63 -3.92
C ASN B 187 42.10 6.18 -5.34
N ILE B 188 43.25 6.50 -5.93
CA ILE B 188 43.33 7.05 -7.27
C ILE B 188 42.67 6.20 -8.36
N ALA B 189 42.81 4.88 -8.25
CA ALA B 189 42.20 3.99 -9.24
C ALA B 189 40.68 4.11 -9.25
N LEU B 190 40.07 4.21 -8.07
CA LEU B 190 38.62 4.32 -7.99
C LEU B 190 38.12 5.67 -8.48
N LEU B 191 38.91 6.72 -8.28
CA LEU B 191 38.50 8.04 -8.74
C LEU B 191 38.44 8.12 -10.26
N LYS B 192 39.00 7.13 -10.94
CA LYS B 192 38.97 7.11 -12.40
C LYS B 192 38.13 5.93 -12.90
N ASP B 193 37.46 5.25 -11.97
CA ASP B 193 36.63 4.10 -12.31
C ASP B 193 35.20 4.56 -12.62
N PRO B 194 34.76 4.36 -13.87
CA PRO B 194 33.41 4.75 -14.30
C PRO B 194 32.32 4.00 -13.55
N PHE B 195 32.69 2.91 -12.88
CA PHE B 195 31.74 2.13 -12.11
C PHE B 195 31.76 2.41 -10.61
N TYR B 196 32.61 3.34 -10.17
CA TYR B 196 32.71 3.68 -8.75
C TYR B 196 31.34 4.15 -8.24
N MSE B 197 30.94 3.65 -7.07
CA MSE B 197 29.65 3.95 -6.47
C MSE B 197 29.61 5.11 -5.48
O MSE B 197 28.57 5.38 -4.86
CB MSE B 197 29.12 2.68 -5.76
CG MSE B 197 28.68 1.56 -6.73
SE MSE B 197 28.86 -0.19 -5.88
CE MSE B 197 27.45 -0.05 -4.59
N GLY B 198 30.73 5.83 -5.33
CA GLY B 198 30.75 6.93 -4.40
C GLY B 198 30.98 8.31 -5.02
N LEU B 199 31.27 9.27 -4.18
CA LEU B 199 31.53 10.64 -4.60
C LEU B 199 32.91 10.70 -5.23
N TYR B 200 33.02 11.36 -6.38
CA TYR B 200 34.31 11.49 -7.03
C TYR B 200 35.11 12.67 -6.45
N GLN B 201 35.61 12.51 -5.24
CA GLN B 201 36.42 13.54 -4.60
C GLN B 201 37.33 12.85 -3.61
N LYS B 202 38.41 13.53 -3.21
CA LYS B 202 39.33 12.95 -2.23
C LYS B 202 38.61 12.96 -0.90
N ARG B 203 39.10 12.17 0.02
CA ARG B 203 38.53 12.06 1.36
C ARG B 203 38.52 13.42 2.06
N ASP B 204 37.36 13.82 2.58
CA ASP B 204 37.21 15.07 3.31
C ASP B 204 37.73 14.78 4.73
N ARG B 205 38.79 15.46 5.13
CA ARG B 205 39.36 15.24 6.46
C ARG B 205 39.22 16.44 7.41
N THR B 206 38.35 17.38 7.05
CA THR B 206 38.11 18.57 7.88
C THR B 206 37.10 18.23 8.96
N GLN B 207 36.75 19.25 9.77
CA GLN B 207 35.78 19.09 10.84
C GLN B 207 34.41 18.67 10.31
N GLN B 208 34.19 18.84 9.00
CA GLN B 208 32.92 18.45 8.39
C GLN B 208 32.75 16.94 8.48
N TYR B 209 33.87 16.21 8.47
CA TYR B 209 33.82 14.77 8.59
C TYR B 209 33.31 14.42 9.99
N ASP B 210 33.96 15.01 11.01
CA ASP B 210 33.54 14.78 12.39
C ASP B 210 32.07 15.15 12.56
N ASP B 211 31.68 16.29 11.98
CA ASP B 211 30.28 16.76 12.06
C ASP B 211 29.34 15.71 11.52
N LEU B 212 29.63 15.22 10.32
CA LEU B 212 28.81 14.21 9.66
C LEU B 212 28.65 12.96 10.52
N ILE B 213 29.75 12.48 11.08
CA ILE B 213 29.69 11.30 11.93
C ILE B 213 28.82 11.58 13.15
N ASP B 214 28.97 12.77 13.71
CA ASP B 214 28.19 13.13 14.88
C ASP B 214 26.71 13.20 14.52
N GLU B 215 26.41 13.78 13.35
CA GLU B 215 25.03 13.91 12.89
C GLU B 215 24.39 12.54 12.73
N PHE B 216 25.19 11.59 12.25
CA PHE B 216 24.75 10.22 12.04
C PHE B 216 24.44 9.51 13.36
N MSE B 217 25.36 9.62 14.32
CA MSE B 217 25.15 8.98 15.62
C MSE B 217 23.83 9.48 16.22
O MSE B 217 23.01 8.70 16.70
CB MSE B 217 26.31 9.28 16.57
CG MSE B 217 27.66 8.72 16.09
SE MSE B 217 27.56 6.78 15.90
CE MSE B 217 27.63 6.28 17.76
N LYS B 218 23.64 10.80 16.15
CA LYS B 218 22.44 11.42 16.71
C LYS B 218 21.18 11.01 15.95
N ALA B 219 21.24 11.01 14.63
CA ALA B 219 20.09 10.64 13.81
C ALA B 219 19.67 9.20 14.03
N ILE B 220 20.65 8.31 14.17
CA ILE B 220 20.40 6.90 14.36
C ILE B 220 19.75 6.62 15.70
N THR B 221 20.29 7.23 16.76
CA THR B 221 19.73 7.04 18.10
C THR B 221 18.40 7.76 18.27
N ASP B 222 18.23 8.91 17.62
CA ASP B 222 16.96 9.64 17.74
C ASP B 222 15.80 8.80 17.21
N ARG B 223 16.02 8.09 16.11
CA ARG B 223 14.94 7.30 15.56
C ARG B 223 14.77 5.93 16.17
N TYR B 224 15.88 5.27 16.46
CA TYR B 224 15.79 3.92 16.98
C TYR B 224 16.03 3.69 18.46
N GLY B 225 16.59 4.70 19.14
CA GLY B 225 16.84 4.55 20.57
C GLY B 225 18.29 4.75 20.96
N ARG B 226 18.51 5.26 22.17
CA ARG B 226 19.86 5.50 22.66
C ARG B 226 20.66 4.22 22.90
N ASN B 227 19.98 3.09 23.09
CA ASN B 227 20.72 1.86 23.34
C ASN B 227 20.99 1.05 22.07
N THR B 228 20.75 1.66 20.91
CA THR B 228 20.99 0.98 19.65
C THR B 228 22.48 0.63 19.56
N LEU B 229 22.77 -0.63 19.26
CA LEU B 229 24.16 -1.11 19.16
C LEU B 229 24.78 -0.58 17.87
N ILE B 230 25.87 0.17 17.99
CA ILE B 230 26.55 0.73 16.82
C ILE B 230 27.99 0.21 16.72
N GLN B 231 28.22 -0.66 15.73
CA GLN B 231 29.53 -1.26 15.52
C GLN B 231 30.35 -0.54 14.46
N PHE B 232 31.46 0.07 14.88
CA PHE B 232 32.34 0.74 13.93
C PHE B 232 33.22 -0.33 13.30
N GLU B 233 33.36 -0.25 11.98
CA GLU B 233 34.10 -1.24 11.21
C GLU B 233 34.95 -0.62 10.10
N ASP B 234 36.20 -1.08 10.03
CA ASP B 234 37.14 -0.64 9.01
C ASP B 234 37.38 0.86 8.79
N PHE B 235 37.48 1.59 9.89
CA PHE B 235 37.81 3.02 9.81
C PHE B 235 39.32 3.11 9.89
N GLY B 236 39.91 4.17 9.32
CA GLY B 236 41.35 4.32 9.37
C GLY B 236 41.83 4.40 10.81
N ASN B 237 43.13 4.21 11.02
CA ASN B 237 43.73 4.24 12.35
C ASN B 237 43.40 5.47 13.20
N HIS B 238 43.63 6.66 12.66
CA HIS B 238 43.35 7.88 13.42
C HIS B 238 41.91 8.00 13.92
N ASN B 239 40.97 7.92 12.99
CA ASN B 239 39.55 8.03 13.31
C ASN B 239 39.02 6.91 14.19
N ALA B 240 39.50 5.69 13.99
CA ALA B 240 39.00 4.55 14.75
C ALA B 240 39.09 4.73 16.27
N PHE B 241 40.25 5.17 16.75
CA PHE B 241 40.42 5.36 18.19
C PHE B 241 39.66 6.56 18.72
N ARG B 242 39.80 7.71 18.06
CA ARG B 242 39.11 8.90 18.55
C ARG B 242 37.58 8.78 18.58
N PHE B 243 36.99 8.09 17.61
CA PHE B 243 35.54 7.92 17.62
C PHE B 243 35.15 6.96 18.72
N LEU B 244 35.97 5.93 18.95
CA LEU B 244 35.66 4.98 20.01
C LEU B 244 35.73 5.68 21.37
N ARG B 245 36.76 6.51 21.57
CA ARG B 245 36.91 7.22 22.82
C ARG B 245 35.82 8.27 23.01
N LYS B 246 35.48 8.98 21.93
CA LYS B 246 34.47 10.02 22.00
C LYS B 246 33.06 9.50 22.24
N TYR B 247 32.72 8.36 21.64
CA TYR B 247 31.37 7.84 21.76
C TYR B 247 31.07 6.70 22.72
N ARG B 248 32.07 5.91 23.08
CA ARG B 248 31.82 4.76 23.93
C ARG B 248 31.05 5.02 25.22
N GLU B 249 31.17 6.22 25.80
CA GLU B 249 30.45 6.53 27.04
C GLU B 249 29.16 7.29 26.78
N LYS B 250 28.95 7.67 25.52
CA LYS B 250 27.77 8.43 25.11
C LYS B 250 26.72 7.52 24.48
N TYR B 251 27.16 6.54 23.70
CA TYR B 251 26.27 5.61 23.04
C TYR B 251 26.70 4.17 23.30
N CYS B 252 25.90 3.23 22.82
CA CYS B 252 26.20 1.80 22.97
C CYS B 252 27.01 1.44 21.73
N THR B 253 28.32 1.62 21.80
CA THR B 253 29.18 1.38 20.64
C THR B 253 30.53 0.72 20.93
N PHE B 254 31.10 0.13 19.90
CA PHE B 254 32.40 -0.52 20.00
C PHE B 254 33.00 -0.61 18.60
N ASN B 255 34.30 -0.85 18.54
CA ASN B 255 35.00 -0.97 17.28
C ASN B 255 35.51 -2.40 17.17
N ASP B 256 35.03 -3.11 16.16
CA ASP B 256 35.36 -4.52 15.92
C ASP B 256 36.85 -4.79 15.68
N ASP B 257 37.51 -3.85 15.02
CA ASP B 257 38.93 -4.00 14.71
C ASP B 257 39.88 -3.78 15.85
N ILE B 258 39.42 -3.04 16.86
CA ILE B 258 40.24 -2.77 18.03
C ILE B 258 39.89 -3.74 19.13
N GLN B 259 38.62 -3.80 19.47
CA GLN B 259 38.11 -4.65 20.55
C GLN B 259 37.72 -6.06 20.15
N GLY B 260 37.07 -6.21 19.01
CA GLY B 260 36.67 -7.52 18.57
C GLY B 260 37.87 -8.39 18.29
N THR B 261 38.81 -7.86 17.52
CA THR B 261 40.01 -8.60 17.19
C THR B 261 40.83 -8.87 18.47
N ALA B 262 40.81 -7.92 19.39
CA ALA B 262 41.53 -8.07 20.65
C ALA B 262 41.04 -9.30 21.40
N ALA B 263 39.72 -9.46 21.48
CA ALA B 263 39.15 -10.60 22.19
C ALA B 263 39.42 -11.97 21.57
N VAL B 264 39.40 -12.05 20.24
CA VAL B 264 39.64 -13.34 19.58
C VAL B 264 41.10 -13.75 19.75
N ALA B 265 41.99 -12.79 19.57
CA ALA B 265 43.42 -13.04 19.73
C ALA B 265 43.69 -13.50 21.16
N LEU B 266 43.16 -12.77 22.15
CA LEU B 266 43.35 -13.16 23.53
C LEU B 266 42.83 -14.56 23.76
N ALA B 267 41.70 -14.89 23.14
CA ALA B 267 41.13 -16.21 23.29
C ALA B 267 42.17 -17.24 22.84
N GLY B 268 42.81 -16.96 21.70
CA GLY B 268 43.82 -17.87 21.19
C GLY B 268 45.00 -18.02 22.14
N LEU B 269 45.45 -16.90 22.70
CA LEU B 269 46.57 -16.91 23.63
C LEU B 269 46.26 -17.75 24.87
N LEU B 270 45.06 -17.60 25.41
CA LEU B 270 44.65 -18.36 26.58
C LEU B 270 44.59 -19.86 26.28
N ALA B 271 44.35 -20.20 25.02
CA ALA B 271 44.30 -21.60 24.63
C ALA B 271 45.73 -22.12 24.50
N ALA B 272 46.60 -21.32 23.92
CA ALA B 272 47.99 -21.71 23.76
C ALA B 272 48.61 -21.95 25.13
N GLN B 273 48.36 -21.03 26.06
CA GLN B 273 48.90 -21.15 27.40
C GLN B 273 48.46 -22.46 28.04
N LYS B 274 47.31 -22.97 27.61
CA LYS B 274 46.80 -24.22 28.16
C LYS B 274 47.63 -25.42 27.75
N VAL B 275 48.39 -25.29 26.67
CA VAL B 275 49.24 -26.38 26.20
C VAL B 275 50.70 -26.14 26.55
N ILE B 276 51.11 -24.87 26.58
CA ILE B 276 52.49 -24.52 26.89
C ILE B 276 52.74 -24.40 28.39
N SER B 277 51.75 -23.89 29.13
CA SER B 277 51.87 -23.72 30.56
C SER B 277 53.15 -22.98 30.92
N LYS B 278 53.41 -21.86 30.24
CA LYS B 278 54.61 -21.09 30.51
C LYS B 278 54.44 -20.16 31.70
N PRO B 279 55.50 -20.01 32.51
CA PRO B 279 55.42 -19.13 33.69
C PRO B 279 55.11 -17.69 33.24
N ILE B 280 54.04 -17.13 33.79
CA ILE B 280 53.60 -15.78 33.46
C ILE B 280 54.75 -14.76 33.38
N SER B 281 55.78 -15.00 34.19
CA SER B 281 56.94 -14.12 34.22
C SER B 281 57.74 -14.15 32.91
N GLU B 282 57.81 -15.31 32.27
CA GLU B 282 58.55 -15.39 31.02
C GLU B 282 57.74 -15.24 29.74
N HIS B 283 56.67 -14.46 29.83
CA HIS B 283 55.82 -14.17 28.68
C HIS B 283 56.44 -12.95 28.00
N LYS B 284 56.81 -13.07 26.74
CA LYS B 284 57.40 -11.95 26.00
C LYS B 284 56.66 -11.91 24.66
N ILE B 285 55.87 -10.87 24.47
CA ILE B 285 55.07 -10.73 23.25
C ILE B 285 55.56 -9.63 22.32
N LEU B 286 55.79 -10.00 21.06
CA LEU B 286 56.27 -9.06 20.06
C LEU B 286 55.23 -8.90 18.94
N PHE B 287 54.78 -7.67 18.76
CA PHE B 287 53.79 -7.34 17.74
C PHE B 287 54.44 -6.82 16.46
N LEU B 288 53.94 -7.27 15.33
CA LEU B 288 54.40 -6.77 14.05
C LEU B 288 53.24 -5.86 13.69
N GLY B 289 53.45 -4.56 13.86
CA GLY B 289 52.41 -3.59 13.61
C GLY B 289 52.05 -3.03 14.97
N ALA B 290 51.56 -1.80 15.02
CA ALA B 290 51.21 -1.18 16.31
C ALA B 290 49.99 -0.28 16.15
N GLY B 291 48.97 -0.79 15.48
CA GLY B 291 47.77 -0.01 15.26
C GLY B 291 46.54 -0.48 16.00
N GLU B 292 45.40 -0.47 15.29
CA GLU B 292 44.13 -0.87 15.86
C GLU B 292 44.14 -2.23 16.56
N ALA B 293 44.55 -3.27 15.85
CA ALA B 293 44.56 -4.60 16.44
C ALA B 293 45.64 -4.79 17.50
N ALA B 294 46.86 -4.35 17.19
CA ALA B 294 47.96 -4.48 18.15
C ALA B 294 47.62 -3.81 19.47
N LEU B 295 47.19 -2.55 19.44
CA LEU B 295 46.84 -1.84 20.67
C LEU B 295 45.65 -2.48 21.35
N GLY B 296 44.68 -2.91 20.55
CA GLY B 296 43.52 -3.56 21.11
C GLY B 296 43.91 -4.85 21.80
N ILE B 297 44.69 -5.68 21.12
CA ILE B 297 45.11 -6.95 21.72
C ILE B 297 46.03 -6.72 22.92
N ALA B 298 46.97 -5.78 22.81
CA ALA B 298 47.89 -5.52 23.92
C ALA B 298 47.15 -5.13 25.20
N ASN B 299 46.22 -4.18 25.09
CA ASN B 299 45.44 -3.73 26.24
C ASN B 299 44.63 -4.86 26.85
N LEU B 300 44.10 -5.73 26.00
CA LEU B 300 43.31 -6.83 26.52
C LEU B 300 44.23 -7.88 27.18
N ILE B 301 45.42 -8.08 26.63
CA ILE B 301 46.35 -9.04 27.23
C ILE B 301 46.75 -8.51 28.61
N VAL B 302 47.04 -7.23 28.69
CA VAL B 302 47.42 -6.61 29.96
C VAL B 302 46.35 -6.82 31.02
N MSE B 303 45.09 -6.63 30.64
CA MSE B 303 43.98 -6.81 31.57
C MSE B 303 43.96 -8.26 32.07
O MSE B 303 43.59 -8.52 33.23
CB MSE B 303 42.63 -6.52 30.88
CG MSE B 303 42.32 -5.03 30.66
SE MSE B 303 40.51 -4.81 29.92
CE MSE B 303 39.47 -5.12 31.50
N SER B 304 44.33 -9.19 31.20
CA SER B 304 44.35 -10.59 31.58
C SER B 304 45.48 -10.89 32.57
N MSE B 305 46.64 -10.29 32.36
CA MSE B 305 47.78 -10.49 33.25
C MSE B 305 47.52 -9.85 34.60
O MSE B 305 47.79 -10.45 35.64
CB MSE B 305 49.05 -9.93 32.62
CG MSE B 305 49.52 -10.71 31.40
SE MSE B 305 51.14 -9.92 30.68
CE MSE B 305 50.37 -8.52 29.63
N VAL B 306 47.00 -8.63 34.62
CA VAL B 306 46.72 -7.92 35.85
C VAL B 306 45.75 -8.70 36.74
N GLU B 307 44.74 -9.28 36.10
CA GLU B 307 43.73 -10.07 36.78
C GLU B 307 44.33 -11.41 37.20
N ASN B 308 45.60 -11.62 36.86
CA ASN B 308 46.29 -12.86 37.19
C ASN B 308 47.53 -12.64 38.05
N GLY B 309 47.59 -11.49 38.73
CA GLY B 309 48.72 -11.22 39.59
C GLY B 309 49.56 -10.00 39.26
N LEU B 310 50.20 -10.01 38.10
CA LEU B 310 51.04 -8.91 37.67
C LEU B 310 50.36 -7.55 37.78
N SER B 311 51.16 -6.50 37.85
CA SER B 311 50.62 -5.15 37.94
C SER B 311 50.57 -4.65 36.50
N GLU B 312 49.77 -3.62 36.28
CA GLU B 312 49.62 -3.04 34.95
C GLU B 312 50.95 -2.64 34.34
N GLN B 313 51.82 -2.06 35.16
CA GLN B 313 53.13 -1.61 34.69
C GLN B 313 54.06 -2.76 34.30
N GLU B 314 54.03 -3.86 35.05
CA GLU B 314 54.90 -4.98 34.76
C GLU B 314 54.38 -5.88 33.63
N ALA B 315 53.07 -5.81 33.38
CA ALA B 315 52.51 -6.61 32.30
C ALA B 315 52.82 -5.92 30.97
N GLN B 316 52.80 -4.59 30.98
CA GLN B 316 53.06 -3.83 29.77
C GLN B 316 54.50 -3.96 29.31
N LYS B 317 55.41 -4.15 30.26
CA LYS B 317 56.81 -4.29 29.90
C LYS B 317 57.09 -5.60 29.16
N LYS B 318 56.18 -6.55 29.28
CA LYS B 318 56.33 -7.84 28.61
C LYS B 318 55.86 -7.77 27.15
N ILE B 319 55.39 -6.62 26.73
CA ILE B 319 54.87 -6.43 25.38
C ILE B 319 55.69 -5.41 24.57
N TRP B 320 56.19 -5.85 23.41
CA TRP B 320 56.97 -4.98 22.52
C TRP B 320 56.26 -4.89 21.18
N MSE B 321 56.48 -3.78 20.47
CA MSE B 321 55.84 -3.59 19.18
C MSE B 321 56.82 -3.09 18.12
O MSE B 321 57.75 -2.34 18.43
CB MSE B 321 54.67 -2.61 19.33
CG MSE B 321 53.69 -3.02 20.43
SE MSE B 321 52.09 -1.92 20.36
CE MSE B 321 52.91 -0.23 20.02
N PHE B 322 56.61 -3.52 16.89
CA PHE B 322 57.47 -3.17 15.77
C PHE B 322 56.55 -2.73 14.63
N ASP B 323 56.58 -1.45 14.27
CA ASP B 323 55.73 -0.95 13.19
C ASP B 323 56.50 -0.68 11.91
N LYS B 324 55.89 0.04 10.96
CA LYS B 324 56.51 0.33 9.67
C LYS B 324 57.81 1.12 9.75
N TYR B 325 58.06 1.76 10.89
CA TYR B 325 59.27 2.54 11.06
C TYR B 325 60.30 1.81 11.91
N GLY B 326 59.91 0.69 12.50
CA GLY B 326 60.83 -0.07 13.32
C GLY B 326 60.32 -0.32 14.73
N LEU B 327 61.20 -0.80 15.60
CA LEU B 327 60.84 -1.08 16.98
C LEU B 327 60.41 0.20 17.69
N LEU B 328 59.38 0.12 18.52
CA LEU B 328 58.88 1.28 19.25
C LEU B 328 59.72 1.48 20.50
N VAL B 329 60.68 2.39 20.44
CA VAL B 329 61.55 2.68 21.58
C VAL B 329 61.52 4.16 21.91
N LYS B 330 61.62 4.48 23.20
CA LYS B 330 61.61 5.86 23.66
C LYS B 330 62.60 6.74 22.91
N GLY B 331 62.13 7.89 22.46
CA GLY B 331 63.00 8.82 21.75
C GLY B 331 63.29 8.49 20.30
N ARG B 332 62.56 7.56 19.71
CA ARG B 332 62.81 7.24 18.30
C ARG B 332 62.30 8.41 17.46
N LYS B 333 62.74 8.48 16.21
CA LYS B 333 62.34 9.55 15.31
C LYS B 333 60.86 9.50 14.93
N ALA B 334 60.34 8.29 14.72
CA ALA B 334 58.93 8.11 14.33
C ALA B 334 57.99 8.40 15.48
N LYS B 335 56.83 8.98 15.16
CA LYS B 335 55.83 9.32 16.17
C LYS B 335 55.45 8.17 17.09
N ILE B 336 55.02 8.52 18.29
CA ILE B 336 54.57 7.56 19.30
C ILE B 336 53.37 8.23 19.96
N ASP B 337 52.16 7.74 19.70
CA ASP B 337 50.98 8.36 20.29
C ASP B 337 50.71 7.87 21.72
N SER B 338 49.75 8.51 22.38
CA SER B 338 49.39 8.15 23.76
C SER B 338 49.08 6.67 23.94
N TYR B 339 48.37 6.07 22.99
CA TYR B 339 48.02 4.66 23.10
C TYR B 339 49.22 3.73 23.07
N GLN B 340 50.26 4.13 22.35
CA GLN B 340 51.48 3.33 22.21
C GLN B 340 52.49 3.51 23.35
N GLU B 341 52.47 4.68 23.98
CA GLU B 341 53.40 4.98 25.06
C GLU B 341 53.63 3.84 26.05
N PRO B 342 52.54 3.28 26.62
CA PRO B 342 52.67 2.18 27.58
C PRO B 342 53.49 1.00 27.09
N PHE B 343 53.60 0.84 25.78
CA PHE B 343 54.34 -0.28 25.21
C PHE B 343 55.62 0.15 24.51
N THR B 344 55.99 1.41 24.67
CA THR B 344 57.21 1.93 24.08
C THR B 344 58.24 1.85 25.19
N HIS B 345 59.26 1.02 25.01
CA HIS B 345 60.28 0.83 26.02
C HIS B 345 61.61 1.48 25.69
N SER B 346 62.53 1.45 26.65
CA SER B 346 63.86 2.02 26.48
C SER B 346 64.61 1.20 25.45
N ALA B 347 65.19 1.86 24.46
CA ALA B 347 65.93 1.20 23.40
C ALA B 347 66.86 0.11 23.94
N PRO B 348 66.77 -1.11 23.38
CA PRO B 348 67.62 -2.22 23.83
C PRO B 348 69.08 -1.93 23.47
N GLU B 349 69.98 -2.84 23.82
CA GLU B 349 71.40 -2.63 23.53
C GLU B 349 71.65 -2.27 22.07
N SER B 350 71.06 -3.05 21.15
CA SER B 350 71.19 -2.78 19.73
C SER B 350 69.80 -2.64 19.15
N ILE B 351 69.58 -1.59 18.38
CA ILE B 351 68.27 -1.35 17.78
C ILE B 351 68.09 -2.17 16.51
N PRO B 352 67.13 -3.11 16.52
CA PRO B 352 66.83 -3.97 15.38
C PRO B 352 66.44 -3.17 14.14
N ASP B 353 66.91 -3.62 12.98
CA ASP B 353 66.58 -2.95 11.73
C ASP B 353 65.36 -3.61 11.09
N THR B 354 65.29 -4.94 11.21
CA THR B 354 64.20 -5.70 10.64
C THR B 354 63.46 -6.47 11.74
N PHE B 355 62.32 -7.05 11.38
CA PHE B 355 61.54 -7.79 12.36
C PHE B 355 62.30 -9.04 12.83
N GLU B 356 63.06 -9.64 11.92
CA GLU B 356 63.85 -10.83 12.25
C GLU B 356 64.89 -10.47 13.31
N ASP B 357 65.46 -9.29 13.19
CA ASP B 357 66.45 -8.83 14.16
C ASP B 357 65.80 -8.63 15.51
N ALA B 358 64.58 -8.11 15.51
CA ALA B 358 63.86 -7.88 16.74
C ALA B 358 63.56 -9.21 17.44
N VAL B 359 63.31 -10.24 16.67
CA VAL B 359 63.02 -11.55 17.25
C VAL B 359 64.27 -12.14 17.91
N ASN B 360 65.41 -12.01 17.23
CA ASN B 360 66.66 -12.52 17.78
C ASN B 360 67.14 -11.72 19.00
N ILE B 361 66.93 -10.41 18.99
CA ILE B 361 67.34 -9.59 20.12
C ILE B 361 66.40 -9.73 21.31
N LEU B 362 65.11 -9.53 21.08
CA LEU B 362 64.11 -9.63 22.15
C LEU B 362 63.76 -11.07 22.54
N LYS B 363 63.98 -12.00 21.62
CA LYS B 363 63.66 -13.41 21.86
C LYS B 363 62.25 -13.62 22.41
N PRO B 364 61.22 -13.06 21.74
CA PRO B 364 59.83 -13.22 22.20
C PRO B 364 59.36 -14.66 22.15
N SER B 365 58.43 -14.99 23.04
CA SER B 365 57.84 -16.32 23.10
C SER B 365 56.60 -16.36 22.20
N THR B 366 56.05 -15.18 21.91
CA THR B 366 54.87 -15.06 21.06
C THR B 366 55.07 -13.95 20.05
N ILE B 367 54.65 -14.23 18.83
CA ILE B 367 54.77 -13.27 17.74
C ILE B 367 53.36 -13.11 17.16
N ILE B 368 52.90 -11.86 17.05
CA ILE B 368 51.57 -11.58 16.54
C ILE B 368 51.60 -10.63 15.35
N GLY B 369 51.23 -11.15 14.19
CA GLY B 369 51.24 -10.36 12.97
C GLY B 369 49.92 -9.65 12.73
N VAL B 370 49.97 -8.33 12.70
CA VAL B 370 48.79 -7.53 12.50
C VAL B 370 49.17 -6.23 11.81
N ALA B 371 49.93 -6.35 10.73
CA ALA B 371 50.39 -5.20 9.97
C ALA B 371 49.61 -4.95 8.68
N GLY B 372 48.85 -5.96 8.24
CA GLY B 372 48.07 -5.83 7.01
C GLY B 372 48.93 -5.50 5.80
N ALA B 373 50.17 -5.98 5.78
CA ALA B 373 51.07 -5.67 4.68
C ALA B 373 51.77 -6.83 3.98
N GLY B 374 51.22 -8.03 4.07
CA GLY B 374 51.87 -9.13 3.39
C GLY B 374 52.74 -10.02 4.23
N ARG B 375 53.46 -10.92 3.55
CA ARG B 375 54.33 -11.91 4.17
C ARG B 375 55.55 -11.37 4.93
N LEU B 376 55.32 -10.65 6.03
CA LEU B 376 56.44 -10.13 6.81
C LEU B 376 57.01 -11.17 7.74
N PHE B 377 56.26 -12.24 8.02
CA PHE B 377 56.79 -13.32 8.86
C PHE B 377 57.52 -14.25 7.88
N THR B 378 58.70 -13.80 7.44
CA THR B 378 59.52 -14.55 6.49
C THR B 378 60.04 -15.87 7.05
N PRO B 379 60.51 -16.77 6.17
CA PRO B 379 61.03 -18.06 6.61
C PRO B 379 62.10 -17.89 7.69
N ASP B 380 62.92 -16.86 7.54
CA ASP B 380 63.96 -16.60 8.54
C ASP B 380 63.35 -16.20 9.89
N VAL B 381 62.27 -15.42 9.85
CA VAL B 381 61.62 -15.00 11.08
C VAL B 381 61.05 -16.23 11.80
N ILE B 382 60.43 -17.12 11.03
CA ILE B 382 59.83 -18.32 11.61
C ILE B 382 60.90 -19.27 12.16
N ARG B 383 61.99 -19.44 11.42
CA ARG B 383 63.07 -20.32 11.89
C ARG B 383 63.58 -19.81 13.22
N ALA B 384 63.80 -18.49 13.30
CA ALA B 384 64.30 -17.88 14.53
C ALA B 384 63.39 -18.20 15.70
N MSE B 385 62.09 -18.08 15.51
CA MSE B 385 61.13 -18.37 16.56
C MSE B 385 61.19 -19.81 17.04
O MSE B 385 60.99 -20.11 18.21
CB MSE B 385 59.70 -18.06 16.09
CG MSE B 385 59.36 -16.58 16.03
SE MSE B 385 59.37 -15.86 17.83
CE MSE B 385 57.91 -16.84 18.57
N ALA B 386 61.48 -20.73 16.11
CA ALA B 386 61.56 -22.14 16.45
C ALA B 386 62.88 -22.49 17.15
N SER B 387 63.92 -21.72 16.88
CA SER B 387 65.23 -21.92 17.50
C SER B 387 65.25 -21.36 18.91
N ILE B 388 64.49 -20.28 19.11
CA ILE B 388 64.40 -19.61 20.40
C ILE B 388 63.41 -20.28 21.34
N ASN B 389 62.29 -20.76 20.79
CA ASN B 389 61.25 -21.40 21.58
C ASN B 389 61.02 -22.86 21.21
N GLU B 390 60.63 -23.66 22.19
CA GLU B 390 60.34 -25.06 21.95
C GLU B 390 58.96 -25.10 21.27
N ARG B 391 58.03 -24.30 21.78
CA ARG B 391 56.67 -24.21 21.23
C ARG B 391 56.37 -22.73 20.98
N PRO B 392 56.86 -22.17 19.87
CA PRO B 392 56.63 -20.76 19.56
C PRO B 392 55.17 -20.50 19.15
N VAL B 393 54.61 -19.39 19.64
CA VAL B 393 53.26 -19.01 19.29
C VAL B 393 53.34 -17.99 18.16
N ILE B 394 52.74 -18.33 17.01
CA ILE B 394 52.77 -17.46 15.83
C ILE B 394 51.35 -17.17 15.30
N PHE B 395 50.97 -15.89 15.38
CA PHE B 395 49.66 -15.43 14.93
C PHE B 395 49.78 -14.49 13.73
N ALA B 396 49.23 -14.89 12.58
CA ALA B 396 49.27 -14.06 11.38
C ALA B 396 47.80 -13.69 11.15
N LEU B 397 47.35 -12.62 11.83
CA LEU B 397 45.95 -12.20 11.77
C LEU B 397 45.43 -11.32 10.63
N SER B 398 46.33 -10.70 9.88
CA SER B 398 45.92 -9.85 8.76
C SER B 398 45.08 -10.54 7.69
N ASN B 399 44.12 -9.80 7.12
CA ASN B 399 43.23 -10.31 6.08
C ASN B 399 43.26 -9.34 4.91
N PRO B 400 42.97 -9.83 3.69
CA PRO B 400 42.61 -11.21 3.38
C PRO B 400 43.88 -12.05 3.23
N THR B 401 43.72 -13.28 2.79
CA THR B 401 44.82 -14.22 2.62
C THR B 401 46.14 -13.65 2.09
N ALA B 402 46.07 -12.87 1.02
CA ALA B 402 47.28 -12.28 0.42
C ALA B 402 48.02 -11.30 1.33
N GLN B 403 47.33 -10.72 2.30
CA GLN B 403 47.99 -9.78 3.21
C GLN B 403 48.45 -10.44 4.50
N ALA B 404 48.21 -11.74 4.65
CA ALA B 404 48.62 -12.46 5.85
C ALA B 404 50.15 -12.49 6.01
N GLU B 405 50.61 -12.46 7.27
CA GLU B 405 52.03 -12.47 7.58
C GLU B 405 52.74 -13.75 7.12
N CYS B 406 52.02 -14.85 7.10
CA CYS B 406 52.56 -16.14 6.65
C CYS B 406 51.42 -17.15 6.55
N THR B 407 51.66 -18.26 5.87
CA THR B 407 50.64 -19.29 5.72
C THR B 407 50.83 -20.33 6.80
N ALA B 408 49.82 -21.19 6.97
CA ALA B 408 49.87 -22.25 7.97
C ALA B 408 50.94 -23.25 7.56
N GLU B 409 51.00 -23.54 6.27
CA GLU B 409 51.98 -24.48 5.76
C GLU B 409 53.41 -24.02 6.09
N GLU B 410 53.68 -22.73 5.99
CA GLU B 410 55.01 -22.21 6.28
C GLU B 410 55.33 -22.31 7.77
N ALA B 411 54.36 -21.92 8.59
CA ALA B 411 54.52 -21.96 10.04
C ALA B 411 54.80 -23.38 10.55
N TYR B 412 53.96 -24.34 10.17
CA TYR B 412 54.14 -25.71 10.61
C TYR B 412 55.37 -26.42 10.03
N THR B 413 55.66 -26.21 8.74
CA THR B 413 56.83 -26.87 8.15
C THR B 413 58.14 -26.31 8.70
N LEU B 414 58.24 -24.99 8.77
CA LEU B 414 59.45 -24.36 9.26
C LEU B 414 59.72 -24.46 10.77
N THR B 415 58.76 -24.95 11.54
CA THR B 415 58.97 -25.12 12.98
C THR B 415 58.84 -26.60 13.34
N GLU B 416 58.84 -27.43 12.30
CA GLU B 416 58.73 -28.88 12.45
C GLU B 416 57.54 -29.29 13.32
N GLY B 417 56.43 -28.57 13.14
CA GLY B 417 55.22 -28.86 13.89
C GLY B 417 55.19 -28.47 15.34
N ARG B 418 56.10 -27.61 15.78
CA ARG B 418 56.12 -27.22 17.19
C ARG B 418 55.41 -25.91 17.52
N CYS B 419 55.03 -25.17 16.49
CA CYS B 419 54.36 -23.89 16.72
C CYS B 419 52.86 -24.05 16.98
N LEU B 420 52.31 -23.04 17.63
CA LEU B 420 50.88 -22.96 17.89
C LEU B 420 50.53 -21.80 16.99
N PHE B 421 49.93 -22.12 15.86
CA PHE B 421 49.58 -21.15 14.84
C PHE B 421 48.09 -20.81 14.78
N ALA B 422 47.82 -19.58 14.34
CA ALA B 422 46.44 -19.09 14.16
C ALA B 422 46.51 -17.98 13.13
N SER B 423 45.49 -17.89 12.29
CA SER B 423 45.46 -16.84 11.27
C SER B 423 44.07 -16.20 11.15
N GLY B 424 44.02 -15.03 10.53
CA GLY B 424 42.74 -14.36 10.36
C GLY B 424 41.94 -14.96 9.22
N SER B 425 42.64 -15.41 8.18
CA SER B 425 42.01 -16.03 7.03
C SER B 425 42.10 -17.55 7.10
N PRO B 426 41.18 -18.26 6.44
CA PRO B 426 41.17 -19.73 6.47
C PRO B 426 42.31 -20.40 5.69
N PHE B 427 42.85 -21.46 6.29
CA PHE B 427 43.91 -22.28 5.69
C PHE B 427 43.49 -23.71 6.01
N GLY B 428 43.61 -24.62 5.06
CA GLY B 428 43.24 -25.99 5.32
C GLY B 428 44.28 -26.67 6.18
N PRO B 429 44.06 -27.94 6.56
CA PRO B 429 44.99 -28.70 7.39
C PRO B 429 46.35 -28.84 6.70
N VAL B 430 47.42 -28.94 7.49
CA VAL B 430 48.76 -29.10 6.94
C VAL B 430 49.29 -30.49 7.32
N LYS B 431 49.88 -31.18 6.36
CA LYS B 431 50.45 -32.50 6.59
C LYS B 431 51.94 -32.43 6.32
N LEU B 432 52.73 -32.67 7.36
CA LEU B 432 54.18 -32.64 7.24
C LEU B 432 54.72 -33.88 6.51
N THR B 433 55.96 -33.79 6.05
CA THR B 433 56.60 -34.88 5.35
C THR B 433 56.57 -36.17 6.18
N ASP B 434 56.67 -36.03 7.50
CA ASP B 434 56.67 -37.18 8.41
C ASP B 434 55.28 -37.75 8.64
N GLY B 435 54.26 -37.12 8.06
CA GLY B 435 52.89 -37.62 8.22
C GLY B 435 51.98 -36.91 9.19
N ARG B 436 52.53 -36.18 10.16
CA ARG B 436 51.72 -35.46 11.14
C ARG B 436 50.82 -34.42 10.48
N VAL B 437 49.56 -34.39 10.90
CA VAL B 437 48.59 -33.45 10.34
C VAL B 437 48.17 -32.41 11.37
N PHE B 438 48.31 -31.14 10.99
CA PHE B 438 47.96 -30.01 11.85
C PHE B 438 46.78 -29.23 11.28
N THR B 439 45.80 -28.92 12.14
CA THR B 439 44.62 -28.17 11.74
C THR B 439 44.65 -26.81 12.45
N PRO B 440 45.04 -25.76 11.71
CA PRO B 440 45.12 -24.41 12.25
C PRO B 440 43.76 -23.76 12.47
N GLY B 441 43.65 -22.97 13.54
CA GLY B 441 42.42 -22.27 13.83
C GLY B 441 42.40 -20.87 13.26
N GLN B 442 41.22 -20.32 13.07
CA GLN B 442 41.09 -18.99 12.51
C GLN B 442 40.83 -17.98 13.63
N GLY B 443 41.78 -17.08 13.85
CA GLY B 443 41.63 -16.07 14.89
C GLY B 443 41.00 -14.84 14.28
N ASN B 444 39.70 -14.95 14.00
CA ASN B 444 38.96 -13.87 13.38
C ASN B 444 37.86 -13.38 14.31
N ASN B 445 37.60 -12.08 14.32
CA ASN B 445 36.59 -11.53 15.21
C ASN B 445 35.18 -12.05 14.99
N VAL B 446 35.00 -12.88 13.97
CA VAL B 446 33.68 -13.46 13.72
C VAL B 446 33.28 -14.38 14.90
N TYR B 447 34.27 -14.82 15.69
CA TYR B 447 34.00 -15.67 16.86
C TYR B 447 33.50 -14.82 18.04
N ILE B 448 33.71 -13.51 17.95
CA ILE B 448 33.34 -12.62 19.04
C ILE B 448 32.14 -11.67 18.84
N PHE B 449 32.16 -10.86 17.78
CA PHE B 449 31.08 -9.88 17.62
C PHE B 449 29.63 -10.38 17.57
N PRO B 450 29.38 -11.58 17.01
CA PRO B 450 27.99 -12.05 16.99
C PRO B 450 27.43 -12.31 18.39
N GLY B 451 28.17 -13.07 19.19
CA GLY B 451 27.73 -13.38 20.54
C GLY B 451 27.68 -12.18 21.46
N VAL B 452 28.67 -11.29 21.32
CA VAL B 452 28.71 -10.09 22.15
C VAL B 452 27.52 -9.20 21.79
N ALA B 453 27.32 -8.98 20.49
CA ALA B 453 26.20 -8.17 20.02
C ALA B 453 24.86 -8.68 20.53
N LEU B 454 24.63 -9.99 20.48
CA LEU B 454 23.36 -10.56 20.95
C LEU B 454 23.15 -10.28 22.43
N ALA B 455 24.16 -10.56 23.24
CA ALA B 455 24.06 -10.31 24.68
C ALA B 455 23.76 -8.85 25.00
N VAL B 456 24.47 -7.94 24.35
CA VAL B 456 24.29 -6.51 24.58
C VAL B 456 22.90 -6.03 24.19
N ILE B 457 22.39 -6.55 23.07
CA ILE B 457 21.05 -6.19 22.60
C ILE B 457 19.98 -6.74 23.55
N LEU B 458 20.07 -8.02 23.88
CA LEU B 458 19.11 -8.65 24.77
C LEU B 458 19.10 -8.06 26.18
N CYS B 459 20.23 -7.57 26.65
CA CYS B 459 20.30 -7.00 27.98
C CYS B 459 19.98 -5.51 28.06
N ASN B 460 19.70 -4.88 26.92
CA ASN B 460 19.42 -3.44 26.91
C ASN B 460 20.61 -2.69 27.51
N THR B 461 21.82 -3.13 27.18
CA THR B 461 23.01 -2.48 27.69
C THR B 461 23.19 -1.11 27.04
N ARG B 462 23.62 -0.13 27.82
CA ARG B 462 23.83 1.24 27.34
C ARG B 462 25.25 1.52 26.85
N HIS B 463 26.23 0.97 27.54
CA HIS B 463 27.63 1.17 27.16
C HIS B 463 28.39 -0.13 27.29
N ILE B 464 29.41 -0.30 26.44
CA ILE B 464 30.21 -1.51 26.44
C ILE B 464 31.62 -1.26 26.93
N SER B 465 31.93 -1.80 28.11
CA SER B 465 33.26 -1.66 28.72
C SER B 465 34.21 -2.69 28.15
N ASP B 466 35.51 -2.43 28.25
CA ASP B 466 36.51 -3.36 27.73
C ASP B 466 36.40 -4.72 28.43
N SER B 467 35.99 -4.71 29.68
CA SER B 467 35.87 -5.95 30.46
C SER B 467 34.88 -6.92 29.84
N VAL B 468 33.96 -6.41 29.01
CA VAL B 468 33.00 -7.25 28.34
C VAL B 468 33.75 -8.14 27.35
N PHE B 469 34.72 -7.56 26.65
CA PHE B 469 35.50 -8.32 25.69
C PHE B 469 36.42 -9.33 26.35
N LEU B 470 36.91 -9.02 27.55
CA LEU B 470 37.77 -9.94 28.30
C LEU B 470 36.93 -11.17 28.61
N GLU B 471 35.67 -10.94 29.02
CA GLU B 471 34.76 -12.02 29.35
C GLU B 471 34.35 -12.84 28.14
N ALA B 472 34.26 -12.19 26.98
CA ALA B 472 33.89 -12.91 25.77
C ALA B 472 35.08 -13.81 25.38
N ALA B 473 36.29 -13.29 25.55
CA ALA B 473 37.51 -14.04 25.25
C ALA B 473 37.54 -15.32 26.08
N LYS B 474 37.34 -15.18 27.38
CA LYS B 474 37.32 -16.34 28.27
C LYS B 474 36.19 -17.28 27.86
N ALA B 475 35.02 -16.74 27.53
CA ALA B 475 33.89 -17.56 27.13
C ALA B 475 34.22 -18.38 25.88
N LEU B 476 34.95 -17.78 24.95
CA LEU B 476 35.31 -18.48 23.73
C LEU B 476 36.28 -19.63 24.02
N THR B 477 37.35 -19.33 24.72
CA THR B 477 38.36 -20.34 25.05
C THR B 477 37.83 -21.46 25.93
N SER B 478 36.92 -21.13 26.85
CA SER B 478 36.35 -22.12 27.77
C SER B 478 35.55 -23.19 27.04
N GLN B 479 35.37 -23.02 25.73
CA GLN B 479 34.62 -24.00 24.97
C GLN B 479 35.51 -24.97 24.22
N LEU B 480 36.81 -24.66 24.17
CA LEU B 480 37.76 -25.52 23.48
C LEU B 480 37.89 -26.86 24.19
N THR B 481 37.72 -27.95 23.45
CA THR B 481 37.84 -29.28 24.03
C THR B 481 39.30 -29.73 23.92
N ASP B 482 39.76 -30.52 24.88
CA ASP B 482 41.13 -31.01 24.91
C ASP B 482 41.53 -31.71 23.60
N GLU B 483 40.56 -32.41 23.00
CA GLU B 483 40.79 -33.13 21.76
C GLU B 483 41.05 -32.19 20.59
N GLU B 484 40.40 -31.02 20.61
CA GLU B 484 40.58 -30.03 19.55
C GLU B 484 41.95 -29.36 19.69
N LEU B 485 42.37 -29.15 20.94
CA LEU B 485 43.66 -28.54 21.21
C LEU B 485 44.75 -29.44 20.63
N ALA B 486 44.56 -30.74 20.84
CA ALA B 486 45.48 -31.76 20.36
C ALA B 486 45.72 -31.67 18.86
N GLN B 487 44.67 -31.38 18.09
CA GLN B 487 44.78 -31.25 16.63
C GLN B 487 45.58 -30.01 16.24
N GLY B 488 45.72 -29.08 17.17
CA GLY B 488 46.46 -27.85 16.89
C GLY B 488 45.53 -26.65 16.82
N ARG B 489 44.25 -26.89 17.13
CA ARG B 489 43.24 -25.84 17.11
C ARG B 489 43.29 -24.98 18.38
N LEU B 490 43.33 -23.67 18.19
CA LEU B 490 43.36 -22.75 19.32
C LEU B 490 41.95 -22.16 19.50
N TYR B 491 41.02 -22.63 18.68
CA TYR B 491 39.63 -22.16 18.72
C TYR B 491 38.65 -23.26 18.41
N PRO B 492 37.40 -23.14 18.90
CA PRO B 492 36.41 -24.17 18.63
C PRO B 492 36.24 -24.27 17.11
N PRO B 493 35.89 -25.45 16.60
CA PRO B 493 35.70 -25.61 15.15
C PRO B 493 34.67 -24.63 14.60
N LEU B 494 34.98 -24.02 13.47
CA LEU B 494 34.10 -23.05 12.82
C LEU B 494 32.72 -23.62 12.54
N ALA B 495 32.66 -24.93 12.28
CA ALA B 495 31.40 -25.60 12.00
C ALA B 495 30.41 -25.46 13.17
N ASN B 496 30.91 -25.18 14.37
CA ASN B 496 30.02 -25.04 15.52
C ASN B 496 29.93 -23.57 15.94
N ILE B 497 30.14 -22.65 15.00
CA ILE B 497 30.10 -21.23 15.36
C ILE B 497 28.76 -20.75 15.89
N GLN B 498 27.68 -21.41 15.48
CA GLN B 498 26.35 -21.04 15.97
C GLN B 498 26.27 -21.28 17.48
N GLU B 499 26.52 -22.52 17.88
CA GLU B 499 26.45 -22.89 19.29
C GLU B 499 27.49 -22.11 20.11
N VAL B 500 28.66 -21.88 19.51
CA VAL B 500 29.72 -21.15 20.20
C VAL B 500 29.30 -19.71 20.50
N SER B 501 28.64 -19.09 19.51
CA SER B 501 28.16 -17.71 19.67
C SER B 501 27.07 -17.60 20.73
N ILE B 502 26.14 -18.55 20.73
CA ILE B 502 25.07 -18.57 21.72
C ILE B 502 25.64 -18.72 23.12
N ASN B 503 26.62 -19.60 23.29
CA ASN B 503 27.24 -19.81 24.61
C ASN B 503 27.98 -18.57 25.06
N ILE B 504 28.65 -17.88 24.14
CA ILE B 504 29.36 -16.66 24.48
C ILE B 504 28.33 -15.62 24.94
N ALA B 505 27.22 -15.55 24.22
CA ALA B 505 26.16 -14.59 24.54
C ALA B 505 25.58 -14.87 25.93
N ILE B 506 25.37 -16.14 26.25
CA ILE B 506 24.82 -16.47 27.55
C ILE B 506 25.79 -16.06 28.66
N LYS B 507 27.08 -16.30 28.44
CA LYS B 507 28.08 -15.93 29.42
C LYS B 507 28.13 -14.42 29.59
N VAL B 508 28.11 -13.71 28.46
CA VAL B 508 28.16 -12.25 28.51
C VAL B 508 26.92 -11.65 29.17
N THR B 509 25.74 -12.22 28.94
CA THR B 509 24.55 -11.65 29.57
C THR B 509 24.67 -11.85 31.08
N GLU B 510 25.17 -13.01 31.49
CA GLU B 510 25.33 -13.28 32.91
C GLU B 510 26.31 -12.28 33.52
N TYR B 511 27.34 -11.93 32.75
CA TYR B 511 28.33 -10.95 33.18
C TYR B 511 27.69 -9.56 33.30
N LEU B 512 26.94 -9.17 32.27
CA LEU B 512 26.27 -7.87 32.25
C LEU B 512 25.32 -7.65 33.43
N TYR B 513 24.54 -8.68 33.78
CA TYR B 513 23.61 -8.55 34.89
C TYR B 513 24.30 -8.53 36.24
N ALA B 514 25.30 -9.39 36.42
CA ALA B 514 26.03 -9.48 37.67
C ALA B 514 26.78 -8.19 37.97
N ASN B 515 27.15 -7.45 36.93
CA ASN B 515 27.90 -6.22 37.12
C ASN B 515 27.02 -4.98 36.92
N LYS B 516 25.71 -5.18 36.96
CA LYS B 516 24.75 -4.10 36.82
C LYS B 516 24.96 -3.25 35.56
N MSE B 517 25.08 -3.91 34.43
CA MSE B 517 25.27 -3.24 33.15
C MSE B 517 24.11 -3.54 32.23
O MSE B 517 24.02 -3.00 31.13
CB MSE B 517 26.58 -3.67 32.52
CG MSE B 517 27.80 -3.29 33.35
SE MSE B 517 29.40 -4.04 32.55
CE MSE B 517 30.39 -2.40 32.34
N ALA B 518 23.21 -4.43 32.68
CA ALA B 518 22.04 -4.81 31.91
C ALA B 518 20.84 -4.08 32.48
N PHE B 519 19.99 -3.53 31.61
CA PHE B 519 18.81 -2.81 32.07
C PHE B 519 17.50 -3.39 31.61
N ARG B 520 17.55 -4.60 31.04
CA ARG B 520 16.34 -5.25 30.59
C ARG B 520 15.69 -5.82 31.86
N TYR B 521 14.39 -5.57 32.03
CA TYR B 521 13.68 -6.06 33.20
C TYR B 521 12.43 -6.85 32.79
N PRO B 522 12.05 -7.85 33.60
CA PRO B 522 12.76 -8.25 34.82
C PRO B 522 14.01 -9.04 34.44
N GLU B 523 14.92 -9.21 35.38
CA GLU B 523 16.12 -9.99 35.12
C GLU B 523 15.69 -11.45 35.04
N PRO B 524 16.04 -12.13 33.95
CA PRO B 524 15.67 -13.55 33.81
C PRO B 524 16.38 -14.47 34.80
N GLU B 525 15.68 -15.50 35.28
CA GLU B 525 16.25 -16.45 36.23
C GLU B 525 17.32 -17.30 35.54
N ASP B 526 16.93 -17.95 34.44
CA ASP B 526 17.82 -18.79 33.66
C ASP B 526 18.26 -18.08 32.38
N LYS B 527 19.46 -17.48 32.43
CA LYS B 527 20.00 -16.75 31.29
C LYS B 527 20.11 -17.57 30.01
N ALA B 528 20.47 -18.84 30.15
CA ALA B 528 20.60 -19.72 29.01
C ALA B 528 19.29 -19.85 28.26
N LYS B 529 18.19 -20.05 28.98
CA LYS B 529 16.89 -20.18 28.36
C LYS B 529 16.43 -18.85 27.77
N TYR B 530 16.74 -17.77 28.47
CA TYR B 530 16.39 -16.41 28.06
C TYR B 530 16.97 -16.09 26.67
N VAL B 531 18.22 -16.48 26.46
CA VAL B 531 18.88 -16.22 25.18
C VAL B 531 18.41 -17.13 24.06
N LYS B 532 18.32 -18.43 24.33
CA LYS B 532 17.90 -19.38 23.32
C LYS B 532 16.47 -19.20 22.84
N GLU B 533 15.60 -18.72 23.73
CA GLU B 533 14.20 -18.48 23.38
C GLU B 533 14.03 -17.26 22.47
N ARG B 534 15.05 -16.39 22.43
CA ARG B 534 14.94 -15.19 21.61
C ARG B 534 15.78 -15.15 20.34
N THR B 535 16.31 -16.30 19.92
CA THR B 535 17.12 -16.32 18.73
C THR B 535 16.23 -16.52 17.50
N TRP B 536 16.50 -15.74 16.47
CA TRP B 536 15.75 -15.82 15.23
C TRP B 536 16.08 -17.14 14.56
N ARG B 537 15.10 -17.77 13.93
CA ARG B 537 15.32 -19.05 13.26
C ARG B 537 15.07 -18.87 11.76
N SER B 538 15.71 -19.69 10.94
CA SER B 538 15.56 -19.62 9.49
C SER B 538 14.40 -20.46 8.96
N GLU B 539 13.61 -21.07 9.84
CA GLU B 539 12.46 -21.89 9.46
C GLU B 539 11.31 -20.96 9.08
N TYR B 540 10.60 -21.29 8.02
CA TYR B 540 9.47 -20.49 7.55
C TYR B 540 8.40 -20.35 8.62
N ASP B 541 7.83 -19.14 8.73
CA ASP B 541 6.75 -18.89 9.69
C ASP B 541 5.44 -18.94 8.91
N SER B 542 4.34 -19.18 9.60
CA SER B 542 3.05 -19.21 8.93
C SER B 542 2.56 -17.77 8.72
N LEU B 543 2.09 -17.47 7.52
CA LEU B 543 1.59 -16.15 7.20
C LEU B 543 0.07 -16.12 7.18
N LEU B 544 -0.55 -17.21 7.63
CA LEU B 544 -2.00 -17.30 7.64
C LEU B 544 -2.67 -16.40 8.67
N PRO B 545 -3.75 -15.73 8.25
CA PRO B 545 -4.45 -14.86 9.20
C PRO B 545 -5.14 -15.78 10.19
N ASP B 546 -5.35 -15.31 11.41
CA ASP B 546 -5.98 -16.13 12.44
C ASP B 546 -7.48 -16.32 12.20
N VAL B 547 -7.86 -17.50 11.70
CA VAL B 547 -9.26 -17.81 11.44
C VAL B 547 -9.78 -18.85 12.44
N TYR B 548 -10.91 -18.55 13.06
CA TYR B 548 -11.48 -19.46 14.05
C TYR B 548 -12.97 -19.25 14.26
N GLU B 549 -13.63 -20.31 14.66
CA GLU B 549 -15.07 -20.34 14.89
C GLU B 549 -15.43 -19.67 16.19
N TRP B 550 -16.54 -18.94 16.18
CA TRP B 550 -17.04 -18.24 17.35
C TRP B 550 -18.10 -19.14 18.00
N PRO B 551 -18.17 -19.14 19.34
CA PRO B 551 -19.15 -19.95 20.07
C PRO B 551 -20.58 -19.74 19.57
N GLU C 1 2.81 6.55 2.59
CA GLU C 1 1.88 6.57 1.47
C GLU C 1 1.70 7.96 0.86
N LYS C 2 1.17 7.99 -0.35
CA LYS C 2 0.89 9.24 -1.05
C LYS C 2 -0.46 9.10 -1.74
N GLY C 3 -0.99 10.20 -2.24
CA GLY C 3 -2.27 10.13 -2.92
C GLY C 3 -3.48 10.13 -1.99
N LYS C 4 -4.62 9.79 -2.57
CA LYS C 4 -5.90 9.74 -1.87
C LYS C 4 -5.81 9.15 -0.46
N PRO C 5 -4.97 8.12 -0.26
CA PRO C 5 -4.85 7.54 1.08
C PRO C 5 -4.46 8.57 2.16
N LEU C 6 -3.71 9.59 1.78
CA LEU C 6 -3.33 10.63 2.75
C LEU C 6 -4.56 11.37 3.25
N MSE C 7 -5.57 11.47 2.39
CA MSE C 7 -6.79 12.18 2.74
C MSE C 7 -7.82 11.32 3.45
O MSE C 7 -8.66 11.83 4.21
CB MSE C 7 -7.41 12.76 1.47
CG MSE C 7 -6.52 13.77 0.78
SE MSE C 7 -7.21 14.12 -0.99
CE MSE C 7 -8.91 14.86 -0.51
N LEU C 8 -7.76 10.02 3.22
CA LEU C 8 -8.68 9.08 3.85
C LEU C 8 -8.29 8.80 5.31
N ASN C 9 -7.01 9.00 5.64
CA ASN C 9 -6.54 8.78 7.00
C ASN C 9 -6.58 10.09 7.78
N PRO C 10 -7.41 10.15 8.83
CA PRO C 10 -7.54 11.36 9.66
C PRO C 10 -6.24 11.82 10.32
N ARG C 11 -5.30 10.88 10.47
CA ARG C 11 -4.01 11.17 11.09
C ARG C 11 -3.20 12.14 10.22
N THR C 12 -3.30 11.99 8.91
CA THR C 12 -2.55 12.82 7.96
C THR C 12 -3.35 13.86 7.18
N ASN C 13 -4.66 13.67 7.06
CA ASN C 13 -5.50 14.61 6.30
C ASN C 13 -5.55 16.03 6.83
N LYS C 14 -5.21 16.98 5.97
CA LYS C 14 -5.23 18.39 6.35
C LYS C 14 -6.35 19.15 5.63
N GLY C 15 -7.13 18.45 4.82
CA GLY C 15 -8.20 19.11 4.09
C GLY C 15 -7.60 20.14 3.15
N MSE C 16 -8.21 21.32 3.04
CA MSE C 16 -7.66 22.35 2.17
C MSE C 16 -6.38 23.01 2.72
O MSE C 16 -5.80 23.87 2.05
CB MSE C 16 -8.74 23.40 1.88
CG MSE C 16 -9.79 22.89 0.90
SE MSE C 16 -11.12 24.25 0.58
CE MSE C 16 -12.27 23.91 2.09
N ALA C 17 -5.94 22.60 3.90
CA ALA C 17 -4.71 23.16 4.48
C ALA C 17 -3.45 22.53 3.86
N PHE C 18 -3.61 21.50 3.04
CA PHE C 18 -2.46 20.92 2.34
C PHE C 18 -1.96 22.08 1.45
N THR C 19 -0.68 22.41 1.53
CA THR C 19 -0.14 23.52 0.71
C THR C 19 -0.08 23.12 -0.76
N LEU C 20 0.10 24.10 -1.65
CA LEU C 20 0.19 23.80 -3.07
C LEU C 20 1.34 22.84 -3.37
N GLN C 21 2.50 23.08 -2.75
CA GLN C 21 3.65 22.18 -2.97
C GLN C 21 3.37 20.77 -2.51
N GLU C 22 2.72 20.64 -1.35
CA GLU C 22 2.41 19.32 -0.81
C GLU C 22 1.49 18.55 -1.74
N ARG C 23 0.48 19.24 -2.27
CA ARG C 23 -0.48 18.61 -3.15
C ARG C 23 0.19 18.12 -4.43
N GLN C 24 1.06 18.94 -4.99
CA GLN C 24 1.74 18.55 -6.21
C GLN C 24 2.73 17.41 -5.99
N MSE C 25 3.47 17.45 -4.89
CA MSE C 25 4.43 16.38 -4.65
C MSE C 25 3.82 15.09 -4.12
O MSE C 25 4.37 14.01 -4.35
CB MSE C 25 5.53 16.87 -3.71
CG MSE C 25 6.67 17.56 -4.46
SE MSE C 25 7.95 18.26 -3.21
CE MSE C 25 7.49 20.12 -3.31
N LEU C 26 2.69 15.18 -3.42
CA LEU C 26 2.06 13.99 -2.86
C LEU C 26 0.88 13.43 -3.68
N GLY C 27 0.74 13.87 -4.91
CA GLY C 27 -0.34 13.39 -5.77
C GLY C 27 -1.74 13.78 -5.35
N LEU C 28 -1.90 14.97 -4.79
CA LEU C 28 -3.21 15.42 -4.34
C LEU C 28 -3.79 16.53 -5.20
N GLN C 29 -3.00 17.08 -6.12
CA GLN C 29 -3.50 18.15 -7.00
C GLN C 29 -4.75 17.69 -7.74
N GLY C 30 -5.82 18.48 -7.63
CA GLY C 30 -7.05 18.12 -8.30
C GLY C 30 -8.04 17.38 -7.42
N LEU C 31 -7.58 16.80 -6.33
CA LEU C 31 -8.47 16.07 -5.43
C LEU C 31 -9.02 17.00 -4.36
N LEU C 32 -8.47 18.20 -4.30
CA LEU C 32 -8.89 19.18 -3.31
C LEU C 32 -9.29 20.44 -4.06
N PRO C 33 -10.16 21.28 -3.46
CA PRO C 33 -10.58 22.53 -4.10
C PRO C 33 -9.32 23.39 -4.31
N PRO C 34 -9.31 24.29 -5.31
CA PRO C 34 -8.15 25.15 -5.56
C PRO C 34 -7.67 25.99 -4.36
N LYS C 35 -8.59 26.38 -3.50
CA LYS C 35 -8.30 27.17 -2.30
C LYS C 35 -7.32 26.52 -1.32
N ILE C 36 -6.33 27.29 -0.86
CA ILE C 36 -5.38 26.82 0.15
C ILE C 36 -5.89 27.48 1.44
N GLU C 37 -6.32 26.69 2.41
CA GLU C 37 -6.80 27.27 3.66
C GLU C 37 -5.76 27.12 4.75
N THR C 38 -6.03 27.76 5.89
CA THR C 38 -5.15 27.68 7.05
C THR C 38 -5.98 26.98 8.10
N GLN C 39 -5.34 26.52 9.18
CA GLN C 39 -6.07 25.86 10.23
C GLN C 39 -7.03 26.85 10.90
N ASP C 40 -6.64 28.11 10.93
CA ASP C 40 -7.47 29.16 11.53
C ASP C 40 -8.83 29.24 10.81
N ILE C 41 -8.81 29.17 9.49
CA ILE C 41 -10.05 29.25 8.70
C ILE C 41 -10.94 28.04 8.98
N GLN C 42 -10.31 26.87 9.07
CA GLN C 42 -11.02 25.64 9.34
C GLN C 42 -11.67 25.73 10.71
N ALA C 43 -10.95 26.28 11.67
CA ALA C 43 -11.47 26.42 13.02
C ALA C 43 -12.68 27.36 12.97
N LEU C 44 -12.60 28.42 12.19
CA LEU C 44 -13.70 29.37 12.07
C LEU C 44 -14.95 28.68 11.52
N ARG C 45 -14.76 27.84 10.51
CA ARG C 45 -15.85 27.09 9.91
C ARG C 45 -16.55 26.27 10.98
N PHE C 46 -15.75 25.64 11.83
CA PHE C 46 -16.30 24.81 12.90
C PHE C 46 -17.11 25.60 13.93
N HIS C 47 -16.55 26.68 14.46
CA HIS C 47 -17.28 27.45 15.46
C HIS C 47 -18.57 28.04 14.89
N ARG C 48 -18.55 28.37 13.61
CA ARG C 48 -19.74 28.93 12.95
C ARG C 48 -20.84 27.88 12.94
N ASN C 49 -20.52 26.67 12.49
CA ASN C 49 -21.49 25.57 12.45
C ASN C 49 -21.96 25.17 13.86
N LEU C 50 -21.02 25.06 14.78
CA LEU C 50 -21.36 24.66 16.14
C LEU C 50 -22.37 25.59 16.80
N LYS C 51 -22.22 26.88 16.53
CA LYS C 51 -23.12 27.89 17.10
C LYS C 51 -24.57 27.72 16.65
N LYS C 52 -24.78 27.20 15.45
CA LYS C 52 -26.12 27.01 14.92
C LYS C 52 -26.78 25.72 15.40
N MSE C 53 -26.04 24.88 16.11
CA MSE C 53 -26.61 23.63 16.59
C MSE C 53 -27.29 23.77 17.94
O MSE C 53 -26.94 24.63 18.74
CB MSE C 53 -25.52 22.56 16.66
CG MSE C 53 -25.06 22.13 15.29
SE MSE C 53 -23.65 20.84 15.45
CE MSE C 53 -23.22 20.66 13.58
N THR C 54 -28.27 22.91 18.18
CA THR C 54 -29.08 22.96 19.40
C THR C 54 -28.74 21.99 20.52
N SER C 55 -28.92 20.70 20.28
CA SER C 55 -28.66 19.70 21.31
C SER C 55 -27.21 19.31 21.50
N PRO C 56 -26.84 18.96 22.74
CA PRO C 56 -25.48 18.55 23.08
C PRO C 56 -25.09 17.30 22.31
N LEU C 57 -26.01 16.34 22.20
CA LEU C 57 -25.74 15.10 21.49
C LEU C 57 -25.41 15.37 20.02
N GLU C 58 -26.12 16.30 19.40
CA GLU C 58 -25.86 16.64 18.01
C GLU C 58 -24.45 17.21 17.92
N LYS C 59 -24.08 18.04 18.89
CA LYS C 59 -22.75 18.67 18.92
C LYS C 59 -21.66 17.60 19.12
N TYR C 60 -21.98 16.57 19.90
CA TYR C 60 -21.06 15.46 20.16
C TYR C 60 -20.80 14.68 18.86
N ILE C 61 -21.88 14.34 18.17
CA ILE C 61 -21.76 13.60 16.92
C ILE C 61 -20.93 14.37 15.90
N TYR C 62 -21.11 15.68 15.85
CA TYR C 62 -20.36 16.53 14.93
C TYR C 62 -18.88 16.66 15.31
N ILE C 63 -18.57 17.02 16.55
CA ILE C 63 -17.16 17.15 16.92
C ILE C 63 -16.39 15.83 16.92
N MSE C 64 -16.95 14.77 17.50
CA MSE C 64 -16.25 13.49 17.50
C MSE C 64 -16.05 12.98 16.05
O MSE C 64 -15.09 12.28 15.75
CB MSE C 64 -17.01 12.44 18.33
CG MSE C 64 -17.16 12.78 19.84
SE MSE C 64 -15.40 13.09 20.67
CE MSE C 64 -14.70 11.31 20.60
N GLY C 65 -16.95 13.36 15.14
CA GLY C 65 -16.78 12.96 13.75
C GLY C 65 -15.57 13.64 13.13
N ILE C 66 -15.20 14.82 13.63
CA ILE C 66 -14.03 15.53 13.11
C ILE C 66 -12.78 14.70 13.40
N GLN C 67 -12.74 14.05 14.56
CA GLN C 67 -11.61 13.21 14.94
C GLN C 67 -11.39 12.09 13.91
N GLU C 68 -12.45 11.68 13.22
CA GLU C 68 -12.32 10.62 12.23
C GLU C 68 -12.11 11.17 10.81
N ARG C 69 -11.96 12.49 10.67
CA ARG C 69 -11.76 13.09 9.37
C ARG C 69 -10.44 13.89 9.28
N ASN C 70 -10.15 14.65 10.33
CA ASN C 70 -8.95 15.49 10.42
C ASN C 70 -8.54 15.59 11.89
N GLU C 71 -7.68 14.68 12.30
CA GLU C 71 -7.20 14.61 13.68
C GLU C 71 -6.60 15.92 14.21
N LYS C 72 -5.73 16.54 13.43
CA LYS C 72 -5.13 17.80 13.86
C LYS C 72 -6.19 18.86 14.14
N LEU C 73 -7.13 19.00 13.21
CA LEU C 73 -8.19 19.98 13.36
C LEU C 73 -9.04 19.70 14.60
N PHE C 74 -9.31 18.41 14.84
CA PHE C 74 -10.10 17.99 16.00
C PHE C 74 -9.47 18.54 17.30
N TYR C 75 -8.17 18.36 17.48
CA TYR C 75 -7.52 18.86 18.70
C TYR C 75 -7.40 20.38 18.75
N ARG C 76 -7.19 21.02 17.61
CA ARG C 76 -7.12 22.47 17.57
C ARG C 76 -8.46 23.00 18.11
N ILE C 77 -9.55 22.41 17.65
CA ILE C 77 -10.89 22.79 18.08
C ILE C 77 -11.10 22.65 19.60
N LEU C 78 -10.69 21.52 20.15
CA LEU C 78 -10.81 21.31 21.58
C LEU C 78 -9.99 22.38 22.32
N GLN C 79 -8.77 22.60 21.84
CA GLN C 79 -7.86 23.57 22.41
C GLN C 79 -8.39 25.01 22.37
N ASP C 80 -9.17 25.34 21.34
CA ASP C 80 -9.73 26.69 21.23
C ASP C 80 -10.60 27.09 22.42
N ASP C 81 -11.38 26.14 22.93
CA ASP C 81 -12.24 26.43 24.09
C ASP C 81 -12.63 25.16 24.81
N ILE C 82 -11.65 24.54 25.47
CA ILE C 82 -11.85 23.30 26.17
C ILE C 82 -12.94 23.33 27.24
N GLU C 83 -13.18 24.48 27.85
CA GLU C 83 -14.18 24.55 28.89
C GLU C 83 -15.61 24.45 28.36
N SER C 84 -15.87 25.06 27.22
CA SER C 84 -17.20 24.98 26.66
C SER C 84 -17.45 23.63 25.99
N LEU C 85 -16.38 22.97 25.53
CA LEU C 85 -16.53 21.68 24.87
C LEU C 85 -16.46 20.46 25.79
N MSE C 86 -15.90 20.65 26.98
CA MSE C 86 -15.77 19.58 27.95
C MSE C 86 -17.10 18.88 28.27
O MSE C 86 -17.16 17.66 28.32
CB MSE C 86 -15.17 20.13 29.26
CG MSE C 86 -14.75 19.07 30.25
SE MSE C 86 -13.30 18.02 29.51
CE MSE C 86 -11.86 19.19 30.02
N PRO C 87 -18.18 19.66 28.47
CA PRO C 87 -19.51 19.09 28.77
C PRO C 87 -20.10 18.31 27.61
N ILE C 88 -19.58 18.58 26.41
CA ILE C 88 -20.05 17.91 25.20
C ILE C 88 -19.29 16.61 24.92
N VAL C 89 -17.97 16.66 24.99
CA VAL C 89 -17.15 15.48 24.70
C VAL C 89 -16.91 14.61 25.94
N TYR C 90 -17.22 15.16 27.10
CA TYR C 90 -17.00 14.43 28.34
C TYR C 90 -18.31 14.47 29.14
N THR C 91 -18.24 14.39 30.46
CA THR C 91 -19.48 14.39 31.25
C THR C 91 -20.13 15.76 31.17
N PRO C 92 -21.47 15.81 31.08
CA PRO C 92 -22.46 14.72 31.03
C PRO C 92 -22.84 14.12 29.68
N THR C 93 -22.62 14.86 28.59
CA THR C 93 -23.01 14.33 27.28
C THR C 93 -22.43 12.99 26.86
N VAL C 94 -21.21 12.68 27.28
CA VAL C 94 -20.61 11.40 26.91
C VAL C 94 -21.46 10.25 27.48
N GLY C 95 -22.06 10.49 28.65
CA GLY C 95 -22.92 9.46 29.23
C GLY C 95 -24.14 9.27 28.35
N LEU C 96 -24.64 10.35 27.77
CA LEU C 96 -25.79 10.27 26.88
C LEU C 96 -25.41 9.52 25.60
N ALA C 97 -24.23 9.83 25.07
CA ALA C 97 -23.75 9.17 23.85
C ALA C 97 -23.61 7.67 24.05
N CYS C 98 -23.01 7.26 25.17
CA CYS C 98 -22.85 5.84 25.45
C CYS C 98 -24.20 5.11 25.48
N SER C 99 -25.16 5.66 26.19
CA SER C 99 -26.46 5.00 26.29
C SER C 99 -27.16 4.90 24.93
N GLN C 100 -26.68 5.65 23.94
CA GLN C 100 -27.25 5.64 22.59
C GLN C 100 -26.22 5.29 21.53
N TYR C 101 -25.07 4.77 21.96
CA TYR C 101 -23.98 4.43 21.05
C TYR C 101 -24.39 3.68 19.79
N GLY C 102 -25.20 2.63 19.95
CA GLY C 102 -25.62 1.86 18.79
C GLY C 102 -26.53 2.60 17.83
N HIS C 103 -27.18 3.65 18.33
CA HIS C 103 -28.10 4.45 17.52
C HIS C 103 -27.37 5.49 16.70
N ILE C 104 -26.28 6.04 17.24
CA ILE C 104 -25.52 7.10 16.56
C ILE C 104 -24.26 6.64 15.84
N PHE C 105 -24.01 5.33 15.89
CA PHE C 105 -22.83 4.73 15.26
C PHE C 105 -22.60 5.07 13.78
N ARG C 106 -21.36 5.40 13.44
CA ARG C 106 -20.97 5.70 12.06
C ARG C 106 -19.66 4.99 11.74
N ARG C 107 -18.68 5.12 12.63
CA ARG C 107 -17.38 4.48 12.46
C ARG C 107 -16.88 3.94 13.80
N PRO C 108 -16.21 2.79 13.78
CA PRO C 108 -15.72 2.25 15.05
C PRO C 108 -14.44 2.93 15.48
N LYS C 109 -14.21 3.00 16.78
CA LYS C 109 -13.02 3.62 17.32
C LYS C 109 -12.52 2.66 18.38
N GLY C 110 -11.23 2.38 18.35
CA GLY C 110 -10.68 1.48 19.35
C GLY C 110 -10.67 0.01 18.97
N LEU C 111 -10.15 -0.80 19.88
CA LEU C 111 -10.04 -2.24 19.71
C LEU C 111 -11.11 -2.98 20.52
N PHE C 112 -11.74 -3.97 19.91
CA PHE C 112 -12.77 -4.74 20.59
C PHE C 112 -12.35 -6.19 20.75
N ILE C 113 -12.30 -6.62 22.00
CA ILE C 113 -11.91 -7.98 22.33
C ILE C 113 -13.05 -8.64 23.06
N SER C 114 -13.61 -9.69 22.49
CA SER C 114 -14.71 -10.39 23.13
C SER C 114 -14.30 -11.74 23.69
N ILE C 115 -15.10 -12.23 24.62
CA ILE C 115 -14.86 -13.51 25.25
C ILE C 115 -14.84 -14.61 24.17
N SER C 116 -15.49 -14.36 23.03
CA SER C 116 -15.51 -15.33 21.94
C SER C 116 -14.15 -15.40 21.23
N ASP C 117 -13.27 -14.45 21.51
CA ASP C 117 -11.95 -14.42 20.89
C ASP C 117 -10.88 -15.01 21.82
N ARG C 118 -11.30 -15.59 22.95
CA ARG C 118 -10.33 -16.16 23.87
C ARG C 118 -9.42 -17.12 23.13
N GLY C 119 -8.12 -16.99 23.38
CA GLY C 119 -7.14 -17.84 22.74
C GLY C 119 -6.60 -17.23 21.45
N HIS C 120 -7.11 -16.05 21.10
CA HIS C 120 -6.70 -15.37 19.87
C HIS C 120 -6.60 -13.86 20.07
N VAL C 121 -6.42 -13.44 21.32
CA VAL C 121 -6.32 -12.01 21.59
C VAL C 121 -5.10 -11.36 20.95
N ARG C 122 -4.01 -12.10 20.82
CA ARG C 122 -2.80 -11.55 20.22
C ARG C 122 -3.01 -11.17 18.76
N SER C 123 -3.75 -12.00 18.02
CA SER C 123 -4.00 -11.71 16.62
C SER C 123 -4.85 -10.45 16.47
N ILE C 124 -5.72 -10.18 17.44
CA ILE C 124 -6.55 -8.99 17.41
C ILE C 124 -5.67 -7.76 17.66
N VAL C 125 -4.81 -7.85 18.66
CA VAL C 125 -3.90 -6.79 19.00
C VAL C 125 -2.97 -6.47 17.82
N ASP C 126 -2.58 -7.49 17.06
CA ASP C 126 -1.71 -7.30 15.91
C ASP C 126 -2.43 -6.61 14.76
N ASN C 127 -3.76 -6.58 14.80
CA ASN C 127 -4.51 -5.92 13.74
C ASN C 127 -4.56 -4.40 13.88
N TRP C 128 -4.21 -3.89 15.07
CA TRP C 128 -4.21 -2.44 15.27
C TRP C 128 -3.08 -1.89 14.43
N PRO C 129 -3.39 -0.91 13.56
CA PRO C 129 -2.49 -0.23 12.63
C PRO C 129 -1.24 0.42 13.24
N GLU C 130 -1.39 1.09 14.38
CA GLU C 130 -0.25 1.77 15.00
C GLU C 130 0.75 0.84 15.68
N ASN C 131 2.02 1.14 15.47
CA ASN C 131 3.12 0.32 16.00
C ASN C 131 3.74 0.72 17.33
N HIS C 132 3.57 1.97 17.73
CA HIS C 132 4.20 2.39 18.97
C HIS C 132 3.27 2.89 20.06
N VAL C 133 2.31 2.06 20.47
CA VAL C 133 1.36 2.44 21.50
C VAL C 133 2.02 2.62 22.88
N LYS C 134 1.72 3.75 23.53
CA LYS C 134 2.27 4.03 24.84
C LYS C 134 1.20 4.12 25.93
N ALA C 135 -0.06 4.28 25.52
CA ALA C 135 -1.15 4.39 26.49
C ALA C 135 -2.41 3.70 26.03
N VAL C 136 -2.94 2.87 26.91
CA VAL C 136 -4.16 2.12 26.68
C VAL C 136 -5.17 2.44 27.78
N VAL C 137 -6.42 2.63 27.38
CA VAL C 137 -7.51 2.85 28.33
C VAL C 137 -8.47 1.72 27.97
N VAL C 138 -8.79 0.87 28.95
CA VAL C 138 -9.65 -0.28 28.71
C VAL C 138 -10.83 -0.34 29.69
N THR C 139 -11.97 -0.83 29.19
CA THR C 139 -13.19 -0.95 29.99
C THR C 139 -13.95 -2.19 29.57
N ASP C 140 -14.76 -2.74 30.47
CA ASP C 140 -15.61 -3.88 30.14
C ASP C 140 -17.06 -3.38 30.14
N GLY C 141 -17.22 -2.08 30.37
CA GLY C 141 -18.53 -1.45 30.36
C GLY C 141 -19.52 -1.81 31.45
N GLU C 142 -19.08 -2.48 32.50
CA GLU C 142 -20.01 -2.85 33.55
C GLU C 142 -20.43 -1.69 34.45
N ARG C 143 -19.59 -0.67 34.56
CA ARG C 143 -19.93 0.45 35.42
C ARG C 143 -19.58 1.79 34.75
N ILE C 144 -20.34 2.17 33.73
CA ILE C 144 -20.09 3.42 33.04
C ILE C 144 -20.63 4.60 33.85
N LEU C 145 -19.73 5.43 34.37
CA LEU C 145 -20.12 6.56 35.19
C LEU C 145 -21.12 6.00 36.22
N GLY C 146 -22.25 6.67 36.41
CA GLY C 146 -23.26 6.19 37.34
C GLY C 146 -24.44 5.61 36.60
N LEU C 147 -24.22 5.26 35.34
CA LEU C 147 -25.25 4.70 34.46
C LEU C 147 -25.37 3.17 34.51
N GLY C 148 -24.44 2.52 35.19
CA GLY C 148 -24.46 1.07 35.28
C GLY C 148 -23.81 0.33 34.14
N ASP C 149 -24.30 -0.87 33.87
CA ASP C 149 -23.78 -1.73 32.82
C ASP C 149 -24.35 -1.38 31.44
N LEU C 150 -23.49 -0.91 30.54
CA LEU C 150 -23.90 -0.55 29.19
C LEU C 150 -23.18 -1.42 28.16
N GLY C 151 -22.48 -2.45 28.63
CA GLY C 151 -21.78 -3.34 27.72
C GLY C 151 -20.87 -2.60 26.75
N VAL C 152 -20.83 -3.06 25.50
CA VAL C 152 -19.99 -2.44 24.49
C VAL C 152 -20.33 -0.97 24.21
N TYR C 153 -21.52 -0.52 24.58
CA TYR C 153 -21.89 0.88 24.37
C TYR C 153 -20.93 1.71 25.21
N GLY C 154 -20.25 1.05 26.14
CA GLY C 154 -19.31 1.74 27.01
C GLY C 154 -18.02 2.19 26.33
N MSE C 155 -17.79 1.77 25.09
CA MSE C 155 -16.57 2.15 24.38
C MSE C 155 -16.41 3.67 24.28
O MSE C 155 -15.31 4.17 24.06
CB MSE C 155 -16.52 1.53 22.97
CG MSE C 155 -15.32 1.98 22.12
SE MSE C 155 -13.60 1.51 22.98
CE MSE C 155 -13.11 0.02 21.87
N GLY C 156 -17.51 4.39 24.43
CA GLY C 156 -17.43 5.83 24.34
C GLY C 156 -16.58 6.44 25.44
N ILE C 157 -16.48 5.73 26.55
CA ILE C 157 -15.69 6.25 27.66
C ILE C 157 -14.19 6.22 27.36
N PRO C 158 -13.63 5.06 27.00
CA PRO C 158 -12.18 5.03 26.73
C PRO C 158 -11.81 6.00 25.60
N VAL C 159 -12.68 6.11 24.60
CA VAL C 159 -12.45 7.04 23.50
C VAL C 159 -12.39 8.47 24.04
N GLY C 160 -13.34 8.83 24.88
CA GLY C 160 -13.34 10.18 25.43
C GLY C 160 -12.13 10.45 26.32
N LYS C 161 -11.78 9.48 27.15
CA LYS C 161 -10.64 9.58 28.05
C LYS C 161 -9.36 9.87 27.25
N LEU C 162 -9.12 9.11 26.20
CA LEU C 162 -7.90 9.31 25.40
C LEU C 162 -7.86 10.65 24.70
N CYS C 163 -9.01 11.20 24.34
CA CYS C 163 -9.03 12.51 23.70
C CYS C 163 -8.48 13.53 24.68
N LEU C 164 -8.82 13.35 25.95
CA LEU C 164 -8.34 14.25 27.00
C LEU C 164 -6.83 14.04 27.21
N TYR C 165 -6.37 12.81 27.01
CA TYR C 165 -4.94 12.52 27.13
C TYR C 165 -4.21 13.53 26.25
N THR C 166 -4.64 13.60 25.00
CA THR C 166 -4.04 14.50 24.02
C THR C 166 -4.41 15.96 24.23
N ALA C 167 -5.70 16.24 24.37
CA ALA C 167 -6.15 17.61 24.53
C ALA C 167 -5.56 18.30 25.75
N CYS C 168 -5.46 17.57 26.85
CA CYS C 168 -4.94 18.13 28.09
C CYS C 168 -3.44 18.02 28.33
N ALA C 169 -2.85 16.87 28.03
CA ALA C 169 -1.42 16.68 28.31
C ALA C 169 -0.50 16.56 27.11
N GLY C 170 -1.05 16.63 25.91
CA GLY C 170 -0.22 16.56 24.73
C GLY C 170 0.42 15.21 24.47
N ILE C 171 -0.25 14.16 24.89
CA ILE C 171 0.23 12.81 24.65
C ILE C 171 -0.14 12.54 23.19
N ARG C 172 0.78 11.97 22.42
CA ARG C 172 0.52 11.72 21.01
C ARG C 172 -0.68 10.80 20.75
N PRO C 173 -1.66 11.28 19.99
CA PRO C 173 -2.86 10.51 19.65
C PRO C 173 -2.59 9.11 19.06
N ASP C 174 -1.58 9.03 18.19
CA ASP C 174 -1.21 7.78 17.56
C ASP C 174 -0.57 6.78 18.53
N ARG C 175 -0.28 7.22 19.75
CA ARG C 175 0.32 6.36 20.75
C ARG C 175 -0.73 5.94 21.78
N CYS C 176 -1.99 6.27 21.51
CA CYS C 176 -3.10 5.94 22.41
C CYS C 176 -3.99 4.86 21.81
N LEU C 177 -4.50 3.98 22.67
CA LEU C 177 -5.35 2.88 22.25
C LEU C 177 -6.56 2.64 23.15
N PRO C 178 -7.78 2.94 22.65
CA PRO C 178 -9.01 2.73 23.44
C PRO C 178 -9.35 1.26 23.27
N VAL C 179 -9.73 0.58 24.34
CA VAL C 179 -10.03 -0.85 24.26
C VAL C 179 -11.29 -1.21 25.02
N CYS C 180 -12.12 -2.04 24.40
CA CYS C 180 -13.34 -2.49 25.04
C CYS C 180 -13.35 -4.02 25.09
N ILE C 181 -13.50 -4.54 26.31
CA ILE C 181 -13.55 -5.97 26.56
C ILE C 181 -15.02 -6.36 26.64
N ASP C 182 -15.49 -7.18 25.69
CA ASP C 182 -16.88 -7.60 25.68
C ASP C 182 -17.10 -9.04 26.11
N VAL C 183 -17.66 -9.21 27.32
CA VAL C 183 -17.92 -10.54 27.84
C VAL C 183 -19.41 -10.69 28.11
N GLY C 184 -20.20 -9.85 27.46
CA GLY C 184 -21.64 -9.88 27.65
C GLY C 184 -22.09 -8.71 28.50
N THR C 185 -23.40 -8.60 28.71
CA THR C 185 -23.94 -7.50 29.52
C THR C 185 -25.15 -8.03 30.26
N ASP C 186 -25.43 -7.47 31.42
CA ASP C 186 -26.60 -7.91 32.20
C ASP C 186 -27.75 -6.92 32.04
N ASN C 187 -27.55 -5.95 31.15
CA ASN C 187 -28.56 -4.94 30.87
C ASN C 187 -29.61 -5.52 29.93
N ILE C 188 -30.77 -5.88 30.48
CA ILE C 188 -31.85 -6.49 29.71
C ILE C 188 -32.33 -5.66 28.53
N ALA C 189 -32.32 -4.34 28.67
CA ALA C 189 -32.77 -3.46 27.58
C ALA C 189 -31.89 -3.58 26.36
N LEU C 190 -30.58 -3.71 26.58
CA LEU C 190 -29.64 -3.83 25.48
C LEU C 190 -29.70 -5.19 24.81
N LEU C 191 -30.00 -6.23 25.58
CA LEU C 191 -30.08 -7.57 25.01
C LEU C 191 -31.25 -7.71 24.04
N LYS C 192 -32.15 -6.72 24.06
CA LYS C 192 -33.31 -6.73 23.19
C LYS C 192 -33.22 -5.60 22.15
N ASP C 193 -32.10 -4.88 22.17
CA ASP C 193 -31.85 -3.77 21.25
C ASP C 193 -31.21 -4.28 19.95
N PRO C 194 -31.91 -4.14 18.81
CA PRO C 194 -31.36 -4.60 17.54
C PRO C 194 -30.10 -3.84 17.13
N PHE C 195 -29.87 -2.68 17.76
CA PHE C 195 -28.70 -1.87 17.45
C PHE C 195 -27.52 -2.11 18.38
N TYR C 196 -27.71 -2.92 19.42
CA TYR C 196 -26.62 -3.24 20.35
C TYR C 196 -25.38 -3.71 19.58
N MSE C 197 -24.22 -3.22 19.99
CA MSE C 197 -22.93 -3.52 19.34
C MSE C 197 -22.09 -4.64 19.96
O MSE C 197 -20.98 -4.91 19.50
CB MSE C 197 -22.06 -2.25 19.29
CG MSE C 197 -22.58 -1.13 18.38
SE MSE C 197 -21.98 0.59 19.04
CE MSE C 197 -20.09 0.43 18.75
N GLY C 198 -22.61 -5.30 20.99
CA GLY C 198 -21.84 -6.37 21.61
C GLY C 198 -22.44 -7.75 21.46
N LEU C 199 -21.93 -8.70 22.24
CA LEU C 199 -22.42 -10.08 22.21
C LEU C 199 -23.77 -10.16 22.92
N TYR C 200 -24.71 -10.86 22.31
CA TYR C 200 -26.02 -10.99 22.96
C TYR C 200 -26.03 -12.13 23.97
N GLN C 201 -25.42 -11.87 25.12
CA GLN C 201 -25.38 -12.86 26.20
C GLN C 201 -25.18 -12.13 27.52
N LYS C 202 -25.51 -12.80 28.62
CA LYS C 202 -25.33 -12.23 29.94
C LYS C 202 -23.83 -12.21 30.23
N ARG C 203 -23.39 -11.38 31.17
CA ARG C 203 -21.97 -11.31 31.50
C ARG C 203 -21.39 -12.63 31.99
N ASP C 204 -20.29 -13.03 31.36
CA ASP C 204 -19.58 -14.26 31.75
C ASP C 204 -18.80 -13.90 33.00
N ARG C 205 -19.14 -14.50 34.12
CA ARG C 205 -18.44 -14.18 35.36
C ARG C 205 -17.59 -15.34 35.87
N THR C 206 -17.27 -16.29 35.00
CA THR C 206 -16.45 -17.44 35.39
C THR C 206 -14.98 -17.07 35.29
N GLN C 207 -14.12 -18.06 35.50
CA GLN C 207 -12.67 -17.86 35.42
C GLN C 207 -12.25 -17.50 34.00
N GLN C 208 -13.10 -17.80 33.02
CA GLN C 208 -12.79 -17.46 31.63
C GLN C 208 -12.70 -15.96 31.46
N TYR C 209 -13.40 -15.23 32.31
CA TYR C 209 -13.37 -13.78 32.26
C TYR C 209 -11.97 -13.33 32.71
N ASP C 210 -11.53 -13.88 33.84
CA ASP C 210 -10.21 -13.58 34.40
C ASP C 210 -9.11 -13.99 33.41
N ASP C 211 -9.30 -15.11 32.73
CA ASP C 211 -8.31 -15.59 31.77
C ASP C 211 -8.23 -14.64 30.57
N LEU C 212 -9.37 -14.16 30.10
CA LEU C 212 -9.39 -13.24 28.96
C LEU C 212 -8.62 -11.96 29.30
N ILE C 213 -8.89 -11.39 30.46
CA ILE C 213 -8.20 -10.17 30.87
C ILE C 213 -6.70 -10.40 30.95
N ASP C 214 -6.31 -11.58 31.44
CA ASP C 214 -4.89 -11.91 31.56
C ASP C 214 -4.28 -12.04 30.16
N GLU C 215 -4.99 -12.69 29.26
CA GLU C 215 -4.54 -12.87 27.89
C GLU C 215 -4.32 -11.51 27.24
N PHE C 216 -5.20 -10.56 27.56
CA PHE C 216 -5.13 -9.22 27.03
C PHE C 216 -3.91 -8.46 27.56
N MSE C 217 -3.72 -8.46 28.87
CA MSE C 217 -2.57 -7.78 29.45
C MSE C 217 -1.29 -8.29 28.81
O MSE C 217 -0.42 -7.52 28.41
CB MSE C 217 -2.53 -8.01 30.98
CG MSE C 217 -3.72 -7.46 31.76
SE MSE C 217 -3.85 -5.52 31.53
CE MSE C 217 -2.44 -4.95 32.70
N LYS C 218 -1.17 -9.61 28.71
CA LYS C 218 -0.01 -10.26 28.12
C LYS C 218 0.17 -9.89 26.64
N ALA C 219 -0.93 -9.95 25.88
CA ALA C 219 -0.89 -9.64 24.46
C ALA C 219 -0.52 -8.19 24.18
N ILE C 220 -1.00 -7.28 25.01
CA ILE C 220 -0.68 -5.86 24.83
C ILE C 220 0.80 -5.58 25.09
N THR C 221 1.28 -6.05 26.23
CA THR C 221 2.68 -5.84 26.62
C THR C 221 3.65 -6.58 25.71
N ASP C 222 3.23 -7.73 25.18
CA ASP C 222 4.06 -8.51 24.27
C ASP C 222 4.34 -7.72 22.99
N ARG C 223 3.35 -6.97 22.50
CA ARG C 223 3.57 -6.22 21.27
C ARG C 223 4.16 -4.82 21.47
N TYR C 224 3.67 -4.10 22.48
CA TYR C 224 4.11 -2.73 22.69
C TYR C 224 5.12 -2.48 23.81
N GLY C 225 5.40 -3.47 24.64
CA GLY C 225 6.34 -3.25 25.72
C GLY C 225 5.75 -3.47 27.10
N ARG C 226 6.60 -3.89 28.04
CA ARG C 226 6.17 -4.16 29.40
C ARG C 226 5.82 -2.89 30.16
N ASN C 227 6.33 -1.75 29.70
CA ASN C 227 6.05 -0.49 30.37
C ASN C 227 4.89 0.29 29.76
N THR C 228 4.10 -0.36 28.92
CA THR C 228 2.95 0.28 28.29
C THR C 228 1.97 0.67 29.39
N LEU C 229 1.57 1.95 29.42
CA LEU C 229 0.64 2.45 30.42
C LEU C 229 -0.74 1.84 30.16
N ILE C 230 -1.33 1.25 31.20
CA ILE C 230 -2.64 0.64 31.06
C ILE C 230 -3.61 1.15 32.12
N GLN C 231 -4.55 1.98 31.68
CA GLN C 231 -5.55 2.57 32.56
C GLN C 231 -6.87 1.80 32.53
N PHE C 232 -7.25 1.22 33.66
CA PHE C 232 -8.52 0.50 33.76
C PHE C 232 -9.59 1.54 34.05
N GLU C 233 -10.68 1.47 33.31
CA GLU C 233 -11.77 2.44 33.44
C GLU C 233 -13.16 1.80 33.45
N ASP C 234 -13.96 2.20 34.43
CA ASP C 234 -15.33 1.73 34.55
C ASP C 234 -15.60 0.23 34.61
N PHE C 235 -14.80 -0.46 35.42
CA PHE C 235 -15.01 -1.90 35.62
C PHE C 235 -15.93 -1.99 36.84
N GLY C 236 -16.62 -3.10 37.00
CA GLY C 236 -17.49 -3.27 38.15
C GLY C 236 -16.67 -3.22 39.44
N ASN C 237 -17.33 -3.02 40.57
CA ASN C 237 -16.63 -2.92 41.85
C ASN C 237 -15.77 -4.13 42.25
N HIS C 238 -16.26 -5.35 42.04
CA HIS C 238 -15.46 -6.52 42.40
C HIS C 238 -14.20 -6.62 41.54
N ASN C 239 -14.39 -6.62 40.23
CA ASN C 239 -13.28 -6.72 39.29
C ASN C 239 -12.26 -5.59 39.36
N ALA C 240 -12.73 -4.36 39.57
CA ALA C 240 -11.82 -3.23 39.62
C ALA C 240 -10.68 -3.38 40.63
N PHE C 241 -11.00 -3.76 41.86
CA PHE C 241 -9.98 -3.92 42.90
C PHE C 241 -9.06 -5.11 42.65
N ARG C 242 -9.65 -6.27 42.39
CA ARG C 242 -8.89 -7.47 42.16
C ARG C 242 -7.90 -7.34 41.00
N PHE C 243 -8.31 -6.71 39.91
CA PHE C 243 -7.42 -6.55 38.76
C PHE C 243 -6.31 -5.55 39.10
N LEU C 244 -6.65 -4.51 39.84
CA LEU C 244 -5.64 -3.53 40.21
C LEU C 244 -4.61 -4.19 41.12
N ARG C 245 -5.07 -4.98 42.08
CA ARG C 245 -4.19 -5.65 43.03
C ARG C 245 -3.34 -6.72 42.36
N LYS C 246 -3.96 -7.45 41.43
CA LYS C 246 -3.27 -8.52 40.71
C LYS C 246 -2.21 -8.03 39.72
N TYR C 247 -2.46 -6.88 39.11
CA TYR C 247 -1.55 -6.38 38.09
C TYR C 247 -0.65 -5.18 38.38
N ARG C 248 -0.99 -4.39 39.39
CA ARG C 248 -0.20 -3.20 39.66
C ARG C 248 1.31 -3.41 39.86
N GLU C 249 1.71 -4.61 40.26
CA GLU C 249 3.12 -4.90 40.49
C GLU C 249 3.72 -5.68 39.34
N LYS C 250 2.89 -6.09 38.40
CA LYS C 250 3.34 -6.87 37.26
C LYS C 250 3.45 -5.99 36.00
N TYR C 251 2.56 -5.01 35.88
CA TYR C 251 2.55 -4.12 34.73
C TYR C 251 2.48 -2.65 35.12
N CYS C 252 2.51 -1.77 34.14
CA CYS C 252 2.42 -0.33 34.41
C CYS C 252 0.93 -0.03 34.27
N THR C 253 0.21 -0.14 35.39
CA THR C 253 -1.25 0.04 35.37
C THR C 253 -1.84 0.71 36.61
N PHE C 254 -3.00 1.32 36.43
CA PHE C 254 -3.72 1.98 37.51
C PHE C 254 -5.20 2.03 37.15
N ASN C 255 -6.04 2.27 38.16
CA ASN C 255 -7.48 2.36 37.92
C ASN C 255 -7.93 3.79 38.15
N ASP C 256 -8.45 4.39 37.10
CA ASP C 256 -8.88 5.78 37.14
C ASP C 256 -9.96 6.08 38.17
N ASP C 257 -10.87 5.14 38.36
CA ASP C 257 -11.98 5.32 39.29
C ASP C 257 -11.61 5.22 40.76
N ILE C 258 -10.59 4.41 41.05
CA ILE C 258 -10.12 4.23 42.42
C ILE C 258 -9.02 5.22 42.79
N GLN C 259 -8.01 5.33 41.93
CA GLN C 259 -6.87 6.20 42.20
C GLN C 259 -6.96 7.60 41.62
N GLY C 260 -7.51 7.73 40.41
CA GLY C 260 -7.62 9.04 39.82
C GLY C 260 -8.62 9.91 40.58
N THR C 261 -9.79 9.34 40.82
CA THR C 261 -10.83 10.05 41.54
C THR C 261 -10.31 10.32 42.96
N ALA C 262 -9.58 9.35 43.51
CA ALA C 262 -9.01 9.51 44.85
C ALA C 262 -8.17 10.78 44.93
N ALA C 263 -7.31 10.97 43.93
CA ALA C 263 -6.42 12.14 43.88
C ALA C 263 -7.10 13.49 43.67
N VAL C 264 -8.11 13.54 42.80
CA VAL C 264 -8.79 14.82 42.57
C VAL C 264 -9.55 15.19 43.83
N ALA C 265 -10.21 14.20 44.43
CA ALA C 265 -10.97 14.46 45.64
C ALA C 265 -10.02 15.03 46.69
N LEU C 266 -8.90 14.34 46.92
CA LEU C 266 -7.95 14.81 47.92
C LEU C 266 -7.52 16.23 47.60
N ALA C 267 -7.23 16.52 46.33
CA ALA C 267 -6.82 17.86 45.95
C ALA C 267 -7.87 18.87 46.42
N GLY C 268 -9.15 18.50 46.34
CA GLY C 268 -10.22 19.39 46.77
C GLY C 268 -10.22 19.59 48.28
N LEU C 269 -10.05 18.51 49.02
CA LEU C 269 -10.02 18.59 50.48
C LEU C 269 -8.85 19.44 50.94
N LEU C 270 -7.72 19.33 50.26
CA LEU C 270 -6.54 20.10 50.62
C LEU C 270 -6.76 21.58 50.40
N ALA C 271 -7.54 21.92 49.38
CA ALA C 271 -7.82 23.32 49.10
C ALA C 271 -8.81 23.84 50.14
N ALA C 272 -9.78 23.02 50.50
CA ALA C 272 -10.78 23.41 51.49
C ALA C 272 -10.11 23.67 52.83
N GLN C 273 -9.26 22.74 53.25
CA GLN C 273 -8.54 22.89 54.51
C GLN C 273 -7.77 24.20 54.52
N LYS C 274 -7.35 24.64 53.33
CA LYS C 274 -6.60 25.89 53.20
C LYS C 274 -7.43 27.11 53.60
N VAL C 275 -8.75 27.00 53.48
CA VAL C 275 -9.64 28.10 53.83
C VAL C 275 -10.30 27.89 55.20
N ILE C 276 -10.51 26.63 55.57
CA ILE C 276 -11.14 26.28 56.84
C ILE C 276 -10.14 26.23 58.00
N SER C 277 -8.94 25.74 57.72
CA SER C 277 -7.89 25.63 58.73
C SER C 277 -8.38 24.92 59.98
N LYS C 278 -9.02 23.76 59.81
CA LYS C 278 -9.51 23.01 60.95
C LYS C 278 -8.45 22.10 61.56
N PRO C 279 -8.42 22.00 62.90
CA PRO C 279 -7.44 21.14 63.58
C PRO C 279 -7.58 19.71 63.08
N ILE C 280 -6.48 19.15 62.59
CA ILE C 280 -6.48 17.79 62.05
C ILE C 280 -7.24 16.80 62.94
N SER C 281 -7.28 17.07 64.23
CA SER C 281 -7.97 16.18 65.16
C SER C 281 -9.49 16.25 65.02
N GLU C 282 -10.00 17.42 64.65
CA GLU C 282 -11.44 17.60 64.52
C GLU C 282 -12.01 17.25 63.14
N HIS C 283 -11.24 16.49 62.35
CA HIS C 283 -11.70 16.09 61.04
C HIS C 283 -12.52 14.80 61.13
N LYS C 284 -13.70 14.83 60.53
CA LYS C 284 -14.58 13.65 60.51
C LYS C 284 -15.23 13.59 59.13
N ILE C 285 -14.92 12.53 58.39
CA ILE C 285 -15.42 12.36 57.04
C ILE C 285 -16.48 11.27 56.91
N LEU C 286 -17.59 11.62 56.27
CA LEU C 286 -18.68 10.65 56.06
C LEU C 286 -18.89 10.48 54.55
N PHE C 287 -18.81 9.24 54.12
CA PHE C 287 -18.97 8.90 52.71
C PHE C 287 -20.35 8.36 52.42
N LEU C 288 -20.94 8.78 51.30
CA LEU C 288 -22.23 8.27 50.87
C LEU C 288 -21.78 7.33 49.77
N GLY C 289 -21.73 6.03 50.09
CA GLY C 289 -21.27 5.03 49.16
C GLY C 289 -19.98 4.45 49.74
N ALA C 290 -19.67 3.20 49.41
CA ALA C 290 -18.45 2.58 49.93
C ALA C 290 -17.81 1.68 48.89
N GLY C 291 -17.68 2.19 47.67
CA GLY C 291 -17.09 1.41 46.60
C GLY C 291 -15.76 1.93 46.09
N GLU C 292 -15.54 1.78 44.79
CA GLU C 292 -14.29 2.20 44.15
C GLU C 292 -13.79 3.58 44.54
N ALA C 293 -14.63 4.59 44.33
CA ALA C 293 -14.22 5.96 44.64
C ALA C 293 -14.06 6.21 46.14
N ALA C 294 -15.01 5.72 46.93
CA ALA C 294 -14.95 5.92 48.38
C ALA C 294 -13.66 5.32 48.95
N LEU C 295 -13.45 4.04 48.70
CA LEU C 295 -12.27 3.34 49.20
C LEU C 295 -11.01 3.99 48.66
N GLY C 296 -11.04 4.41 47.41
CA GLY C 296 -9.88 5.06 46.83
C GLY C 296 -9.59 6.36 47.55
N ILE C 297 -10.61 7.21 47.67
CA ILE C 297 -10.44 8.50 48.34
C ILE C 297 -10.09 8.32 49.82
N ALA C 298 -10.73 7.38 50.48
CA ALA C 298 -10.46 7.14 51.90
C ALA C 298 -8.98 6.81 52.12
N ASN C 299 -8.49 5.84 51.35
CA ASN C 299 -7.09 5.42 51.44
C ASN C 299 -6.11 6.54 51.17
N LEU C 300 -6.44 7.42 50.22
CA LEU C 300 -5.54 8.51 49.88
C LEU C 300 -5.60 9.61 50.94
N ILE C 301 -6.75 9.73 51.60
CA ILE C 301 -6.92 10.73 52.65
C ILE C 301 -6.07 10.28 53.85
N VAL C 302 -6.09 8.98 54.12
CA VAL C 302 -5.34 8.37 55.21
C VAL C 302 -3.84 8.63 55.05
N MSE C 303 -3.33 8.47 53.83
CA MSE C 303 -1.92 8.71 53.55
C MSE C 303 -1.57 10.16 53.81
O MSE C 303 -0.46 10.47 54.25
CB MSE C 303 -1.60 8.36 52.10
CG MSE C 303 -1.58 6.88 51.77
SE MSE C 303 -1.18 6.60 49.87
CE MSE C 303 0.49 7.54 49.78
N SER C 304 -2.52 11.05 53.55
CA SER C 304 -2.31 12.48 53.74
C SER C 304 -2.26 12.84 55.21
N MSE C 305 -3.11 12.19 56.02
CA MSE C 305 -3.16 12.44 57.45
C MSE C 305 -1.91 11.87 58.12
O MSE C 305 -1.31 12.50 59.00
CB MSE C 305 -4.44 11.83 58.05
CG MSE C 305 -5.75 12.43 57.48
SE MSE C 305 -7.36 11.61 58.30
CE MSE C 305 -7.51 10.03 57.22
N VAL C 306 -1.51 10.66 57.70
CA VAL C 306 -0.34 9.98 58.23
C VAL C 306 0.92 10.81 58.02
N GLU C 307 1.10 11.33 56.81
CA GLU C 307 2.26 12.14 56.47
C GLU C 307 2.16 13.50 57.17
N ASN C 308 1.04 13.71 57.87
CA ASN C 308 0.78 14.95 58.59
C ASN C 308 0.70 14.78 60.10
N GLY C 309 1.19 13.65 60.61
CA GLY C 309 1.15 13.44 62.04
C GLY C 309 0.45 12.17 62.48
N LEU C 310 -0.87 12.14 62.31
CA LEU C 310 -1.67 10.98 62.68
C LEU C 310 -1.06 9.65 62.26
N SER C 311 -1.44 8.59 62.95
CA SER C 311 -0.95 7.26 62.61
C SER C 311 -2.02 6.69 61.70
N GLU C 312 -1.71 5.61 60.99
CA GLU C 312 -2.67 5.02 60.08
C GLU C 312 -3.96 4.65 60.81
N GLN C 313 -3.82 4.10 62.01
CA GLN C 313 -4.98 3.69 62.80
C GLN C 313 -5.88 4.84 63.22
N GLU C 314 -5.28 5.94 63.68
CA GLU C 314 -6.04 7.11 64.10
C GLU C 314 -6.75 7.81 62.95
N ALA C 315 -6.11 7.84 61.78
CA ALA C 315 -6.67 8.50 60.61
C ALA C 315 -7.86 7.73 60.03
N GLN C 316 -7.75 6.40 60.04
CA GLN C 316 -8.83 5.58 59.51
C GLN C 316 -10.09 5.71 60.35
N LYS C 317 -9.91 5.95 61.65
CA LYS C 317 -11.06 6.05 62.53
C LYS C 317 -11.82 7.37 62.37
N LYS C 318 -11.24 8.30 61.63
CA LYS C 318 -11.88 9.59 61.39
C LYS C 318 -12.73 9.53 60.13
N ILE C 319 -12.75 8.36 59.50
CA ILE C 319 -13.49 8.16 58.27
C ILE C 319 -14.60 7.12 58.36
N TRP C 320 -15.82 7.54 58.07
CA TRP C 320 -16.97 6.64 58.09
C TRP C 320 -17.58 6.49 56.70
N MSE C 321 -18.31 5.40 56.49
CA MSE C 321 -18.94 5.15 55.20
C MSE C 321 -20.36 4.65 55.36
O MSE C 321 -20.67 3.92 56.31
CB MSE C 321 -18.14 4.13 54.39
CG MSE C 321 -16.71 4.55 54.08
SE MSE C 321 -15.93 3.33 52.79
CE MSE C 321 -16.58 1.68 53.51
N PHE C 322 -21.24 5.04 54.44
CA PHE C 322 -22.65 4.66 54.46
C PHE C 322 -23.03 4.19 53.06
N ASP C 323 -23.29 2.90 52.90
CA ASP C 323 -23.64 2.39 51.58
C ASP C 323 -25.13 2.13 51.40
N LYS C 324 -25.50 1.37 50.38
CA LYS C 324 -26.92 1.12 50.15
C LYS C 324 -27.61 0.30 51.22
N TYR C 325 -26.85 -0.25 52.17
CA TYR C 325 -27.46 -1.05 53.23
C TYR C 325 -27.33 -0.35 54.57
N GLY C 326 -26.80 0.86 54.57
CA GLY C 326 -26.65 1.61 55.80
C GLY C 326 -25.21 1.84 56.18
N LEU C 327 -25.02 2.35 57.40
CA LEU C 327 -23.69 2.64 57.90
C LEU C 327 -22.87 1.37 58.05
N LEU C 328 -21.59 1.45 57.73
CA LEU C 328 -20.68 0.30 57.83
C LEU C 328 -20.16 0.17 59.26
N VAL C 329 -20.84 -0.67 60.05
CA VAL C 329 -20.45 -0.90 61.44
C VAL C 329 -20.12 -2.37 61.65
N LYS C 330 -19.12 -2.63 62.50
CA LYS C 330 -18.72 -4.01 62.78
C LYS C 330 -19.90 -4.87 63.18
N GLY C 331 -19.93 -6.09 62.66
CA GLY C 331 -21.02 -7.00 62.99
C GLY C 331 -22.34 -6.72 62.30
N ARG C 332 -22.36 -5.84 61.31
CA ARG C 332 -23.62 -5.55 60.63
C ARG C 332 -23.98 -6.74 59.73
N LYS C 333 -25.26 -6.84 59.38
CA LYS C 333 -25.75 -7.93 58.54
C LYS C 333 -25.17 -7.92 57.11
N ALA C 334 -25.02 -6.74 56.53
CA ALA C 334 -24.49 -6.62 55.17
C ALA C 334 -22.98 -6.82 55.10
N LYS C 335 -22.54 -7.46 54.01
CA LYS C 335 -21.13 -7.77 53.76
C LYS C 335 -20.16 -6.63 54.03
N ILE C 336 -18.93 -6.99 54.36
CA ILE C 336 -17.87 -6.04 54.63
C ILE C 336 -16.58 -6.67 54.11
N ASP C 337 -16.05 -6.16 53.00
CA ASP C 337 -14.83 -6.73 52.45
C ASP C 337 -13.56 -6.18 53.07
N SER C 338 -12.45 -6.82 52.74
CA SER C 338 -11.15 -6.45 53.26
C SER C 338 -10.77 -4.98 53.10
N TYR C 339 -11.20 -4.36 52.01
CA TYR C 339 -10.87 -2.94 51.80
C TYR C 339 -11.71 -2.02 52.69
N GLN C 340 -12.92 -2.44 53.02
CA GLN C 340 -13.81 -1.63 53.85
C GLN C 340 -13.53 -1.79 55.35
N GLU C 341 -13.00 -2.96 55.71
CA GLU C 341 -12.70 -3.29 57.10
C GLU C 341 -12.05 -2.17 57.90
N PRO C 342 -10.97 -1.57 57.36
CA PRO C 342 -10.26 -0.48 58.04
C PRO C 342 -11.15 0.73 58.34
N PHE C 343 -12.30 0.79 57.68
CA PHE C 343 -13.22 1.91 57.86
C PHE C 343 -14.55 1.52 58.49
N THR C 344 -14.69 0.24 58.81
CA THR C 344 -15.90 -0.28 59.46
C THR C 344 -15.63 -0.19 60.94
N HIS C 345 -16.35 0.68 61.64
CA HIS C 345 -16.12 0.87 63.06
C HIS C 345 -17.21 0.30 63.93
N SER C 346 -17.00 0.37 65.24
CA SER C 346 -17.98 -0.15 66.17
C SER C 346 -19.20 0.76 66.16
N ALA C 347 -20.37 0.14 66.03
CA ALA C 347 -21.63 0.86 65.99
C ALA C 347 -21.73 1.95 67.05
N PRO C 348 -22.17 3.15 66.65
CA PRO C 348 -22.31 4.27 67.59
C PRO C 348 -23.51 4.06 68.51
N GLU C 349 -23.85 5.10 69.27
CA GLU C 349 -24.96 5.05 70.22
C GLU C 349 -26.20 4.46 69.57
N SER C 350 -26.61 5.08 68.47
CA SER C 350 -27.77 4.65 67.72
C SER C 350 -27.37 4.41 66.26
N ILE C 351 -27.91 3.34 65.68
CA ILE C 351 -27.62 2.99 64.29
C ILE C 351 -28.50 3.82 63.35
N PRO C 352 -27.88 4.74 62.59
CA PRO C 352 -28.62 5.59 61.65
C PRO C 352 -29.40 4.83 60.58
N ASP C 353 -30.64 5.24 60.35
CA ASP C 353 -31.50 4.62 59.34
C ASP C 353 -31.24 5.17 57.94
N THR C 354 -31.15 6.49 57.85
CA THR C 354 -30.92 7.18 56.59
C THR C 354 -29.62 7.96 56.66
N PHE C 355 -29.19 8.50 55.53
CA PHE C 355 -27.96 9.26 55.49
C PHE C 355 -28.03 10.50 56.37
N GLU C 356 -29.21 11.12 56.42
CA GLU C 356 -29.44 12.31 57.25
C GLU C 356 -29.22 11.98 58.73
N ASP C 357 -29.70 10.80 59.15
CA ASP C 357 -29.53 10.39 60.54
C ASP C 357 -28.04 10.22 60.82
N ALA C 358 -27.32 9.66 59.84
CA ALA C 358 -25.89 9.45 59.97
C ALA C 358 -25.19 10.78 60.19
N VAL C 359 -25.64 11.81 59.48
CA VAL C 359 -25.05 13.13 59.61
C VAL C 359 -25.28 13.73 61.00
N ASN C 360 -26.48 13.55 61.54
CA ASN C 360 -26.82 14.10 62.85
C ASN C 360 -26.13 13.36 63.98
N ILE C 361 -26.01 12.04 63.82
CA ILE C 361 -25.37 11.18 64.82
C ILE C 361 -23.86 11.30 64.85
N LEU C 362 -23.24 11.26 63.67
CA LEU C 362 -21.78 11.34 63.54
C LEU C 362 -21.24 12.76 63.48
N LYS C 363 -22.07 13.72 63.06
CA LYS C 363 -21.65 15.11 62.96
C LYS C 363 -20.38 15.34 62.13
N PRO C 364 -20.30 14.71 60.94
CA PRO C 364 -19.12 14.89 60.09
C PRO C 364 -18.91 16.33 59.65
N SER C 365 -17.65 16.69 59.43
CA SER C 365 -17.29 18.03 58.99
C SER C 365 -17.21 18.07 57.46
N THR C 366 -17.13 16.89 56.86
CA THR C 366 -17.03 16.74 55.41
C THR C 366 -17.94 15.61 54.97
N ILE C 367 -18.67 15.83 53.89
CA ILE C 367 -19.58 14.82 53.35
C ILE C 367 -19.19 14.60 51.87
N ILE C 368 -19.00 13.33 51.48
CA ILE C 368 -18.59 13.02 50.13
C ILE C 368 -19.55 12.05 49.42
N GLY C 369 -20.22 12.55 48.38
CA GLY C 369 -21.17 11.75 47.64
C GLY C 369 -20.55 11.00 46.47
N VAL C 370 -20.59 9.68 46.53
CA VAL C 370 -20.00 8.88 45.48
C VAL C 370 -20.73 7.55 45.42
N ALA C 371 -22.05 7.66 45.37
CA ALA C 371 -22.93 6.50 45.33
C ALA C 371 -23.52 6.28 43.94
N GLY C 372 -23.35 7.26 43.06
CA GLY C 372 -23.87 7.16 41.70
C GLY C 372 -25.34 6.79 41.66
N ALA C 373 -26.10 7.20 42.67
CA ALA C 373 -27.52 6.87 42.72
C ALA C 373 -28.50 8.04 42.79
N GLY C 374 -28.12 9.21 42.29
CA GLY C 374 -29.05 10.33 42.35
C GLY C 374 -28.90 11.28 43.54
N ARG C 375 -29.89 12.14 43.70
CA ARG C 375 -29.92 13.16 44.75
C ARG C 375 -30.07 12.66 46.19
N LEU C 376 -29.08 11.95 46.71
CA LEU C 376 -29.17 11.45 48.08
C LEU C 376 -28.81 12.53 49.09
N PHE C 377 -28.18 13.60 48.63
CA PHE C 377 -27.86 14.72 49.51
C PHE C 377 -29.06 15.65 49.48
N THR C 378 -30.15 15.19 50.09
CA THR C 378 -31.41 15.92 50.15
C THR C 378 -31.28 17.25 50.89
N PRO C 379 -32.26 18.14 50.72
CA PRO C 379 -32.22 19.44 51.40
C PRO C 379 -32.02 19.29 52.92
N ASP C 380 -32.63 18.25 53.50
CA ASP C 380 -32.47 18.03 54.94
C ASP C 380 -31.00 17.70 55.26
N VAL C 381 -30.39 16.84 54.45
CA VAL C 381 -28.99 16.47 54.65
C VAL C 381 -28.11 17.72 54.60
N ILE C 382 -28.35 18.56 53.61
CA ILE C 382 -27.58 19.79 53.45
C ILE C 382 -27.81 20.76 54.61
N ARG C 383 -29.06 20.93 55.03
CA ARG C 383 -29.35 21.83 56.16
C ARG C 383 -28.65 21.32 57.41
N ALA C 384 -28.68 20.01 57.62
CA ALA C 384 -28.05 19.40 58.78
C ALA C 384 -26.55 19.73 58.81
N MSE C 385 -25.89 19.61 57.67
CA MSE C 385 -24.47 19.91 57.57
C MSE C 385 -24.15 21.37 57.90
O MSE C 385 -23.12 21.66 58.51
CB MSE C 385 -23.94 19.57 56.18
CG MSE C 385 -23.75 18.08 55.91
SE MSE C 385 -22.34 17.37 57.04
CE MSE C 385 -20.82 18.15 56.16
N ALA C 386 -25.02 22.29 57.48
CA ALA C 386 -24.80 23.71 57.74
C ALA C 386 -25.05 24.04 59.21
N SER C 387 -25.96 23.29 59.82
CA SER C 387 -26.30 23.49 61.22
C SER C 387 -25.20 22.97 62.13
N ILE C 388 -24.54 21.91 61.69
CA ILE C 388 -23.46 21.27 62.45
C ILE C 388 -22.10 21.92 62.23
N ASN C 389 -21.86 22.41 61.02
CA ASN C 389 -20.59 23.02 60.66
C ASN C 389 -20.75 24.47 60.21
N GLU C 390 -19.77 25.30 60.52
CA GLU C 390 -19.79 26.71 60.13
C GLU C 390 -19.43 26.79 58.65
N ARG C 391 -18.54 25.89 58.22
CA ARG C 391 -18.09 25.82 56.84
C ARG C 391 -18.07 24.34 56.45
N PRO C 392 -19.25 23.76 56.20
CA PRO C 392 -19.34 22.36 55.82
C PRO C 392 -18.78 22.08 54.41
N VAL C 393 -18.03 20.99 54.29
CA VAL C 393 -17.47 20.62 53.00
C VAL C 393 -18.41 19.58 52.40
N ILE C 394 -18.94 19.90 51.22
CA ILE C 394 -19.87 19.00 50.55
C ILE C 394 -19.44 18.67 49.13
N PHE C 395 -19.13 17.39 48.91
CA PHE C 395 -18.69 16.91 47.60
C PHE C 395 -19.68 15.92 47.00
N ALA C 396 -20.24 16.26 45.85
CA ALA C 396 -21.17 15.39 45.16
C ALA C 396 -20.44 15.06 43.85
N LEU C 397 -19.66 13.99 43.88
CA LEU C 397 -18.84 13.57 42.76
C LEU C 397 -19.42 12.64 41.69
N SER C 398 -20.58 12.05 41.95
CA SER C 398 -21.18 11.12 40.98
C SER C 398 -21.51 11.76 39.64
N ASN C 399 -21.38 10.98 38.57
CA ASN C 399 -21.66 11.46 37.22
C ASN C 399 -22.55 10.44 36.53
N PRO C 400 -23.34 10.87 35.53
CA PRO C 400 -23.40 12.26 35.07
C PRO C 400 -24.32 13.11 35.97
N THR C 401 -24.60 14.34 35.54
CA THR C 401 -25.41 15.27 36.31
C THR C 401 -26.66 14.69 37.00
N ALA C 402 -27.45 13.91 36.27
CA ALA C 402 -28.64 13.32 36.85
C ALA C 402 -28.37 12.42 38.05
N GLN C 403 -27.17 11.84 38.12
CA GLN C 403 -26.81 10.94 39.22
C GLN C 403 -26.11 11.64 40.38
N ALA C 404 -25.84 12.92 40.23
CA ALA C 404 -25.17 13.68 41.29
C ALA C 404 -26.02 13.71 42.56
N GLU C 405 -25.33 13.72 43.71
CA GLU C 405 -25.99 13.72 45.01
C GLU C 405 -26.77 15.01 45.26
N CYS C 406 -26.33 16.11 44.66
CA CYS C 406 -27.03 17.38 44.80
C CYS C 406 -26.41 18.35 43.80
N THR C 407 -27.04 19.50 43.62
CA THR C 407 -26.52 20.49 42.68
C THR C 407 -25.81 21.61 43.44
N ALA C 408 -25.04 22.41 42.72
CA ALA C 408 -24.32 23.52 43.31
C ALA C 408 -25.30 24.54 43.90
N GLU C 409 -26.38 24.79 43.17
CA GLU C 409 -27.41 25.73 43.60
C GLU C 409 -28.02 25.28 44.94
N GLU C 410 -28.35 24.00 45.06
CA GLU C 410 -28.94 23.48 46.30
C GLU C 410 -27.95 23.61 47.46
N ALA C 411 -26.68 23.32 47.20
CA ALA C 411 -25.66 23.38 48.24
C ALA C 411 -25.41 24.79 48.76
N TYR C 412 -25.12 25.73 47.87
CA TYR C 412 -24.88 27.11 48.27
C TYR C 412 -26.10 27.79 48.90
N THR C 413 -27.27 27.64 48.29
CA THR C 413 -28.46 28.28 48.85
C THR C 413 -28.85 27.71 50.21
N LEU C 414 -28.88 26.38 50.32
CA LEU C 414 -29.28 25.75 51.57
C LEU C 414 -28.32 25.94 52.75
N THR C 415 -27.07 26.34 52.50
CA THR C 415 -26.12 26.57 53.58
C THR C 415 -25.78 28.05 53.67
N GLU C 416 -26.55 28.87 52.96
CA GLU C 416 -26.35 30.31 52.96
C GLU C 416 -24.95 30.71 52.50
N GLY C 417 -24.42 29.99 51.52
CA GLY C 417 -23.10 30.30 51.00
C GLY C 417 -21.93 29.98 51.91
N ARG C 418 -22.15 29.14 52.92
CA ARG C 418 -21.06 28.80 53.84
C ARG C 418 -20.31 27.51 53.48
N CYS C 419 -20.88 26.73 52.60
CA CYS C 419 -20.25 25.47 52.19
C CYS C 419 -19.11 25.62 51.18
N LEU C 420 -18.26 24.60 51.16
CA LEU C 420 -17.16 24.53 50.21
C LEU C 420 -17.62 23.33 49.39
N PHE C 421 -18.15 23.62 48.21
CA PHE C 421 -18.72 22.60 47.34
C PHE C 421 -17.90 22.27 46.09
N ALA C 422 -18.01 21.01 45.66
CA ALA C 422 -17.34 20.54 44.45
C ALA C 422 -18.20 19.42 43.89
N SER C 423 -18.17 19.23 42.58
CA SER C 423 -18.96 18.17 41.97
C SER C 423 -18.21 17.47 40.86
N GLY C 424 -18.68 16.29 40.48
CA GLY C 424 -18.05 15.55 39.40
C GLY C 424 -18.43 16.10 38.04
N SER C 425 -19.65 16.60 37.92
CA SER C 425 -20.15 17.17 36.67
C SER C 425 -20.22 18.69 36.75
N PRO C 426 -20.18 19.38 35.60
CA PRO C 426 -20.23 20.85 35.59
C PRO C 426 -21.54 21.51 36.00
N PHE C 427 -21.42 22.62 36.71
CA PHE C 427 -22.55 23.43 37.18
C PHE C 427 -22.11 24.88 37.04
N GLY C 428 -22.95 25.74 36.48
CA GLY C 428 -22.57 27.12 36.33
C GLY C 428 -22.52 27.83 37.67
N PRO C 429 -22.06 29.10 37.69
CA PRO C 429 -21.96 29.88 38.92
C PRO C 429 -23.33 30.06 39.58
N VAL C 430 -23.35 30.16 40.91
CA VAL C 430 -24.59 30.32 41.65
C VAL C 430 -24.65 31.70 42.30
N LYS C 431 -25.76 32.40 42.11
CA LYS C 431 -25.94 33.71 42.70
C LYS C 431 -27.07 33.63 43.71
N LEU C 432 -26.74 33.93 44.97
CA LEU C 432 -27.73 33.89 46.05
C LEU C 432 -28.65 35.11 46.02
N THR C 433 -29.80 34.98 46.70
CA THR C 433 -30.78 36.07 46.75
C THR C 433 -30.15 37.37 47.23
N ASP C 434 -29.10 37.27 48.04
CA ASP C 434 -28.43 38.47 48.56
C ASP C 434 -27.40 39.06 47.60
N GLY C 435 -27.21 38.41 46.45
CA GLY C 435 -26.26 38.95 45.48
C GLY C 435 -24.92 38.25 45.37
N ARG C 436 -24.50 37.54 46.42
CA ARG C 436 -23.22 36.83 46.41
C ARG C 436 -23.15 35.77 45.30
N VAL C 437 -22.03 35.75 44.60
CA VAL C 437 -21.82 34.81 43.51
C VAL C 437 -20.78 33.74 43.89
N PHE C 438 -21.16 32.48 43.72
CA PHE C 438 -20.27 31.37 44.04
C PHE C 438 -19.96 30.57 42.78
N THR C 439 -18.67 30.31 42.54
CA THR C 439 -18.24 29.56 41.37
C THR C 439 -17.71 28.19 41.81
N PRO C 440 -18.52 27.14 41.60
CA PRO C 440 -18.15 25.78 41.99
C PRO C 440 -17.05 25.16 41.12
N GLY C 441 -16.25 24.32 41.74
CA GLY C 441 -15.18 23.64 41.03
C GLY C 441 -15.61 22.24 40.68
N GLN C 442 -15.02 21.67 39.63
CA GLN C 442 -15.38 20.32 39.23
C GLN C 442 -14.30 19.34 39.72
N GLY C 443 -14.66 18.48 40.66
CA GLY C 443 -13.72 17.50 41.18
C GLY C 443 -13.83 16.24 40.36
N ASN C 444 -13.32 16.29 39.14
CA ASN C 444 -13.37 15.17 38.23
C ASN C 444 -11.95 14.70 37.95
N ASN C 445 -11.73 13.39 37.86
CA ASN C 445 -10.38 12.90 37.63
C ASN C 445 -9.70 13.38 36.33
N VAL C 446 -10.39 14.18 35.53
CA VAL C 446 -9.77 14.69 34.31
C VAL C 446 -8.61 15.60 34.67
N TYR C 447 -8.63 16.17 35.88
CA TYR C 447 -7.54 17.05 36.31
C TYR C 447 -6.28 16.24 36.65
N ILE C 448 -6.44 14.93 36.85
CA ILE C 448 -5.34 14.08 37.25
C ILE C 448 -4.70 13.12 36.24
N PHE C 449 -5.48 12.21 35.67
CA PHE C 449 -4.91 11.23 34.77
C PHE C 449 -4.11 11.75 33.57
N PRO C 450 -4.48 12.91 32.99
CA PRO C 450 -3.67 13.34 31.85
C PRO C 450 -2.22 13.68 32.24
N GLY C 451 -2.06 14.39 33.34
CA GLY C 451 -0.73 14.77 33.79
C GLY C 451 0.08 13.61 34.32
N VAL C 452 -0.59 12.72 35.05
CA VAL C 452 0.06 11.56 35.60
C VAL C 452 0.50 10.62 34.48
N ALA C 453 -0.40 10.38 33.51
CA ALA C 453 -0.08 9.50 32.39
C ALA C 453 1.12 10.02 31.61
N LEU C 454 1.19 11.33 31.39
CA LEU C 454 2.29 11.90 30.65
C LEU C 454 3.63 11.73 31.38
N ALA C 455 3.64 11.97 32.69
CA ALA C 455 4.87 11.82 33.48
C ALA C 455 5.34 10.37 33.44
N VAL C 456 4.44 9.44 33.73
CA VAL C 456 4.75 8.01 33.73
C VAL C 456 5.30 7.53 32.39
N ILE C 457 4.69 7.96 31.29
CA ILE C 457 5.17 7.55 29.97
C ILE C 457 6.57 8.12 29.70
N LEU C 458 6.72 9.43 29.88
CA LEU C 458 8.00 10.10 29.62
C LEU C 458 9.16 9.57 30.48
N CYS C 459 8.85 9.11 31.69
CA CYS C 459 9.87 8.58 32.59
C CYS C 459 10.14 7.09 32.45
N ASN C 460 9.40 6.42 31.56
CA ASN C 460 9.56 4.99 31.36
C ASN C 460 9.32 4.24 32.67
N THR C 461 8.38 4.74 33.47
CA THR C 461 8.05 4.11 34.74
C THR C 461 7.45 2.72 34.50
N ARG C 462 7.79 1.78 35.36
CA ARG C 462 7.33 0.39 35.25
C ARG C 462 6.08 0.08 36.05
N HIS C 463 5.98 0.67 37.24
CA HIS C 463 4.82 0.47 38.10
C HIS C 463 4.45 1.78 38.76
N ILE C 464 3.15 1.95 39.01
CA ILE C 464 2.63 3.17 39.61
C ILE C 464 2.19 2.93 41.05
N SER C 465 2.89 3.54 42.00
CA SER C 465 2.54 3.37 43.40
C SER C 465 1.51 4.41 43.83
N ASP C 466 0.82 4.13 44.93
CA ASP C 466 -0.19 5.05 45.44
C ASP C 466 0.37 6.41 45.79
N SER C 467 1.67 6.46 46.11
CA SER C 467 2.29 7.72 46.48
C SER C 467 2.42 8.66 45.27
N VAL C 468 2.27 8.13 44.07
CA VAL C 468 2.34 8.98 42.89
C VAL C 468 1.09 9.86 42.87
N PHE C 469 -0.06 9.25 43.11
CA PHE C 469 -1.32 9.98 43.10
C PHE C 469 -1.40 11.01 44.21
N LEU C 470 -0.74 10.74 45.34
CA LEU C 470 -0.72 11.70 46.44
C LEU C 470 0.04 12.93 45.95
N GLU C 471 1.17 12.67 45.31
CA GLU C 471 2.02 13.74 44.77
C GLU C 471 1.27 14.51 43.71
N ALA C 472 0.41 13.83 42.95
CA ALA C 472 -0.37 14.49 41.90
C ALA C 472 -1.40 15.39 42.58
N ALA C 473 -2.02 14.87 43.63
CA ALA C 473 -3.03 15.63 44.37
C ALA C 473 -2.44 16.94 44.86
N LYS C 474 -1.24 16.86 45.44
CA LYS C 474 -0.57 18.06 45.94
C LYS C 474 -0.18 19.00 44.84
N ALA C 475 0.25 18.45 43.70
CA ALA C 475 0.65 19.29 42.57
C ALA C 475 -0.52 20.05 41.98
N LEU C 476 -1.70 19.44 42.01
CA LEU C 476 -2.90 20.08 41.47
C LEU C 476 -3.30 21.25 42.38
N THR C 477 -3.46 20.96 43.67
CA THR C 477 -3.86 21.99 44.61
C THR C 477 -2.87 23.14 44.74
N SER C 478 -1.58 22.83 44.59
CA SER C 478 -0.55 23.86 44.72
C SER C 478 -0.63 24.90 43.61
N GLN C 479 -1.52 24.70 42.65
CA GLN C 479 -1.67 25.65 41.56
C GLN C 479 -2.87 26.56 41.73
N LEU C 480 -3.69 26.28 42.75
CA LEU C 480 -4.87 27.10 43.02
C LEU C 480 -4.41 28.44 43.61
N THR C 481 -4.80 29.54 42.98
CA THR C 481 -4.43 30.86 43.48
C THR C 481 -5.47 31.33 44.51
N ASP C 482 -5.03 32.14 45.47
CA ASP C 482 -5.91 32.65 46.52
C ASP C 482 -7.15 33.34 45.98
N GLU C 483 -7.01 33.98 44.84
CA GLU C 483 -8.12 34.68 44.20
C GLU C 483 -9.22 33.72 43.73
N GLU C 484 -8.81 32.55 43.25
CA GLU C 484 -9.74 31.55 42.77
C GLU C 484 -10.44 30.85 43.92
N LEU C 485 -9.73 30.70 45.03
CA LEU C 485 -10.31 30.06 46.21
C LEU C 485 -11.41 30.96 46.75
N ALA C 486 -11.17 32.27 46.70
CA ALA C 486 -12.12 33.27 47.16
C ALA C 486 -13.46 33.17 46.45
N GLN C 487 -13.44 32.83 45.17
CA GLN C 487 -14.66 32.69 44.38
C GLN C 487 -15.43 31.44 44.75
N GLY C 488 -14.76 30.52 45.43
CA GLY C 488 -15.40 29.28 45.84
C GLY C 488 -14.82 28.08 45.09
N ARG C 489 -13.84 28.34 44.23
CA ARG C 489 -13.19 27.29 43.44
C ARG C 489 -12.18 26.50 44.30
N LEU C 490 -12.32 25.19 44.31
CA LEU C 490 -11.40 24.33 45.06
C LEU C 490 -10.42 23.71 44.07
N TYR C 491 -10.47 24.16 42.82
CA TYR C 491 -9.61 23.65 41.77
C TYR C 491 -9.28 24.73 40.75
N PRO C 492 -8.11 24.62 40.07
CA PRO C 492 -7.74 25.62 39.07
C PRO C 492 -8.84 25.64 38.01
N PRO C 493 -9.03 26.78 37.33
CA PRO C 493 -10.07 26.92 36.30
C PRO C 493 -9.92 25.89 35.18
N LEU C 494 -11.02 25.25 34.80
CA LEU C 494 -10.99 24.26 33.75
C LEU C 494 -10.38 24.82 32.46
N ALA C 495 -10.52 26.12 32.25
CA ALA C 495 -9.97 26.76 31.05
C ALA C 495 -8.46 26.64 30.96
N ASN C 496 -7.80 26.39 32.10
CA ASN C 496 -6.35 26.25 32.11
C ASN C 496 -5.93 24.80 32.33
N ILE C 497 -6.81 23.86 31.99
CA ILE C 497 -6.53 22.45 32.18
C ILE C 497 -5.24 21.99 31.48
N GLN C 498 -4.90 22.62 30.35
CA GLN C 498 -3.69 22.24 29.62
C GLN C 498 -2.43 22.52 30.45
N GLU C 499 -2.27 23.78 30.86
CA GLU C 499 -1.09 24.15 31.64
C GLU C 499 -1.09 23.48 33.02
N VAL C 500 -2.27 23.23 33.57
CA VAL C 500 -2.35 22.58 34.88
C VAL C 500 -1.88 21.12 34.78
N SER C 501 -2.23 20.47 33.68
CA SER C 501 -1.83 19.07 33.47
C SER C 501 -0.32 18.98 33.29
N ILE C 502 0.24 19.86 32.46
CA ILE C 502 1.66 19.87 32.21
C ILE C 502 2.43 20.13 33.51
N ASN C 503 1.94 21.02 34.35
CA ASN C 503 2.61 21.31 35.61
C ASN C 503 2.57 20.09 36.52
N ILE C 504 1.44 19.37 36.53
CA ILE C 504 1.31 18.17 37.33
C ILE C 504 2.31 17.14 36.80
N ALA C 505 2.41 17.05 35.48
CA ALA C 505 3.33 16.12 34.83
C ALA C 505 4.78 16.42 35.21
N ILE C 506 5.14 17.68 35.24
CA ILE C 506 6.50 18.07 35.61
C ILE C 506 6.80 17.70 37.06
N LYS C 507 5.86 17.97 37.96
CA LYS C 507 6.02 17.64 39.37
C LYS C 507 6.08 16.13 39.60
N VAL C 508 5.30 15.38 38.82
CA VAL C 508 5.30 13.93 39.00
C VAL C 508 6.60 13.33 38.45
N THR C 509 7.11 13.87 37.34
CA THR C 509 8.34 13.33 36.79
C THR C 509 9.46 13.57 37.80
N GLU C 510 9.47 14.75 38.41
CA GLU C 510 10.50 15.06 39.40
C GLU C 510 10.39 14.10 40.57
N TYR C 511 9.17 13.72 40.92
CA TYR C 511 8.95 12.78 42.00
C TYR C 511 9.49 11.41 41.60
N LEU C 512 9.09 10.94 40.42
CA LEU C 512 9.51 9.64 39.92
C LEU C 512 11.03 9.46 39.87
N TYR C 513 11.75 10.50 39.47
CA TYR C 513 13.21 10.40 39.41
C TYR C 513 13.86 10.42 40.79
N ALA C 514 13.36 11.30 41.65
CA ALA C 514 13.90 11.42 43.00
C ALA C 514 13.69 10.16 43.83
N ASN C 515 12.71 9.35 43.45
CA ASN C 515 12.41 8.13 44.17
C ASN C 515 12.78 6.85 43.41
N LYS C 516 13.66 6.99 42.43
CA LYS C 516 14.11 5.85 41.64
C LYS C 516 12.98 5.04 41.03
N MSE C 517 12.02 5.71 40.41
CA MSE C 517 10.89 5.04 39.78
C MSE C 517 10.88 5.32 38.29
O MSE C 517 10.04 4.80 37.55
CB MSE C 517 9.58 5.50 40.40
CG MSE C 517 9.53 5.37 41.90
SE MSE C 517 7.80 5.90 42.54
CE MSE C 517 6.95 4.17 42.51
N ALA C 518 11.81 6.16 37.85
CA ALA C 518 11.93 6.53 36.44
C ALA C 518 13.15 5.84 35.86
N PHE C 519 13.00 5.25 34.68
CA PHE C 519 14.11 4.55 34.06
C PHE C 519 14.51 5.11 32.70
N ARG C 520 14.02 6.30 32.36
CA ARG C 520 14.37 6.91 31.10
C ARG C 520 15.76 7.49 31.28
N TYR C 521 16.68 7.14 30.39
CA TYR C 521 18.04 7.66 30.53
C TYR C 521 18.49 8.42 29.28
N PRO C 522 19.32 9.47 29.48
CA PRO C 522 19.79 9.90 30.79
C PRO C 522 18.73 10.72 31.52
N GLU C 523 18.91 10.93 32.82
CA GLU C 523 17.97 11.73 33.59
C GLU C 523 18.10 13.19 33.16
N PRO C 524 17.00 13.81 32.73
CA PRO C 524 17.05 15.21 32.32
C PRO C 524 17.41 16.16 33.45
N GLU C 525 18.16 17.22 33.13
CA GLU C 525 18.56 18.21 34.10
C GLU C 525 17.35 19.04 34.52
N ASP C 526 16.74 19.68 33.53
CA ASP C 526 15.57 20.53 33.72
C ASP C 526 14.30 19.77 33.37
N LYS C 527 13.62 19.20 34.36
CA LYS C 527 12.40 18.45 34.11
C LYS C 527 11.34 19.24 33.34
N ALA C 528 11.18 20.51 33.70
CA ALA C 528 10.19 21.37 33.05
C ALA C 528 10.41 21.44 31.54
N LYS C 529 11.65 21.68 31.13
CA LYS C 529 11.97 21.78 29.71
C LYS C 529 11.83 20.42 29.04
N TYR C 530 12.19 19.36 29.77
CA TYR C 530 12.09 18.00 29.26
C TYR C 530 10.65 17.66 28.87
N VAL C 531 9.71 17.97 29.76
CA VAL C 531 8.30 17.69 29.49
C VAL C 531 7.70 18.55 28.41
N LYS C 532 7.94 19.85 28.47
CA LYS C 532 7.37 20.77 27.49
C LYS C 532 7.87 20.54 26.07
N GLU C 533 9.09 20.08 25.92
CA GLU C 533 9.66 19.80 24.60
C GLU C 533 8.96 18.61 23.94
N ARG C 534 8.45 17.70 24.77
CA ARG C 534 7.84 16.48 24.25
C ARG C 534 6.33 16.43 24.11
N THR C 535 5.66 17.56 24.30
CA THR C 535 4.21 17.55 24.18
C THR C 535 3.81 17.67 22.72
N TRP C 536 2.83 16.88 22.33
CA TRP C 536 2.34 16.87 20.96
C TRP C 536 1.57 18.18 20.73
N ARG C 537 1.71 18.75 19.54
CA ARG C 537 1.04 20.00 19.19
C ARG C 537 0.00 19.81 18.07
N SER C 538 -1.07 20.60 18.09
CA SER C 538 -2.11 20.46 17.08
C SER C 538 -1.86 21.25 15.80
N GLU C 539 -0.74 21.95 15.73
CA GLU C 539 -0.40 22.71 14.52
C GLU C 539 0.03 21.72 13.45
N TYR C 540 -0.31 22.01 12.21
CA TYR C 540 0.03 21.13 11.09
C TYR C 540 1.53 21.01 10.88
N ASP C 541 1.99 19.81 10.58
CA ASP C 541 3.40 19.60 10.29
C ASP C 541 3.55 19.61 8.77
N SER C 542 4.76 19.87 8.28
CA SER C 542 4.97 19.88 6.85
C SER C 542 5.15 18.43 6.38
N LEU C 543 4.50 18.08 5.27
CA LEU C 543 4.59 16.73 4.73
C LEU C 543 5.52 16.66 3.54
N LEU C 544 6.22 17.76 3.26
CA LEU C 544 7.15 17.80 2.14
C LEU C 544 8.38 16.92 2.32
N PRO C 545 8.82 16.27 1.25
CA PRO C 545 10.00 15.42 1.32
C PRO C 545 11.18 16.37 1.39
N ASP C 546 12.29 15.94 1.95
CA ASP C 546 13.47 16.79 2.08
C ASP C 546 14.19 16.95 0.75
N VAL C 547 14.05 18.11 0.13
CA VAL C 547 14.67 18.38 -1.17
C VAL C 547 15.74 19.44 -1.01
N TYR C 548 16.94 19.13 -1.49
CA TYR C 548 18.09 20.03 -1.41
C TYR C 548 19.11 19.71 -2.49
N GLU C 549 19.88 20.71 -2.90
CA GLU C 549 20.87 20.52 -3.94
C GLU C 549 22.21 20.02 -3.40
N TRP C 550 22.93 19.31 -4.25
CA TRP C 550 24.24 18.76 -3.92
C TRP C 550 25.35 19.66 -4.42
N PRO C 551 26.41 19.86 -3.61
CA PRO C 551 27.56 20.71 -3.95
C PRO C 551 28.41 20.11 -5.06
N GLU D 1 -6.03 -4.71 -1.25
CA GLU D 1 -5.49 -4.33 0.06
C GLU D 1 -6.35 -4.87 1.19
N LYS D 2 -5.74 -5.03 2.36
CA LYS D 2 -6.43 -5.54 3.53
C LYS D 2 -6.17 -4.66 4.76
N GLY D 3 -6.90 -4.92 5.84
CA GLY D 3 -6.72 -4.14 7.04
C GLY D 3 -7.54 -2.85 7.10
N LYS D 4 -7.20 -2.00 8.06
CA LYS D 4 -7.86 -0.72 8.27
C LYS D 4 -8.24 0.01 6.98
N PRO D 5 -7.35 -0.02 5.97
CA PRO D 5 -7.67 0.66 4.71
C PRO D 5 -9.01 0.25 4.09
N LEU D 6 -9.44 -0.99 4.34
CA LEU D 6 -10.72 -1.46 3.79
C LEU D 6 -11.89 -0.75 4.45
N MSE D 7 -11.66 -0.26 5.66
CA MSE D 7 -12.70 0.44 6.41
C MSE D 7 -12.64 1.95 6.15
O MSE D 7 -13.65 2.64 6.32
CB MSE D 7 -12.56 0.16 7.90
CG MSE D 7 -12.86 -1.29 8.28
SE MSE D 7 -12.22 -1.66 10.10
CE MSE D 7 -13.08 -0.22 11.02
N LEU D 8 -11.48 2.46 5.76
CA LEU D 8 -11.33 3.89 5.49
C LEU D 8 -11.82 4.26 4.09
N ASN D 9 -11.94 3.26 3.23
CA ASN D 9 -12.43 3.51 1.87
C ASN D 9 -13.92 3.21 1.80
N PRO D 10 -14.75 4.25 1.63
CA PRO D 10 -16.20 4.05 1.55
C PRO D 10 -16.66 3.05 0.51
N ARG D 11 -15.84 2.83 -0.51
CA ARG D 11 -16.15 1.89 -1.57
C ARG D 11 -16.18 0.45 -1.05
N THR D 12 -15.34 0.14 -0.08
CA THR D 12 -15.27 -1.21 0.47
C THR D 12 -15.82 -1.37 1.90
N ASN D 13 -15.87 -0.29 2.65
CA ASN D 13 -16.35 -0.34 4.03
C ASN D 13 -17.80 -0.84 4.18
N LYS D 14 -17.97 -1.86 5.02
CA LYS D 14 -19.27 -2.45 5.30
C LYS D 14 -19.66 -2.22 6.74
N GLY D 15 -18.80 -1.54 7.50
CA GLY D 15 -19.14 -1.32 8.90
C GLY D 15 -19.34 -2.67 9.57
N MSE D 16 -20.30 -2.78 10.47
CA MSE D 16 -20.52 -4.05 11.15
C MSE D 16 -21.14 -5.14 10.26
O MSE D 16 -21.51 -6.20 10.77
CB MSE D 16 -21.38 -3.84 12.40
CG MSE D 16 -20.63 -3.13 13.51
SE MSE D 16 -21.78 -2.93 15.05
CE MSE D 16 -22.58 -1.23 14.63
N ALA D 17 -21.23 -4.91 8.96
CA ALA D 17 -21.79 -5.91 8.05
C ALA D 17 -20.71 -6.87 7.55
N PHE D 18 -19.45 -6.55 7.85
CA PHE D 18 -18.35 -7.45 7.47
C PHE D 18 -18.60 -8.75 8.26
N THR D 19 -18.67 -9.88 7.57
CA THR D 19 -18.91 -11.16 8.24
C THR D 19 -17.74 -11.53 9.15
N LEU D 20 -17.93 -12.50 10.02
CA LEU D 20 -16.87 -12.93 10.92
C LEU D 20 -15.68 -13.45 10.13
N GLN D 21 -15.96 -14.24 9.10
CA GLN D 21 -14.87 -14.77 8.29
C GLN D 21 -14.14 -13.68 7.50
N GLU D 22 -14.87 -12.67 7.03
CA GLU D 22 -14.23 -11.59 6.29
C GLU D 22 -13.28 -10.84 7.22
N ARG D 23 -13.73 -10.59 8.45
CA ARG D 23 -12.93 -9.86 9.43
C ARG D 23 -11.64 -10.61 9.78
N GLN D 24 -11.74 -11.92 9.99
CA GLN D 24 -10.58 -12.70 10.34
C GLN D 24 -9.59 -12.84 9.20
N MSE D 25 -10.10 -13.03 7.99
CA MSE D 25 -9.23 -13.17 6.85
C MSE D 25 -8.65 -11.87 6.30
O MSE D 25 -7.58 -11.87 5.73
CB MSE D 25 -9.94 -13.94 5.74
CG MSE D 25 -10.04 -15.43 6.04
SE MSE D 25 -10.73 -16.38 4.52
CE MSE D 25 -12.31 -17.11 5.32
N LEU D 26 -9.36 -10.76 6.51
CA LEU D 26 -8.89 -9.47 6.01
C LEU D 26 -8.24 -8.59 7.07
N GLY D 27 -7.99 -9.18 8.23
CA GLY D 27 -7.35 -8.45 9.31
C GLY D 27 -8.19 -7.36 9.96
N LEU D 28 -9.49 -7.57 10.05
CA LEU D 28 -10.40 -6.58 10.62
C LEU D 28 -10.89 -6.97 12.01
N GLN D 29 -10.58 -8.19 12.43
CA GLN D 29 -11.03 -8.70 13.72
C GLN D 29 -10.49 -7.82 14.86
N GLY D 30 -11.40 -7.25 15.63
CA GLY D 30 -11.01 -6.40 16.74
C GLY D 30 -11.17 -4.92 16.43
N LEU D 31 -11.17 -4.59 15.14
CA LEU D 31 -11.33 -3.21 14.72
C LEU D 31 -12.81 -2.82 14.59
N LEU D 32 -13.69 -3.82 14.66
CA LEU D 32 -15.13 -3.59 14.59
C LEU D 32 -15.76 -4.17 15.85
N PRO D 33 -16.95 -3.68 16.24
CA PRO D 33 -17.60 -4.22 17.44
C PRO D 33 -17.91 -5.69 17.15
N PRO D 34 -18.04 -6.52 18.21
CA PRO D 34 -18.34 -7.95 18.05
C PRO D 34 -19.56 -8.26 17.20
N LYS D 35 -20.63 -7.49 17.39
CA LYS D 35 -21.88 -7.65 16.65
C LYS D 35 -21.70 -7.71 15.13
N ILE D 36 -22.42 -8.63 14.49
CA ILE D 36 -22.38 -8.75 13.03
C ILE D 36 -23.75 -8.22 12.58
N GLU D 37 -23.80 -7.16 11.80
CA GLU D 37 -25.08 -6.62 11.35
C GLU D 37 -25.40 -6.97 9.91
N THR D 38 -26.61 -6.65 9.49
CA THR D 38 -27.05 -6.87 8.13
C THR D 38 -27.29 -5.46 7.61
N GLN D 39 -27.42 -5.31 6.30
CA GLN D 39 -27.65 -3.99 5.74
C GLN D 39 -29.01 -3.47 6.21
N ASP D 40 -29.94 -4.37 6.46
CA ASP D 40 -31.27 -3.99 6.92
C ASP D 40 -31.21 -3.29 8.27
N ILE D 41 -30.36 -3.77 9.15
CA ILE D 41 -30.21 -3.14 10.47
C ILE D 41 -29.58 -1.75 10.30
N GLN D 42 -28.64 -1.64 9.36
CA GLN D 42 -27.99 -0.36 9.10
C GLN D 42 -28.97 0.65 8.51
N ALA D 43 -29.81 0.20 7.57
CA ALA D 43 -30.81 1.07 6.96
C ALA D 43 -31.75 1.59 8.04
N LEU D 44 -32.18 0.68 8.92
CA LEU D 44 -33.07 1.02 10.03
C LEU D 44 -32.48 2.12 10.90
N ARG D 45 -31.20 1.98 11.24
CA ARG D 45 -30.51 2.98 12.06
C ARG D 45 -30.59 4.34 11.38
N PHE D 46 -30.42 4.35 10.06
CA PHE D 46 -30.49 5.59 9.30
C PHE D 46 -31.86 6.24 9.36
N HIS D 47 -32.89 5.47 9.00
CA HIS D 47 -34.26 6.00 9.00
C HIS D 47 -34.70 6.48 10.38
N ARG D 48 -34.21 5.82 11.42
CA ARG D 48 -34.54 6.20 12.80
C ARG D 48 -33.91 7.59 13.07
N ASN D 49 -32.66 7.79 12.66
CA ASN D 49 -32.01 9.09 12.89
C ASN D 49 -32.55 10.18 11.97
N LEU D 50 -32.88 9.84 10.73
CA LEU D 50 -33.40 10.83 9.81
C LEU D 50 -34.73 11.40 10.32
N LYS D 51 -35.56 10.54 10.87
CA LYS D 51 -36.86 10.92 11.39
C LYS D 51 -36.80 11.99 12.47
N LYS D 52 -35.70 12.00 13.24
CA LYS D 52 -35.54 12.97 14.31
C LYS D 52 -35.01 14.32 13.83
N MSE D 53 -34.45 14.37 12.63
CA MSE D 53 -33.92 15.63 12.12
C MSE D 53 -34.99 16.60 11.60
O MSE D 53 -36.04 16.18 11.11
CB MSE D 53 -32.87 15.34 11.05
CG MSE D 53 -31.61 14.73 11.63
SE MSE D 53 -30.44 14.13 10.23
CE MSE D 53 -29.01 13.42 11.30
N THR D 54 -34.70 17.89 11.70
CA THR D 54 -35.63 18.92 11.29
C THR D 54 -35.43 19.55 9.92
N SER D 55 -34.32 20.28 9.74
CA SER D 55 -34.06 20.95 8.46
C SER D 55 -33.56 20.07 7.34
N PRO D 56 -33.89 20.45 6.09
CA PRO D 56 -33.45 19.68 4.92
C PRO D 56 -31.94 19.72 4.72
N LEU D 57 -31.32 20.85 5.04
CA LEU D 57 -29.88 20.98 4.88
C LEU D 57 -29.16 20.04 5.83
N GLU D 58 -29.68 19.93 7.05
CA GLU D 58 -29.10 19.03 8.04
C GLU D 58 -29.19 17.60 7.51
N LYS D 59 -30.32 17.25 6.93
CA LYS D 59 -30.52 15.90 6.38
C LYS D 59 -29.60 15.65 5.19
N TYR D 60 -29.36 16.68 4.40
CA TYR D 60 -28.47 16.56 3.26
C TYR D 60 -27.04 16.22 3.76
N ILE D 61 -26.56 16.98 4.75
CA ILE D 61 -25.21 16.75 5.30
C ILE D 61 -25.06 15.34 5.84
N TYR D 62 -26.10 14.83 6.48
CA TYR D 62 -26.08 13.51 7.05
C TYR D 62 -26.04 12.41 6.00
N ILE D 63 -26.96 12.41 5.05
CA ILE D 63 -26.96 11.35 4.06
C ILE D 63 -25.81 11.45 3.06
N MSE D 64 -25.45 12.65 2.63
CA MSE D 64 -24.36 12.79 1.66
C MSE D 64 -23.06 12.39 2.39
O MSE D 64 -22.09 11.95 1.77
CB MSE D 64 -24.28 14.22 1.13
CG MSE D 64 -24.19 14.34 -0.41
SE MSE D 64 -25.68 13.36 -1.26
CE MSE D 64 -27.13 14.38 -0.54
N GLY D 65 -23.06 12.52 3.71
CA GLY D 65 -21.91 12.13 4.49
C GLY D 65 -21.79 10.60 4.49
N ILE D 66 -22.91 9.91 4.35
CA ILE D 66 -22.86 8.45 4.33
C ILE D 66 -22.17 7.97 3.06
N GLN D 67 -22.29 8.74 1.99
CA GLN D 67 -21.64 8.37 0.72
C GLN D 67 -20.12 8.31 0.90
N GLU D 68 -19.59 9.07 1.85
CA GLU D 68 -18.16 9.11 2.11
C GLU D 68 -17.71 8.17 3.23
N ARG D 69 -18.63 7.35 3.74
CA ARG D 69 -18.34 6.39 4.80
C ARG D 69 -18.64 4.95 4.38
N ASN D 70 -19.81 4.74 3.77
CA ASN D 70 -20.20 3.41 3.34
C ASN D 70 -21.05 3.56 2.08
N GLU D 71 -20.38 3.52 0.94
CA GLU D 71 -21.06 3.70 -0.35
C GLU D 71 -22.27 2.78 -0.57
N LYS D 72 -22.10 1.50 -0.29
CA LYS D 72 -23.19 0.56 -0.48
C LYS D 72 -24.41 0.97 0.33
N LEU D 73 -24.20 1.27 1.61
CA LEU D 73 -25.29 1.67 2.48
C LEU D 73 -25.96 2.95 1.96
N PHE D 74 -25.16 3.87 1.42
CA PHE D 74 -25.67 5.14 0.90
C PHE D 74 -26.73 4.91 -0.18
N TYR D 75 -26.41 4.04 -1.13
CA TYR D 75 -27.35 3.76 -2.20
C TYR D 75 -28.54 2.91 -1.74
N ARG D 76 -28.33 2.02 -0.79
CA ARG D 76 -29.44 1.22 -0.26
C ARG D 76 -30.46 2.20 0.33
N ILE D 77 -29.95 3.16 1.10
CA ILE D 77 -30.76 4.19 1.74
C ILE D 77 -31.58 5.01 0.71
N LEU D 78 -30.95 5.43 -0.39
CA LEU D 78 -31.67 6.18 -1.41
C LEU D 78 -32.77 5.30 -2.00
N GLN D 79 -32.41 4.06 -2.31
CA GLN D 79 -33.33 3.09 -2.89
C GLN D 79 -34.53 2.74 -2.01
N ASP D 80 -34.37 2.84 -0.69
CA ASP D 80 -35.46 2.54 0.23
C ASP D 80 -36.64 3.51 0.03
N ASP D 81 -36.35 4.75 -0.30
CA ASP D 81 -37.41 5.74 -0.53
C ASP D 81 -36.90 6.94 -1.32
N ILE D 82 -36.65 6.70 -2.61
CA ILE D 82 -36.13 7.72 -3.50
C ILE D 82 -36.99 8.98 -3.55
N GLU D 83 -38.30 8.80 -3.48
CA GLU D 83 -39.23 9.93 -3.54
C GLU D 83 -39.15 10.91 -2.38
N SER D 84 -38.95 10.41 -1.17
CA SER D 84 -38.87 11.32 -0.02
C SER D 84 -37.48 11.93 0.09
N LEU D 85 -36.47 11.29 -0.48
CA LEU D 85 -35.10 11.79 -0.38
C LEU D 85 -34.67 12.64 -1.58
N MSE D 86 -35.44 12.61 -2.65
CA MSE D 86 -35.13 13.38 -3.85
C MSE D 86 -35.03 14.89 -3.57
O MSE D 86 -34.11 15.55 -4.06
CB MSE D 86 -36.18 13.13 -4.92
CG MSE D 86 -35.83 13.73 -6.26
SE MSE D 86 -34.34 12.77 -7.04
CE MSE D 86 -35.33 11.24 -7.66
N PRO D 87 -35.98 15.45 -2.81
CA PRO D 87 -35.97 16.89 -2.51
C PRO D 87 -34.79 17.29 -1.60
N ILE D 88 -34.18 16.31 -0.96
CA ILE D 88 -33.06 16.57 -0.06
C ILE D 88 -31.70 16.43 -0.76
N VAL D 89 -31.53 15.38 -1.55
CA VAL D 89 -30.28 15.15 -2.27
C VAL D 89 -30.26 15.87 -3.62
N TYR D 90 -31.43 16.27 -4.08
CA TYR D 90 -31.55 16.95 -5.36
C TYR D 90 -32.32 18.25 -5.15
N THR D 91 -33.02 18.74 -6.17
CA THR D 91 -33.76 19.98 -6.03
C THR D 91 -34.93 19.78 -5.04
N PRO D 92 -35.20 20.79 -4.20
CA PRO D 92 -34.54 22.09 -4.07
C PRO D 92 -33.33 22.20 -3.13
N THR D 93 -33.19 21.28 -2.18
CA THR D 93 -32.09 21.37 -1.21
C THR D 93 -30.67 21.39 -1.77
N VAL D 94 -30.42 20.67 -2.86
CA VAL D 94 -29.08 20.70 -3.45
C VAL D 94 -28.72 22.15 -3.82
N GLY D 95 -29.72 22.97 -4.13
CA GLY D 95 -29.46 24.36 -4.46
C GLY D 95 -29.04 25.11 -3.21
N LEU D 96 -29.64 24.75 -2.10
CA LEU D 96 -29.30 25.36 -0.82
C LEU D 96 -27.87 24.94 -0.40
N ALA D 97 -27.56 23.65 -0.59
CA ALA D 97 -26.23 23.15 -0.22
C ALA D 97 -25.14 23.85 -1.02
N CYS D 98 -25.33 23.99 -2.33
CA CYS D 98 -24.33 24.67 -3.14
C CYS D 98 -24.07 26.10 -2.67
N SER D 99 -25.13 26.86 -2.43
CA SER D 99 -24.98 28.24 -2.00
C SER D 99 -24.27 28.32 -0.65
N GLN D 100 -24.20 27.20 0.05
CA GLN D 100 -23.58 27.12 1.38
C GLN D 100 -22.45 26.10 1.39
N TYR D 101 -22.00 25.70 0.21
CA TYR D 101 -20.96 24.68 0.08
C TYR D 101 -19.73 24.87 0.97
N GLY D 102 -19.16 26.07 0.96
CA GLY D 102 -17.97 26.32 1.75
C GLY D 102 -18.20 26.37 3.25
N HIS D 103 -19.45 26.48 3.66
CA HIS D 103 -19.78 26.54 5.08
C HIS D 103 -20.00 25.16 5.67
N ILE D 104 -20.45 24.22 4.85
CA ILE D 104 -20.75 22.86 5.32
C ILE D 104 -19.69 21.85 4.93
N PHE D 105 -18.63 22.33 4.28
CA PHE D 105 -17.55 21.46 3.82
C PHE D 105 -16.94 20.56 4.89
N ARG D 106 -16.70 19.30 4.53
CA ARG D 106 -16.06 18.32 5.41
C ARG D 106 -15.04 17.52 4.61
N ARG D 107 -15.47 17.01 3.46
CA ARG D 107 -14.60 16.23 2.58
C ARG D 107 -14.87 16.62 1.14
N PRO D 108 -13.82 16.62 0.30
CA PRO D 108 -14.02 16.99 -1.10
C PRO D 108 -14.56 15.80 -1.88
N LYS D 109 -15.29 16.08 -2.96
CA LYS D 109 -15.81 15.03 -3.80
C LYS D 109 -15.55 15.51 -5.22
N GLY D 110 -15.05 14.63 -6.06
CA GLY D 110 -14.79 15.01 -7.43
C GLY D 110 -13.42 15.55 -7.72
N LEU D 111 -13.21 15.91 -8.99
CA LEU D 111 -11.96 16.45 -9.48
C LEU D 111 -12.12 17.93 -9.71
N PHE D 112 -11.13 18.71 -9.29
CA PHE D 112 -11.16 20.16 -9.48
C PHE D 112 -10.03 20.59 -10.40
N ILE D 113 -10.39 21.22 -11.51
CA ILE D 113 -9.43 21.70 -12.49
C ILE D 113 -9.56 23.20 -12.60
N SER D 114 -8.52 23.95 -12.24
CA SER D 114 -8.60 25.40 -12.32
C SER D 114 -7.78 25.94 -13.47
N ILE D 115 -8.08 27.17 -13.86
CA ILE D 115 -7.38 27.83 -14.95
C ILE D 115 -5.89 27.89 -14.59
N SER D 116 -5.58 27.98 -13.30
CA SER D 116 -4.20 28.02 -12.84
C SER D 116 -3.45 26.71 -13.10
N ASP D 117 -4.17 25.66 -13.48
CA ASP D 117 -3.55 24.36 -13.77
C ASP D 117 -3.39 24.15 -15.27
N ARG D 118 -3.66 25.17 -16.08
CA ARG D 118 -3.54 24.97 -17.52
C ARG D 118 -2.15 24.49 -17.88
N GLY D 119 -2.10 23.48 -18.75
CA GLY D 119 -0.83 22.93 -19.17
C GLY D 119 -0.48 21.70 -18.33
N HIS D 120 -1.25 21.45 -17.28
CA HIS D 120 -1.01 20.32 -16.39
C HIS D 120 -2.28 19.55 -16.05
N VAL D 121 -3.32 19.72 -16.87
CA VAL D 121 -4.57 19.04 -16.62
C VAL D 121 -4.42 17.51 -16.61
N ARG D 122 -3.60 16.97 -17.50
CA ARG D 122 -3.42 15.52 -17.54
C ARG D 122 -2.89 14.96 -16.23
N SER D 123 -1.98 15.68 -15.58
CA SER D 123 -1.42 15.20 -14.32
C SER D 123 -2.48 15.20 -13.25
N ILE D 124 -3.45 16.09 -13.36
CA ILE D 124 -4.54 16.13 -12.38
C ILE D 124 -5.46 14.93 -12.63
N VAL D 125 -5.73 14.63 -13.88
CA VAL D 125 -6.60 13.51 -14.22
C VAL D 125 -5.96 12.21 -13.74
N ASP D 126 -4.64 12.12 -13.86
CA ASP D 126 -3.95 10.90 -13.43
C ASP D 126 -4.01 10.72 -11.91
N ASN D 127 -4.34 11.77 -11.18
CA ASN D 127 -4.44 11.66 -9.72
C ASN D 127 -5.75 11.02 -9.27
N TRP D 128 -6.77 11.00 -10.14
CA TRP D 128 -8.03 10.37 -9.73
C TRP D 128 -7.73 8.88 -9.55
N PRO D 129 -8.10 8.33 -8.38
CA PRO D 129 -7.91 6.93 -7.95
C PRO D 129 -8.51 5.83 -8.83
N GLU D 130 -9.70 6.04 -9.37
CA GLU D 130 -10.32 5.00 -10.20
C GLU D 130 -9.80 4.96 -11.63
N ASN D 131 -9.50 3.76 -12.12
CA ASN D 131 -8.97 3.62 -13.46
C ASN D 131 -9.92 3.26 -14.60
N HIS D 132 -11.20 3.09 -14.31
CA HIS D 132 -12.13 2.74 -15.38
C HIS D 132 -13.36 3.63 -15.44
N VAL D 133 -13.15 4.93 -15.56
CA VAL D 133 -14.27 5.86 -15.61
C VAL D 133 -15.06 5.75 -16.93
N LYS D 134 -16.39 5.77 -16.83
CA LYS D 134 -17.24 5.68 -18.00
C LYS D 134 -18.17 6.88 -18.12
N ALA D 135 -18.34 7.61 -17.02
CA ALA D 135 -19.24 8.76 -17.02
C ALA D 135 -18.71 9.95 -16.22
N VAL D 136 -18.70 11.09 -16.86
CA VAL D 136 -18.22 12.32 -16.24
C VAL D 136 -19.29 13.41 -16.34
N VAL D 137 -19.57 14.05 -15.21
CA VAL D 137 -20.50 15.18 -15.21
C VAL D 137 -19.63 16.37 -14.81
N VAL D 138 -19.57 17.38 -15.67
CA VAL D 138 -18.75 18.55 -15.43
C VAL D 138 -19.51 19.87 -15.51
N THR D 139 -19.10 20.82 -14.67
CA THR D 139 -19.69 22.15 -14.62
C THR D 139 -18.59 23.18 -14.36
N ASP D 140 -18.87 24.44 -14.68
CA ASP D 140 -17.92 25.52 -14.40
C ASP D 140 -18.62 26.43 -13.38
N GLY D 141 -19.79 25.99 -12.92
CA GLY D 141 -20.55 26.72 -11.92
C GLY D 141 -21.13 28.07 -12.29
N GLU D 142 -21.23 28.39 -13.58
CA GLU D 142 -21.76 29.69 -13.96
C GLU D 142 -23.29 29.81 -13.95
N ARG D 143 -23.97 28.69 -14.19
CA ARG D 143 -25.43 28.68 -14.22
C ARG D 143 -25.96 27.53 -13.37
N ILE D 144 -25.78 27.62 -12.06
CA ILE D 144 -26.27 26.57 -11.16
C ILE D 144 -27.78 26.72 -11.01
N LEU D 145 -28.53 25.78 -11.57
CA LEU D 145 -29.99 25.82 -11.52
C LEU D 145 -30.39 27.24 -11.96
N GLY D 146 -31.24 27.89 -11.18
CA GLY D 146 -31.64 29.25 -11.50
C GLY D 146 -31.00 30.20 -10.52
N LEU D 147 -29.96 29.72 -9.82
CA LEU D 147 -29.25 30.49 -8.81
C LEU D 147 -28.14 31.39 -9.35
N GLY D 148 -27.70 31.11 -10.57
CA GLY D 148 -26.64 31.92 -11.14
C GLY D 148 -25.23 31.38 -10.92
N ASP D 149 -24.28 32.30 -10.92
CA ASP D 149 -22.86 31.99 -10.77
C ASP D 149 -22.47 31.65 -9.31
N LEU D 150 -22.18 30.37 -9.04
CA LEU D 150 -21.78 29.98 -7.71
C LEU D 150 -20.35 29.47 -7.66
N GLY D 151 -19.62 29.64 -8.76
CA GLY D 151 -18.24 29.21 -8.82
C GLY D 151 -18.05 27.77 -8.40
N VAL D 152 -16.97 27.49 -7.67
CA VAL D 152 -16.67 26.12 -7.20
C VAL D 152 -17.74 25.56 -6.26
N TYR D 153 -18.56 26.44 -5.68
CA TYR D 153 -19.62 25.98 -4.80
C TYR D 153 -20.59 25.13 -5.64
N GLY D 154 -20.47 25.24 -6.95
CA GLY D 154 -21.34 24.51 -7.85
C GLY D 154 -21.03 23.03 -8.00
N MSE D 155 -19.93 22.57 -7.39
CA MSE D 155 -19.55 21.15 -7.47
C MSE D 155 -20.65 20.25 -6.92
O MSE D 155 -20.74 19.08 -7.28
CB MSE D 155 -18.23 20.89 -6.72
CG MSE D 155 -17.81 19.42 -6.60
SE MSE D 155 -17.39 18.65 -8.36
CE MSE D 155 -18.97 17.62 -8.62
N GLY D 156 -21.48 20.78 -6.03
CA GLY D 156 -22.56 19.97 -5.48
C GLY D 156 -23.51 19.41 -6.54
N ILE D 157 -23.59 20.11 -7.68
CA ILE D 157 -24.47 19.69 -8.77
C ILE D 157 -23.95 18.42 -9.46
N PRO D 158 -22.69 18.42 -9.93
CA PRO D 158 -22.21 17.19 -10.58
C PRO D 158 -22.22 16.01 -9.61
N VAL D 159 -21.95 16.27 -8.34
CA VAL D 159 -21.96 15.19 -7.36
C VAL D 159 -23.37 14.62 -7.24
N GLY D 160 -24.36 15.51 -7.16
CA GLY D 160 -25.74 15.08 -7.07
C GLY D 160 -26.18 14.31 -8.32
N LYS D 161 -25.90 14.89 -9.48
CA LYS D 161 -26.25 14.24 -10.74
C LYS D 161 -25.73 12.80 -10.79
N LEU D 162 -24.47 12.60 -10.41
CA LEU D 162 -23.88 11.27 -10.46
C LEU D 162 -24.47 10.29 -9.44
N CYS D 163 -24.99 10.80 -8.33
CA CYS D 163 -25.61 9.93 -7.34
C CYS D 163 -26.87 9.35 -7.96
N LEU D 164 -27.52 10.16 -8.78
CA LEU D 164 -28.74 9.74 -9.46
C LEU D 164 -28.41 8.76 -10.59
N TYR D 165 -27.23 8.87 -11.17
CA TYR D 165 -26.82 7.94 -12.23
C TYR D 165 -26.87 6.53 -11.64
N THR D 166 -26.39 6.43 -10.40
CA THR D 166 -26.35 5.16 -9.72
C THR D 166 -27.68 4.76 -9.09
N ALA D 167 -28.30 5.67 -8.35
CA ALA D 167 -29.58 5.37 -7.70
C ALA D 167 -30.69 5.05 -8.69
N CYS D 168 -30.72 5.76 -9.82
CA CYS D 168 -31.76 5.55 -10.82
C CYS D 168 -31.50 4.53 -11.92
N ALA D 169 -30.30 4.52 -12.49
CA ALA D 169 -29.99 3.58 -13.57
C ALA D 169 -28.98 2.48 -13.27
N GLY D 170 -28.51 2.39 -12.03
CA GLY D 170 -27.57 1.36 -11.68
C GLY D 170 -26.19 1.45 -12.34
N ILE D 171 -25.74 2.67 -12.61
CA ILE D 171 -24.41 2.84 -13.19
C ILE D 171 -23.39 2.71 -12.05
N ARG D 172 -22.32 1.96 -12.28
CA ARG D 172 -21.33 1.75 -11.23
C ARG D 172 -20.70 3.03 -10.67
N PRO D 173 -20.89 3.28 -9.37
CA PRO D 173 -20.35 4.46 -8.69
C PRO D 173 -18.86 4.68 -8.99
N ASP D 174 -18.08 3.60 -8.92
CA ASP D 174 -16.65 3.71 -9.16
C ASP D 174 -16.32 4.09 -10.59
N ARG D 175 -17.32 4.12 -11.46
CA ARG D 175 -17.04 4.51 -12.83
C ARG D 175 -17.58 5.90 -13.16
N CYS D 176 -17.97 6.63 -12.11
CA CYS D 176 -18.48 7.98 -12.25
C CYS D 176 -17.49 9.02 -11.70
N LEU D 177 -17.33 10.12 -12.44
CA LEU D 177 -16.40 11.20 -12.07
C LEU D 177 -16.97 12.61 -12.10
N PRO D 178 -17.27 13.20 -10.92
CA PRO D 178 -17.81 14.56 -10.86
C PRO D 178 -16.66 15.56 -11.11
N VAL D 179 -16.86 16.52 -12.00
CA VAL D 179 -15.80 17.47 -12.30
C VAL D 179 -16.25 18.93 -12.23
N CYS D 180 -15.41 19.76 -11.62
CA CYS D 180 -15.67 21.19 -11.52
C CYS D 180 -14.50 21.97 -12.12
N ILE D 181 -14.77 22.75 -13.16
CA ILE D 181 -13.76 23.58 -13.83
C ILE D 181 -13.83 24.97 -13.18
N ASP D 182 -12.71 25.41 -12.60
CA ASP D 182 -12.66 26.70 -11.91
C ASP D 182 -11.81 27.76 -12.61
N VAL D 183 -12.48 28.74 -13.20
CA VAL D 183 -11.78 29.80 -13.90
C VAL D 183 -12.19 31.15 -13.29
N GLY D 184 -12.65 31.10 -12.04
CA GLY D 184 -13.06 32.30 -11.36
C GLY D 184 -14.57 32.40 -11.23
N THR D 185 -15.04 33.50 -10.66
CA THR D 185 -16.48 33.69 -10.49
C THR D 185 -16.81 35.18 -10.49
N ASP D 186 -17.97 35.54 -11.02
CA ASP D 186 -18.38 36.94 -11.04
C ASP D 186 -19.30 37.27 -9.86
N ASN D 187 -19.52 36.28 -9.00
CA ASN D 187 -20.36 36.46 -7.82
C ASN D 187 -19.56 37.26 -6.79
N ILE D 188 -19.89 38.54 -6.66
CA ILE D 188 -19.20 39.42 -5.72
C ILE D 188 -19.22 38.93 -4.29
N ALA D 189 -20.34 38.37 -3.86
CA ALA D 189 -20.45 37.87 -2.50
C ALA D 189 -19.43 36.76 -2.19
N LEU D 190 -19.21 35.85 -3.14
CA LEU D 190 -18.26 34.78 -2.93
C LEU D 190 -16.81 35.25 -2.94
N LEU D 191 -16.53 36.27 -3.74
CA LEU D 191 -15.18 36.80 -3.81
C LEU D 191 -14.74 37.43 -2.48
N LYS D 192 -15.69 37.71 -1.60
CA LYS D 192 -15.36 38.29 -0.30
C LYS D 192 -15.65 37.29 0.81
N ASP D 193 -15.99 36.06 0.43
CA ASP D 193 -16.31 34.99 1.38
C ASP D 193 -15.04 34.24 1.76
N PRO D 194 -14.64 34.30 3.04
CA PRO D 194 -13.44 33.61 3.52
C PRO D 194 -13.50 32.08 3.40
N PHE D 195 -14.72 31.55 3.22
CA PHE D 195 -14.88 30.10 3.09
C PHE D 195 -15.01 29.65 1.64
N TYR D 196 -14.95 30.59 0.69
CA TYR D 196 -15.07 30.21 -0.72
C TYR D 196 -13.96 29.22 -1.08
N MSE D 197 -14.32 28.16 -1.82
CA MSE D 197 -13.35 27.13 -2.17
C MSE D 197 -12.69 27.21 -3.56
O MSE D 197 -12.04 26.26 -4.00
CB MSE D 197 -14.00 25.73 -1.98
CG MSE D 197 -15.51 25.74 -1.82
SE MSE D 197 -16.13 24.11 -0.91
CE MSE D 197 -15.79 22.81 -2.29
N GLY D 198 -12.85 28.35 -4.23
CA GLY D 198 -12.24 28.48 -5.54
C GLY D 198 -11.20 29.59 -5.63
N LEU D 199 -10.82 29.91 -6.86
CA LEU D 199 -9.86 30.96 -7.14
C LEU D 199 -10.51 32.32 -6.90
N TYR D 200 -9.85 33.20 -6.16
CA TYR D 200 -10.41 34.53 -5.91
C TYR D 200 -10.11 35.49 -7.06
N GLN D 201 -10.82 35.32 -8.17
CA GLN D 201 -10.66 36.18 -9.34
C GLN D 201 -11.95 36.13 -10.15
N LYS D 202 -12.17 37.15 -10.97
CA LYS D 202 -13.34 37.21 -11.82
C LYS D 202 -13.22 36.11 -12.87
N ARG D 203 -14.33 35.71 -13.48
CA ARG D 203 -14.27 34.68 -14.50
C ARG D 203 -13.38 35.05 -15.66
N ASP D 204 -12.54 34.11 -16.08
CA ASP D 204 -11.67 34.32 -17.21
C ASP D 204 -12.51 33.97 -18.44
N ARG D 205 -12.77 34.96 -19.28
CA ARG D 205 -13.59 34.72 -20.47
C ARG D 205 -12.77 34.85 -21.77
N THR D 206 -11.46 34.68 -21.68
CA THR D 206 -10.62 34.78 -22.85
C THR D 206 -10.46 33.39 -23.48
N GLN D 207 -9.67 33.31 -24.55
CA GLN D 207 -9.44 32.04 -25.22
C GLN D 207 -8.82 31.02 -24.27
N GLN D 208 -8.22 31.50 -23.18
CA GLN D 208 -7.61 30.58 -22.22
C GLN D 208 -8.67 29.67 -21.59
N TYR D 209 -9.88 30.18 -21.46
CA TYR D 209 -10.98 29.39 -20.92
C TYR D 209 -11.27 28.26 -21.89
N ASP D 210 -11.46 28.61 -23.16
CA ASP D 210 -11.73 27.61 -24.17
C ASP D 210 -10.61 26.60 -24.25
N ASP D 211 -9.37 27.08 -24.13
CA ASP D 211 -8.22 26.19 -24.20
C ASP D 211 -8.23 25.17 -23.05
N LEU D 212 -8.59 25.62 -21.87
CA LEU D 212 -8.65 24.76 -20.70
C LEU D 212 -9.69 23.64 -20.88
N ILE D 213 -10.86 23.98 -21.40
CA ILE D 213 -11.89 22.98 -21.60
C ILE D 213 -11.39 21.96 -22.62
N ASP D 214 -10.68 22.44 -23.65
CA ASP D 214 -10.12 21.56 -24.67
C ASP D 214 -9.13 20.60 -24.06
N GLU D 215 -8.21 21.14 -23.25
CA GLU D 215 -7.19 20.34 -22.59
C GLU D 215 -7.86 19.29 -21.70
N PHE D 216 -8.91 19.68 -21.02
CA PHE D 216 -9.64 18.76 -20.14
C PHE D 216 -10.29 17.62 -20.92
N MSE D 217 -10.99 17.95 -22.00
CA MSE D 217 -11.65 16.94 -22.82
C MSE D 217 -10.63 15.95 -23.37
O MSE D 217 -10.84 14.73 -23.32
CB MSE D 217 -12.38 17.61 -23.99
CG MSE D 217 -13.76 17.05 -24.23
SE MSE D 217 -14.92 17.53 -22.78
CE MSE D 217 -14.86 19.41 -23.07
N LYS D 218 -9.51 16.45 -23.85
CA LYS D 218 -8.45 15.60 -24.38
C LYS D 218 -7.84 14.72 -23.29
N ALA D 219 -7.59 15.29 -22.11
CA ALA D 219 -6.99 14.54 -21.01
C ALA D 219 -7.89 13.43 -20.48
N ILE D 220 -9.18 13.74 -20.33
CA ILE D 220 -10.12 12.75 -19.85
C ILE D 220 -10.22 11.59 -20.83
N THR D 221 -10.35 11.90 -22.11
CA THR D 221 -10.45 10.85 -23.11
C THR D 221 -9.13 10.11 -23.32
N ASP D 222 -8.01 10.80 -23.13
CA ASP D 222 -6.71 10.15 -23.29
C ASP D 222 -6.54 9.04 -22.26
N ARG D 223 -6.96 9.29 -21.02
CA ARG D 223 -6.82 8.30 -19.96
C ARG D 223 -7.92 7.25 -19.92
N TYR D 224 -9.16 7.67 -20.11
CA TYR D 224 -10.26 6.74 -20.00
C TYR D 224 -10.89 6.20 -21.28
N GLY D 225 -10.59 6.80 -22.42
CA GLY D 225 -11.14 6.33 -23.67
C GLY D 225 -11.95 7.38 -24.41
N ARG D 226 -11.91 7.31 -25.74
CA ARG D 226 -12.63 8.26 -26.57
C ARG D 226 -14.15 8.23 -26.38
N ASN D 227 -14.70 7.08 -26.02
CA ASN D 227 -16.15 7.01 -25.86
C ASN D 227 -16.66 7.30 -24.45
N THR D 228 -15.80 7.85 -23.60
CA THR D 228 -16.19 8.20 -22.24
C THR D 228 -17.34 9.20 -22.33
N LEU D 229 -18.41 8.94 -21.57
CA LEU D 229 -19.57 9.82 -21.58
C LEU D 229 -19.30 11.09 -20.78
N ILE D 230 -19.35 12.23 -21.45
CA ILE D 230 -19.13 13.51 -20.78
C ILE D 230 -20.40 14.36 -20.81
N GLN D 231 -21.01 14.52 -19.64
CA GLN D 231 -22.22 15.30 -19.49
C GLN D 231 -21.94 16.73 -19.00
N PHE D 232 -22.19 17.71 -19.86
CA PHE D 232 -22.00 19.12 -19.48
C PHE D 232 -23.21 19.54 -18.66
N GLU D 233 -22.96 20.17 -17.53
CA GLU D 233 -24.04 20.61 -16.66
C GLU D 233 -23.84 22.00 -16.10
N ASP D 234 -24.89 22.81 -16.18
CA ASP D 234 -24.88 24.15 -15.64
C ASP D 234 -23.82 25.14 -16.12
N PHE D 235 -23.59 25.16 -17.43
CA PHE D 235 -22.67 26.12 -18.01
C PHE D 235 -23.52 27.33 -18.41
N GLY D 236 -22.90 28.49 -18.55
CA GLY D 236 -23.66 29.68 -18.94
C GLY D 236 -24.15 29.52 -20.37
N ASN D 237 -25.19 30.29 -20.70
CA ASN D 237 -25.83 30.25 -22.02
C ASN D 237 -24.90 30.28 -23.24
N HIS D 238 -23.97 31.24 -23.27
CA HIS D 238 -23.07 31.33 -24.42
C HIS D 238 -22.22 30.07 -24.58
N ASN D 239 -21.48 29.71 -23.54
CA ASN D 239 -20.62 28.54 -23.59
C ASN D 239 -21.32 27.19 -23.75
N ALA D 240 -22.53 27.05 -23.21
CA ALA D 240 -23.25 25.79 -23.30
C ALA D 240 -23.45 25.33 -24.74
N PHE D 241 -23.98 26.22 -25.57
CA PHE D 241 -24.23 25.86 -26.96
C PHE D 241 -22.96 25.62 -27.75
N ARG D 242 -22.03 26.56 -27.70
CA ARG D 242 -20.80 26.40 -28.48
C ARG D 242 -19.92 25.22 -28.07
N PHE D 243 -19.99 24.79 -26.81
CA PHE D 243 -19.22 23.64 -26.39
C PHE D 243 -19.94 22.39 -26.91
N LEU D 244 -21.26 22.44 -26.95
CA LEU D 244 -22.06 21.31 -27.42
C LEU D 244 -21.76 21.10 -28.90
N ARG D 245 -21.87 22.16 -29.67
CA ARG D 245 -21.63 22.12 -31.11
C ARG D 245 -20.20 21.72 -31.46
N LYS D 246 -19.26 22.26 -30.71
CA LYS D 246 -17.85 21.99 -30.94
C LYS D 246 -17.43 20.56 -30.61
N TYR D 247 -18.00 19.98 -29.57
CA TYR D 247 -17.63 18.64 -29.14
C TYR D 247 -18.54 17.46 -29.49
N ARG D 248 -19.83 17.71 -29.68
CA ARG D 248 -20.75 16.61 -29.95
C ARG D 248 -20.34 15.63 -31.04
N GLU D 249 -19.56 16.08 -32.00
CA GLU D 249 -19.11 15.21 -33.09
C GLU D 249 -17.71 14.63 -32.88
N LYS D 250 -16.98 15.15 -31.91
CA LYS D 250 -15.63 14.68 -31.62
C LYS D 250 -15.56 13.77 -30.40
N TYR D 251 -16.46 13.98 -29.45
CA TYR D 251 -16.47 13.16 -28.25
C TYR D 251 -17.87 12.64 -28.00
N CYS D 252 -18.01 11.80 -26.98
CA CYS D 252 -19.31 11.28 -26.61
C CYS D 252 -19.78 12.22 -25.53
N THR D 253 -20.51 13.26 -25.95
CA THR D 253 -20.96 14.26 -25.01
C THR D 253 -22.34 14.83 -25.31
N PHE D 254 -22.97 15.42 -24.30
CA PHE D 254 -24.28 16.04 -24.43
C PHE D 254 -24.46 17.04 -23.30
N ASN D 255 -25.41 17.95 -23.47
CA ASN D 255 -25.68 18.94 -22.45
C ASN D 255 -27.04 18.69 -21.84
N ASP D 256 -27.05 18.42 -20.54
CA ASP D 256 -28.25 18.10 -19.78
C ASP D 256 -29.29 19.24 -19.72
N ASP D 257 -28.85 20.48 -19.74
CA ASP D 257 -29.77 21.61 -19.67
C ASP D 257 -30.42 21.95 -21.00
N ILE D 258 -29.77 21.54 -22.09
CA ILE D 258 -30.30 21.80 -23.41
C ILE D 258 -31.05 20.57 -23.92
N GLN D 259 -30.42 19.40 -23.88
CA GLN D 259 -31.01 18.17 -24.39
C GLN D 259 -31.78 17.33 -23.35
N GLY D 260 -31.26 17.25 -22.13
CA GLY D 260 -31.94 16.48 -21.10
C GLY D 260 -33.29 17.09 -20.80
N THR D 261 -33.28 18.39 -20.52
CA THR D 261 -34.51 19.10 -20.21
C THR D 261 -35.45 19.11 -21.40
N ALA D 262 -34.91 19.21 -22.61
CA ALA D 262 -35.73 19.20 -23.82
C ALA D 262 -36.57 17.92 -23.88
N ALA D 263 -35.90 16.78 -23.66
CA ALA D 263 -36.58 15.48 -23.70
C ALA D 263 -37.65 15.29 -22.62
N VAL D 264 -37.38 15.69 -21.38
CA VAL D 264 -38.41 15.51 -20.35
C VAL D 264 -39.61 16.43 -20.59
N ALA D 265 -39.35 17.63 -21.10
CA ALA D 265 -40.42 18.58 -21.37
C ALA D 265 -41.29 17.99 -22.47
N LEU D 266 -40.65 17.51 -23.53
CA LEU D 266 -41.38 16.91 -24.64
C LEU D 266 -42.22 15.73 -24.16
N ALA D 267 -41.66 14.93 -23.26
CA ALA D 267 -42.38 13.77 -22.73
C ALA D 267 -43.67 14.23 -22.10
N GLY D 268 -43.60 15.32 -21.34
CA GLY D 268 -44.77 15.86 -20.68
C GLY D 268 -45.82 16.40 -21.65
N LEU D 269 -45.35 17.05 -22.72
CA LEU D 269 -46.22 17.61 -23.74
C LEU D 269 -46.94 16.49 -24.50
N LEU D 270 -46.23 15.39 -24.75
CA LEU D 270 -46.81 14.24 -25.44
C LEU D 270 -47.88 13.60 -24.56
N ALA D 271 -47.68 13.64 -23.24
CA ALA D 271 -48.64 13.08 -22.32
C ALA D 271 -49.89 13.94 -22.27
N ALA D 272 -49.68 15.27 -22.30
CA ALA D 272 -50.79 16.21 -22.24
C ALA D 272 -51.64 16.07 -23.50
N GLN D 273 -51.00 15.91 -24.66
CA GLN D 273 -51.70 15.76 -25.92
C GLN D 273 -52.56 14.50 -25.86
N LYS D 274 -52.12 13.54 -25.05
CA LYS D 274 -52.83 12.28 -24.90
C LYS D 274 -54.22 12.52 -24.29
N VAL D 275 -54.33 13.56 -23.47
CA VAL D 275 -55.61 13.86 -22.83
C VAL D 275 -56.38 14.99 -23.48
N ILE D 276 -55.69 15.88 -24.20
CA ILE D 276 -56.36 17.00 -24.85
C ILE D 276 -56.68 16.71 -26.32
N SER D 277 -55.87 15.87 -26.95
CA SER D 277 -56.07 15.49 -28.34
C SER D 277 -56.36 16.70 -29.23
N LYS D 278 -55.49 17.71 -29.16
CA LYS D 278 -55.65 18.92 -29.96
C LYS D 278 -55.18 18.70 -31.39
N PRO D 279 -55.88 19.30 -32.37
CA PRO D 279 -55.47 19.13 -33.78
C PRO D 279 -54.08 19.73 -33.94
N ILE D 280 -53.15 18.92 -34.42
CA ILE D 280 -51.76 19.33 -34.62
C ILE D 280 -51.61 20.76 -35.15
N SER D 281 -52.59 21.21 -35.95
CA SER D 281 -52.53 22.54 -36.54
C SER D 281 -52.80 23.67 -35.55
N GLU D 282 -53.63 23.41 -34.54
CA GLU D 282 -53.95 24.44 -33.55
C GLU D 282 -52.99 24.53 -32.37
N HIS D 283 -51.80 23.96 -32.52
CA HIS D 283 -50.82 24.02 -31.45
C HIS D 283 -50.07 25.34 -31.51
N LYS D 284 -50.08 26.07 -30.40
CA LYS D 284 -49.38 27.34 -30.32
C LYS D 284 -48.62 27.33 -29.00
N ILE D 285 -47.29 27.32 -29.09
CA ILE D 285 -46.46 27.26 -27.91
C ILE D 285 -45.71 28.55 -27.61
N LEU D 286 -45.90 29.07 -26.40
CA LEU D 286 -45.23 30.30 -26.00
C LEU D 286 -44.21 30.02 -24.90
N PHE D 287 -42.97 30.44 -25.13
CA PHE D 287 -41.90 30.24 -24.15
C PHE D 287 -41.58 31.48 -23.33
N LEU D 288 -41.47 31.30 -22.01
CA LEU D 288 -41.05 32.39 -21.15
C LEU D 288 -39.57 32.07 -20.99
N GLY D 289 -38.74 32.78 -21.76
CA GLY D 289 -37.31 32.56 -21.74
C GLY D 289 -36.96 32.02 -23.11
N ALA D 290 -35.72 32.26 -23.56
CA ALA D 290 -35.30 31.79 -24.88
C ALA D 290 -33.85 31.32 -24.86
N GLY D 291 -33.48 30.57 -23.82
CA GLY D 291 -32.12 30.11 -23.71
C GLY D 291 -31.91 28.62 -23.87
N GLU D 292 -31.02 28.06 -23.06
CA GLU D 292 -30.69 26.65 -23.12
C GLU D 292 -31.91 25.72 -23.17
N ALA D 293 -32.77 25.80 -22.16
CA ALA D 293 -33.94 24.95 -22.13
C ALA D 293 -34.96 25.27 -23.22
N ALA D 294 -35.23 26.55 -23.44
CA ALA D 294 -36.19 26.97 -24.46
C ALA D 294 -35.82 26.47 -25.84
N LEU D 295 -34.60 26.76 -26.26
CA LEU D 295 -34.15 26.34 -27.57
C LEU D 295 -34.04 24.83 -27.65
N GLY D 296 -33.69 24.20 -26.54
CA GLY D 296 -33.59 22.74 -26.53
C GLY D 296 -34.96 22.13 -26.72
N ILE D 297 -35.91 22.54 -25.90
CA ILE D 297 -37.28 22.02 -25.99
C ILE D 297 -37.93 22.34 -27.34
N ALA D 298 -37.71 23.55 -27.84
CA ALA D 298 -38.30 23.97 -29.11
C ALA D 298 -37.81 23.10 -30.26
N ASN D 299 -36.50 22.83 -30.30
CA ASN D 299 -35.92 22.00 -31.35
C ASN D 299 -36.45 20.58 -31.30
N LEU D 300 -36.70 20.07 -30.10
CA LEU D 300 -37.21 18.72 -29.97
C LEU D 300 -38.69 18.67 -30.32
N ILE D 301 -39.42 19.73 -29.96
CA ILE D 301 -40.84 19.79 -30.27
C ILE D 301 -40.98 19.75 -31.79
N VAL D 302 -40.18 20.55 -32.47
CA VAL D 302 -40.20 20.60 -33.93
C VAL D 302 -39.90 19.24 -34.56
N MSE D 303 -38.95 18.50 -33.99
CA MSE D 303 -38.60 17.18 -34.51
C MSE D 303 -39.80 16.23 -34.37
O MSE D 303 -40.03 15.37 -35.22
CB MSE D 303 -37.40 16.58 -33.76
CG MSE D 303 -36.07 17.19 -34.14
SE MSE D 303 -34.64 16.33 -33.13
CE MSE D 303 -34.45 14.72 -34.17
N SER D 304 -40.54 16.40 -33.29
CA SER D 304 -41.71 15.58 -33.02
C SER D 304 -42.85 15.88 -34.01
N MSE D 305 -43.02 17.16 -34.33
CA MSE D 305 -44.07 17.58 -35.25
C MSE D 305 -43.71 17.20 -36.68
O MSE D 305 -44.57 16.83 -37.47
CB MSE D 305 -44.30 19.09 -35.15
CG MSE D 305 -44.89 19.52 -33.81
SE MSE D 305 -45.26 21.43 -33.81
CE MSE D 305 -43.46 22.09 -33.69
N VAL D 306 -42.42 17.28 -37.01
CA VAL D 306 -41.98 16.94 -38.35
C VAL D 306 -42.18 15.45 -38.61
N GLU D 307 -41.93 14.63 -37.60
CA GLU D 307 -42.10 13.19 -37.78
C GLU D 307 -43.58 12.82 -37.68
N ASN D 308 -44.42 13.83 -37.53
CA ASN D 308 -45.86 13.59 -37.46
C ASN D 308 -46.64 14.36 -38.52
N GLY D 309 -45.96 14.70 -39.62
CA GLY D 309 -46.62 15.40 -40.71
C GLY D 309 -46.05 16.75 -41.11
N LEU D 310 -46.20 17.74 -40.23
CA LEU D 310 -45.72 19.10 -40.47
C LEU D 310 -44.29 19.17 -40.98
N SER D 311 -43.99 20.26 -41.67
CA SER D 311 -42.65 20.52 -42.19
C SER D 311 -41.89 21.29 -41.12
N GLU D 312 -40.57 21.24 -41.18
CA GLU D 312 -39.76 21.95 -40.20
C GLU D 312 -40.15 23.43 -40.15
N GLN D 313 -40.34 24.03 -41.31
CA GLN D 313 -40.70 25.45 -41.39
C GLN D 313 -42.06 25.76 -40.77
N GLU D 314 -43.04 24.90 -41.03
CA GLU D 314 -44.40 25.09 -40.51
C GLU D 314 -44.49 24.80 -39.00
N ALA D 315 -43.62 23.92 -38.51
CA ALA D 315 -43.64 23.59 -37.08
C ALA D 315 -42.99 24.70 -36.27
N GLN D 316 -41.95 25.31 -36.81
CA GLN D 316 -41.26 26.38 -36.11
C GLN D 316 -42.14 27.62 -35.94
N LYS D 317 -43.09 27.80 -36.87
CA LYS D 317 -44.00 28.94 -36.83
C LYS D 317 -45.01 28.84 -35.68
N LYS D 318 -45.20 27.64 -35.16
CA LYS D 318 -46.14 27.44 -34.06
C LYS D 318 -45.50 27.69 -32.70
N ILE D 319 -44.20 28.02 -32.72
CA ILE D 319 -43.48 28.26 -31.48
C ILE D 319 -43.01 29.72 -31.35
N TRP D 320 -43.38 30.35 -30.23
CA TRP D 320 -42.99 31.73 -29.95
C TRP D 320 -42.17 31.81 -28.67
N MSE D 321 -41.31 32.82 -28.56
CA MSE D 321 -40.47 32.98 -27.38
C MSE D 321 -40.48 34.41 -26.83
O MSE D 321 -40.52 35.38 -27.58
CB MSE D 321 -39.04 32.55 -27.71
CG MSE D 321 -38.95 31.19 -28.39
SE MSE D 321 -37.11 30.56 -28.40
CE MSE D 321 -36.44 31.45 -29.97
N PHE D 322 -40.45 34.52 -25.50
CA PHE D 322 -40.44 35.82 -24.85
C PHE D 322 -39.32 35.84 -23.79
N ASP D 323 -38.24 36.56 -24.05
CA ASP D 323 -37.13 36.64 -23.11
C ASP D 323 -37.12 37.90 -22.25
N LYS D 324 -36.00 38.18 -21.59
CA LYS D 324 -35.90 39.34 -20.69
C LYS D 324 -36.11 40.68 -21.37
N TYR D 325 -35.99 40.71 -22.70
CA TYR D 325 -36.15 41.95 -23.45
C TYR D 325 -37.50 42.00 -24.18
N GLY D 326 -38.31 40.96 -24.00
CA GLY D 326 -39.60 40.93 -24.66
C GLY D 326 -39.73 39.87 -25.74
N LEU D 327 -40.87 39.90 -26.44
CA LEU D 327 -41.16 38.94 -27.50
C LEU D 327 -40.08 38.93 -28.59
N LEU D 328 -39.75 37.73 -29.09
CA LEU D 328 -38.73 37.62 -30.14
C LEU D 328 -39.36 37.84 -31.52
N VAL D 329 -39.27 39.06 -32.03
CA VAL D 329 -39.82 39.36 -33.34
C VAL D 329 -38.72 39.93 -34.24
N LYS D 330 -38.85 39.69 -35.54
CA LYS D 330 -37.86 40.16 -36.50
C LYS D 330 -37.59 41.66 -36.38
N GLY D 331 -36.32 42.03 -36.44
CA GLY D 331 -35.95 43.44 -36.35
C GLY D 331 -36.07 44.11 -34.99
N ARG D 332 -36.20 43.32 -33.93
CA ARG D 332 -36.30 43.92 -32.60
C ARG D 332 -34.93 44.46 -32.25
N LYS D 333 -34.87 45.34 -31.25
CA LYS D 333 -33.60 45.91 -30.84
C LYS D 333 -32.67 44.89 -30.18
N ALA D 334 -33.22 44.08 -29.27
CA ALA D 334 -32.44 43.07 -28.57
C ALA D 334 -31.89 42.01 -29.52
N LYS D 335 -30.67 41.57 -29.28
CA LYS D 335 -30.01 40.57 -30.12
C LYS D 335 -30.83 39.29 -30.35
N ILE D 336 -30.53 38.61 -31.44
CA ILE D 336 -31.18 37.36 -31.82
C ILE D 336 -30.08 36.51 -32.43
N ASP D 337 -29.70 35.43 -31.76
CA ASP D 337 -28.64 34.57 -32.27
C ASP D 337 -29.17 33.58 -33.30
N SER D 338 -28.24 32.81 -33.88
CA SER D 338 -28.58 31.82 -34.90
C SER D 338 -29.58 30.76 -34.44
N TYR D 339 -29.52 30.37 -33.17
CA TYR D 339 -30.42 29.35 -32.65
C TYR D 339 -31.85 29.85 -32.47
N GLN D 340 -32.01 31.16 -32.26
CA GLN D 340 -33.32 31.76 -32.06
C GLN D 340 -34.00 32.19 -33.35
N GLU D 341 -33.21 32.45 -34.39
CA GLU D 341 -33.74 32.88 -35.68
C GLU D 341 -34.97 32.09 -36.12
N PRO D 342 -34.88 30.74 -36.15
CA PRO D 342 -36.00 29.89 -36.55
C PRO D 342 -37.30 30.15 -35.79
N PHE D 343 -37.21 30.70 -34.59
CA PHE D 343 -38.41 30.95 -33.80
C PHE D 343 -38.72 32.42 -33.62
N THR D 344 -37.99 33.26 -34.35
CA THR D 344 -38.20 34.70 -34.31
C THR D 344 -39.09 35.01 -35.50
N HIS D 345 -40.34 35.39 -35.24
CA HIS D 345 -41.30 35.68 -36.30
C HIS D 345 -41.54 37.18 -36.53
N SER D 346 -42.34 37.48 -37.55
CA SER D 346 -42.67 38.86 -37.89
C SER D 346 -43.58 39.40 -36.80
N ALA D 347 -43.24 40.56 -36.26
CA ALA D 347 -44.02 41.18 -35.19
C ALA D 347 -45.52 41.15 -35.46
N PRO D 348 -46.31 40.78 -34.44
CA PRO D 348 -47.78 40.72 -34.56
C PRO D 348 -48.37 42.12 -34.67
N GLU D 349 -49.70 42.21 -34.69
CA GLU D 349 -50.39 43.50 -34.80
C GLU D 349 -49.89 44.50 -33.77
N SER D 350 -49.79 44.05 -32.52
CA SER D 350 -49.31 44.90 -31.45
C SER D 350 -48.23 44.12 -30.70
N ILE D 351 -47.12 44.79 -30.40
CA ILE D 351 -46.02 44.15 -29.70
C ILE D 351 -46.28 44.13 -28.19
N PRO D 352 -46.42 42.93 -27.61
CA PRO D 352 -46.68 42.79 -26.18
C PRO D 352 -45.55 43.34 -25.29
N ASP D 353 -45.94 43.98 -24.20
CA ASP D 353 -44.99 44.58 -23.27
C ASP D 353 -44.60 43.59 -22.17
N THR D 354 -45.60 42.88 -21.65
CA THR D 354 -45.34 41.90 -20.60
C THR D 354 -45.68 40.54 -21.15
N PHE D 355 -45.44 39.49 -20.36
CA PHE D 355 -45.72 38.14 -20.80
C PHE D 355 -47.23 37.95 -20.90
N GLU D 356 -47.97 38.55 -19.96
CA GLU D 356 -49.43 38.46 -19.96
C GLU D 356 -49.99 39.01 -21.28
N ASP D 357 -49.41 40.10 -21.78
CA ASP D 357 -49.87 40.67 -23.04
C ASP D 357 -49.57 39.71 -24.18
N ALA D 358 -48.45 39.01 -24.08
CA ALA D 358 -48.05 38.05 -25.11
C ALA D 358 -49.04 36.89 -25.18
N VAL D 359 -49.61 36.55 -24.03
CA VAL D 359 -50.57 35.45 -23.96
C VAL D 359 -51.91 35.88 -24.59
N ASN D 360 -52.33 37.10 -24.30
CA ASN D 360 -53.60 37.60 -24.83
C ASN D 360 -53.55 37.89 -26.31
N ILE D 361 -52.39 38.29 -26.81
CA ILE D 361 -52.22 38.60 -28.21
C ILE D 361 -51.94 37.36 -29.08
N LEU D 362 -51.13 36.45 -28.56
CA LEU D 362 -50.78 35.24 -29.29
C LEU D 362 -51.76 34.10 -29.01
N LYS D 363 -52.38 34.15 -27.83
CA LYS D 363 -53.34 33.13 -27.43
C LYS D 363 -52.78 31.72 -27.56
N PRO D 364 -51.64 31.46 -26.91
CA PRO D 364 -51.00 30.14 -26.95
C PRO D 364 -51.82 29.09 -26.23
N SER D 365 -51.68 27.85 -26.66
CA SER D 365 -52.39 26.73 -26.04
C SER D 365 -51.48 26.13 -24.96
N THR D 366 -50.20 26.43 -25.07
CA THR D 366 -49.19 25.94 -24.14
C THR D 366 -48.26 27.05 -23.67
N ILE D 367 -47.98 27.09 -22.38
CA ILE D 367 -47.07 28.08 -21.82
C ILE D 367 -45.96 27.33 -21.06
N ILE D 368 -44.70 27.56 -21.45
CA ILE D 368 -43.54 26.90 -20.84
C ILE D 368 -42.57 27.86 -20.18
N GLY D 369 -42.50 27.80 -18.84
CA GLY D 369 -41.62 28.67 -18.10
C GLY D 369 -40.22 28.12 -17.89
N VAL D 370 -39.24 28.76 -18.51
CA VAL D 370 -37.85 28.36 -18.40
C VAL D 370 -36.96 29.59 -18.37
N ALA D 371 -37.27 30.53 -17.49
CA ALA D 371 -36.48 31.76 -17.40
C ALA D 371 -35.60 31.80 -16.14
N GLY D 372 -35.86 30.88 -15.21
CA GLY D 372 -35.09 30.83 -13.98
C GLY D 372 -35.05 32.15 -13.24
N ALA D 373 -36.13 32.92 -13.33
CA ALA D 373 -36.18 34.23 -12.69
C ALA D 373 -37.33 34.47 -11.71
N GLY D 374 -37.94 33.41 -11.20
CA GLY D 374 -39.02 33.60 -10.25
C GLY D 374 -40.42 33.54 -10.82
N ARG D 375 -41.38 33.98 -9.99
CA ARG D 375 -42.80 33.95 -10.31
C ARG D 375 -43.29 34.84 -11.46
N LEU D 376 -42.86 34.55 -12.68
CA LEU D 376 -43.30 35.34 -13.82
C LEU D 376 -44.67 34.88 -14.35
N PHE D 377 -45.11 33.69 -13.98
CA PHE D 377 -46.43 33.23 -14.38
C PHE D 377 -47.38 33.72 -13.30
N THR D 378 -47.65 35.03 -13.33
CA THR D 378 -48.53 35.68 -12.36
C THR D 378 -49.97 35.18 -12.49
N PRO D 379 -50.79 35.40 -11.45
CA PRO D 379 -52.19 34.99 -11.44
C PRO D 379 -52.91 35.47 -12.70
N ASP D 380 -52.58 36.68 -13.13
CA ASP D 380 -53.18 37.24 -14.33
C ASP D 380 -52.80 36.42 -15.55
N VAL D 381 -51.55 35.98 -15.63
CA VAL D 381 -51.09 35.17 -16.76
C VAL D 381 -51.83 33.83 -16.76
N ILE D 382 -52.00 33.26 -15.58
CA ILE D 382 -52.69 31.98 -15.45
C ILE D 382 -54.18 32.08 -15.79
N ARG D 383 -54.85 33.11 -15.31
CA ARG D 383 -56.27 33.29 -15.61
C ARG D 383 -56.49 33.49 -17.10
N ALA D 384 -55.58 34.21 -17.73
CA ALA D 384 -55.68 34.46 -19.16
C ALA D 384 -55.62 33.16 -19.93
N MSE D 385 -54.72 32.26 -19.49
CA MSE D 385 -54.56 30.98 -20.16
C MSE D 385 -55.81 30.11 -20.01
O MSE D 385 -56.16 29.34 -20.91
CB MSE D 385 -53.34 30.24 -19.59
CG MSE D 385 -52.62 29.35 -20.58
SE MSE D 385 -51.87 30.41 -22.02
CE MSE D 385 -50.64 31.44 -20.95
N ALA D 386 -56.46 30.25 -18.87
CA ALA D 386 -57.67 29.49 -18.55
C ALA D 386 -58.89 30.02 -19.32
N SER D 387 -58.86 31.31 -19.64
CA SER D 387 -59.95 31.94 -20.36
C SER D 387 -59.81 31.71 -21.86
N ILE D 388 -58.58 31.52 -22.33
CA ILE D 388 -58.31 31.29 -23.75
C ILE D 388 -58.36 29.81 -24.13
N ASN D 389 -58.06 28.93 -23.18
CA ASN D 389 -58.05 27.50 -23.44
C ASN D 389 -58.92 26.74 -22.44
N GLU D 390 -59.54 25.67 -22.91
CA GLU D 390 -60.37 24.85 -22.04
C GLU D 390 -59.44 24.04 -21.14
N ARG D 391 -58.35 23.55 -21.74
CA ARG D 391 -57.33 22.77 -21.02
C ARG D 391 -55.95 23.38 -21.27
N PRO D 392 -55.64 24.50 -20.61
CA PRO D 392 -54.34 25.11 -20.84
C PRO D 392 -53.18 24.28 -20.26
N VAL D 393 -52.08 24.20 -21.01
CA VAL D 393 -50.91 23.46 -20.56
C VAL D 393 -49.92 24.48 -19.99
N ILE D 394 -49.62 24.35 -18.70
CA ILE D 394 -48.71 25.25 -18.00
C ILE D 394 -47.51 24.54 -17.36
N PHE D 395 -46.33 24.81 -17.90
CA PHE D 395 -45.09 24.21 -17.41
C PHE D 395 -44.16 25.26 -16.76
N ALA D 396 -43.91 25.10 -15.46
CA ALA D 396 -43.00 26.00 -14.74
C ALA D 396 -41.79 25.14 -14.39
N LEU D 397 -40.82 25.09 -15.31
CA LEU D 397 -39.63 24.25 -15.14
C LEU D 397 -38.41 24.76 -14.37
N SER D 398 -38.32 26.06 -14.13
CA SER D 398 -37.17 26.61 -13.42
C SER D 398 -36.99 26.08 -11.99
N ASN D 399 -35.73 25.89 -11.60
CA ASN D 399 -35.38 25.38 -10.27
C ASN D 399 -34.38 26.34 -9.63
N PRO D 400 -34.33 26.38 -8.29
CA PRO D 400 -35.16 25.59 -7.37
C PRO D 400 -36.54 26.23 -7.21
N THR D 401 -37.33 25.73 -6.26
CA THR D 401 -38.68 26.21 -6.00
C THR D 401 -38.88 27.74 -6.01
N ALA D 402 -38.01 28.48 -5.34
CA ALA D 402 -38.15 29.93 -5.30
C ALA D 402 -38.07 30.57 -6.68
N GLN D 403 -37.38 29.89 -7.60
CA GLN D 403 -37.20 30.41 -8.95
C GLN D 403 -38.29 29.96 -9.93
N ALA D 404 -39.18 29.09 -9.47
CA ALA D 404 -40.27 28.58 -10.31
C ALA D 404 -41.21 29.70 -10.80
N GLU D 405 -41.75 29.53 -12.01
CA GLU D 405 -42.65 30.52 -12.58
C GLU D 405 -43.96 30.66 -11.80
N CYS D 406 -44.36 29.58 -11.14
CA CYS D 406 -45.56 29.58 -10.33
C CYS D 406 -45.63 28.25 -9.59
N THR D 407 -46.53 28.14 -8.61
CA THR D 407 -46.67 26.91 -7.85
C THR D 407 -47.83 26.09 -8.39
N ALA D 408 -47.89 24.83 -7.97
CA ALA D 408 -48.95 23.92 -8.39
C ALA D 408 -50.28 24.45 -7.85
N GLU D 409 -50.28 24.88 -6.59
CA GLU D 409 -51.49 25.42 -5.96
C GLU D 409 -52.10 26.54 -6.79
N GLU D 410 -51.27 27.46 -7.24
CA GLU D 410 -51.72 28.60 -8.03
C GLU D 410 -52.25 28.18 -9.39
N ALA D 411 -51.56 27.27 -10.06
CA ALA D 411 -51.98 26.81 -11.38
C ALA D 411 -53.33 26.12 -11.35
N TYR D 412 -53.48 25.11 -10.50
CA TYR D 412 -54.73 24.38 -10.40
C TYR D 412 -55.89 25.24 -9.88
N THR D 413 -55.63 26.02 -8.84
CA THR D 413 -56.65 26.89 -8.25
C THR D 413 -57.18 27.92 -9.25
N LEU D 414 -56.26 28.68 -9.84
CA LEU D 414 -56.63 29.74 -10.79
C LEU D 414 -57.18 29.29 -12.14
N THR D 415 -57.19 27.99 -12.42
CA THR D 415 -57.72 27.49 -13.68
C THR D 415 -58.88 26.53 -13.40
N GLU D 416 -59.26 26.47 -12.13
CA GLU D 416 -60.37 25.62 -11.71
C GLU D 416 -60.14 24.16 -12.06
N GLY D 417 -58.90 23.70 -11.90
CA GLY D 417 -58.55 22.32 -12.19
C GLY D 417 -58.56 21.93 -13.65
N ARG D 418 -58.55 22.92 -14.54
CA ARG D 418 -58.58 22.62 -15.97
C ARG D 418 -57.21 22.52 -16.65
N CYS D 419 -56.17 22.97 -15.96
CA CYS D 419 -54.82 22.96 -16.53
C CYS D 419 -54.09 21.63 -16.36
N LEU D 420 -53.11 21.43 -17.24
CA LEU D 420 -52.25 20.27 -17.21
C LEU D 420 -50.93 20.91 -16.78
N PHE D 421 -50.59 20.74 -15.51
CA PHE D 421 -49.40 21.34 -14.93
C PHE D 421 -48.24 20.40 -14.64
N ALA D 422 -47.03 20.94 -14.77
CA ALA D 422 -45.78 20.22 -14.51
C ALA D 422 -44.76 21.26 -14.06
N SER D 423 -43.84 20.88 -13.17
CA SER D 423 -42.82 21.80 -12.71
C SER D 423 -41.47 21.11 -12.54
N GLY D 424 -40.40 21.89 -12.55
CA GLY D 424 -39.08 21.32 -12.39
C GLY D 424 -38.82 20.84 -10.98
N SER D 425 -39.41 21.53 -10.00
CA SER D 425 -39.23 21.16 -8.60
C SER D 425 -40.48 20.53 -8.02
N PRO D 426 -40.33 19.76 -6.92
CA PRO D 426 -41.48 19.09 -6.30
C PRO D 426 -42.52 19.96 -5.59
N PHE D 427 -43.78 19.59 -5.78
CA PHE D 427 -44.92 20.26 -5.17
C PHE D 427 -45.83 19.11 -4.78
N GLY D 428 -46.38 19.15 -3.58
CA GLY D 428 -47.28 18.09 -3.16
C GLY D 428 -48.61 18.17 -3.90
N PRO D 429 -49.52 17.21 -3.66
CA PRO D 429 -50.83 17.21 -4.32
C PRO D 429 -51.66 18.41 -3.92
N VAL D 430 -52.51 18.88 -4.83
CA VAL D 430 -53.36 20.04 -4.55
C VAL D 430 -54.85 19.69 -4.53
N LYS D 431 -55.52 20.08 -3.44
CA LYS D 431 -56.94 19.83 -3.30
C LYS D 431 -57.73 21.14 -3.40
N LEU D 432 -58.63 21.20 -4.38
CA LEU D 432 -59.44 22.39 -4.59
C LEU D 432 -60.58 22.45 -3.57
N THR D 433 -61.13 23.65 -3.37
CA THR D 433 -62.22 23.85 -2.42
C THR D 433 -63.39 22.91 -2.66
N ASP D 434 -63.56 22.48 -3.91
CA ASP D 434 -64.65 21.59 -4.26
C ASP D 434 -64.34 20.13 -3.94
N GLY D 435 -63.12 19.85 -3.48
CA GLY D 435 -62.77 18.48 -3.13
C GLY D 435 -61.87 17.74 -4.10
N ARG D 436 -61.82 18.17 -5.37
CA ARG D 436 -60.97 17.50 -6.37
C ARG D 436 -59.49 17.59 -5.98
N VAL D 437 -58.77 16.49 -6.16
CA VAL D 437 -57.34 16.44 -5.83
C VAL D 437 -56.46 16.27 -7.05
N PHE D 438 -55.49 17.16 -7.21
CA PHE D 438 -54.58 17.10 -8.34
C PHE D 438 -53.15 16.78 -7.94
N THR D 439 -52.57 15.78 -8.59
CA THR D 439 -51.22 15.36 -8.30
C THR D 439 -50.33 15.76 -9.49
N PRO D 440 -49.57 16.86 -9.34
CA PRO D 440 -48.68 17.39 -10.36
C PRO D 440 -47.40 16.57 -10.58
N GLY D 441 -46.94 16.53 -11.82
CA GLY D 441 -45.74 15.77 -12.14
C GLY D 441 -44.50 16.65 -12.16
N GLN D 442 -43.35 16.03 -11.95
CA GLN D 442 -42.10 16.78 -11.95
C GLN D 442 -41.43 16.64 -13.32
N GLY D 443 -41.35 17.73 -14.05
CA GLY D 443 -40.72 17.71 -15.37
C GLY D 443 -39.27 18.12 -15.17
N ASN D 444 -38.49 17.19 -14.64
CA ASN D 444 -37.07 17.41 -14.38
C ASN D 444 -36.26 16.40 -15.18
N ASN D 445 -35.12 16.83 -15.70
CA ASN D 445 -34.30 15.94 -16.51
C ASN D 445 -33.76 14.70 -15.79
N VAL D 446 -34.06 14.55 -14.51
CA VAL D 446 -33.64 13.37 -13.77
C VAL D 446 -34.37 12.14 -14.34
N TYR D 447 -35.50 12.38 -15.00
CA TYR D 447 -36.25 11.28 -15.62
C TYR D 447 -35.54 10.78 -16.87
N ILE D 448 -34.69 11.61 -17.44
CA ILE D 448 -34.01 11.28 -18.69
C ILE D 448 -32.50 10.91 -18.69
N PHE D 449 -31.64 11.75 -18.12
CA PHE D 449 -30.22 11.46 -18.19
C PHE D 449 -29.72 10.13 -17.63
N PRO D 450 -30.32 9.61 -16.55
CA PRO D 450 -29.83 8.33 -16.03
C PRO D 450 -30.00 7.19 -17.04
N GLY D 451 -31.21 7.05 -17.58
CA GLY D 451 -31.50 6.01 -18.54
C GLY D 451 -30.74 6.16 -19.84
N VAL D 452 -30.62 7.39 -20.32
CA VAL D 452 -29.90 7.63 -21.56
C VAL D 452 -28.41 7.31 -21.37
N ALA D 453 -27.83 7.80 -20.27
CA ALA D 453 -26.43 7.55 -19.98
C ALA D 453 -26.13 6.05 -19.93
N LEU D 454 -26.95 5.29 -19.20
CA LEU D 454 -26.75 3.85 -19.10
C LEU D 454 -26.75 3.19 -20.47
N ALA D 455 -27.69 3.56 -21.34
CA ALA D 455 -27.78 2.97 -22.68
C ALA D 455 -26.57 3.34 -23.53
N VAL D 456 -26.19 4.61 -23.50
CA VAL D 456 -25.05 5.08 -24.26
C VAL D 456 -23.76 4.38 -23.82
N ILE D 457 -23.58 4.24 -22.52
CA ILE D 457 -22.41 3.57 -21.98
C ILE D 457 -22.39 2.07 -22.35
N LEU D 458 -23.49 1.36 -22.10
CA LEU D 458 -23.55 -0.08 -22.41
C LEU D 458 -23.40 -0.39 -23.89
N CYS D 459 -23.78 0.54 -24.75
CA CYS D 459 -23.70 0.34 -26.18
C CYS D 459 -22.39 0.81 -26.79
N ASN D 460 -21.50 1.33 -25.95
CA ASN D 460 -20.23 1.85 -26.45
C ASN D 460 -20.50 2.84 -27.58
N THR D 461 -21.48 3.71 -27.37
CA THR D 461 -21.84 4.73 -28.36
C THR D 461 -20.75 5.81 -28.40
N ARG D 462 -20.41 6.26 -29.60
CA ARG D 462 -19.37 7.26 -29.80
C ARG D 462 -19.84 8.71 -29.76
N HIS D 463 -21.01 8.97 -30.32
CA HIS D 463 -21.59 10.31 -30.34
C HIS D 463 -23.08 10.20 -30.13
N ILE D 464 -23.67 11.24 -29.52
CA ILE D 464 -25.09 11.25 -29.23
C ILE D 464 -25.84 12.23 -30.10
N SER D 465 -26.73 11.74 -30.95
CA SER D 465 -27.51 12.61 -31.83
C SER D 465 -28.75 13.08 -31.07
N ASP D 466 -29.39 14.12 -31.59
CA ASP D 466 -30.59 14.65 -30.95
C ASP D 466 -31.73 13.64 -30.96
N SER D 467 -31.77 12.83 -32.01
CA SER D 467 -32.83 11.82 -32.15
C SER D 467 -32.82 10.82 -30.99
N VAL D 468 -31.71 10.71 -30.28
CA VAL D 468 -31.65 9.80 -29.14
C VAL D 468 -32.56 10.35 -28.05
N PHE D 469 -32.53 11.66 -27.86
CA PHE D 469 -33.35 12.28 -26.82
C PHE D 469 -34.83 12.24 -27.17
N LEU D 470 -35.13 12.27 -28.47
CA LEU D 470 -36.52 12.20 -28.91
C LEU D 470 -37.01 10.81 -28.52
N GLU D 471 -36.20 9.79 -28.79
CA GLU D 471 -36.55 8.42 -28.45
C GLU D 471 -36.71 8.23 -26.94
N ALA D 472 -35.88 8.92 -26.16
CA ALA D 472 -35.98 8.82 -24.71
C ALA D 472 -37.29 9.48 -24.27
N ALA D 473 -37.63 10.60 -24.90
CA ALA D 473 -38.87 11.29 -24.54
C ALA D 473 -40.05 10.35 -24.75
N LYS D 474 -40.09 9.70 -25.91
CA LYS D 474 -41.16 8.77 -26.22
C LYS D 474 -41.18 7.57 -25.27
N ALA D 475 -40.00 7.05 -24.93
CA ALA D 475 -39.92 5.91 -24.02
C ALA D 475 -40.40 6.26 -22.61
N LEU D 476 -40.20 7.50 -22.21
CA LEU D 476 -40.62 7.95 -20.89
C LEU D 476 -42.14 8.05 -20.84
N THR D 477 -42.71 8.73 -21.83
CA THR D 477 -44.15 8.92 -21.87
C THR D 477 -44.92 7.62 -22.11
N SER D 478 -44.32 6.70 -22.86
CA SER D 478 -44.97 5.41 -23.14
C SER D 478 -45.15 4.56 -21.88
N GLN D 479 -44.62 5.03 -20.75
CA GLN D 479 -44.72 4.28 -19.50
C GLN D 479 -45.82 4.82 -18.60
N LEU D 480 -46.38 5.96 -18.99
CA LEU D 480 -47.46 6.57 -18.22
C LEU D 480 -48.73 5.74 -18.37
N THR D 481 -49.33 5.34 -17.26
CA THR D 481 -50.57 4.56 -17.34
C THR D 481 -51.75 5.53 -17.30
N ASP D 482 -52.84 5.15 -17.97
CA ASP D 482 -54.04 5.98 -18.02
C ASP D 482 -54.51 6.44 -16.64
N GLU D 483 -54.38 5.57 -15.66
CA GLU D 483 -54.80 5.85 -14.29
C GLU D 483 -54.01 7.01 -13.66
N GLU D 484 -52.74 7.10 -14.03
CA GLU D 484 -51.85 8.13 -13.52
C GLU D 484 -52.14 9.46 -14.20
N LEU D 485 -52.51 9.40 -15.47
CA LEU D 485 -52.85 10.59 -16.23
C LEU D 485 -54.07 11.22 -15.60
N ALA D 486 -55.02 10.37 -15.22
CA ALA D 486 -56.27 10.80 -14.61
C ALA D 486 -56.02 11.66 -13.38
N GLN D 487 -55.01 11.31 -12.58
CA GLN D 487 -54.70 12.06 -11.37
C GLN D 487 -54.09 13.42 -11.68
N GLY D 488 -53.65 13.61 -12.91
CA GLY D 488 -53.05 14.87 -13.31
C GLY D 488 -51.56 14.72 -13.57
N ARG D 489 -51.07 13.50 -13.44
CA ARG D 489 -49.67 13.19 -13.66
C ARG D 489 -49.32 13.15 -15.13
N LEU D 490 -48.32 13.92 -15.52
CA LEU D 490 -47.87 13.95 -16.90
C LEU D 490 -46.61 13.10 -17.03
N TYR D 491 -46.18 12.52 -15.91
CA TYR D 491 -44.98 11.69 -15.85
C TYR D 491 -45.17 10.50 -14.91
N PRO D 492 -44.45 9.39 -15.17
CA PRO D 492 -44.59 8.21 -14.30
C PRO D 492 -44.23 8.63 -12.88
N PRO D 493 -44.82 7.97 -11.86
CA PRO D 493 -44.51 8.33 -10.48
C PRO D 493 -43.00 8.32 -10.19
N LEU D 494 -42.55 9.31 -9.43
CA LEU D 494 -41.15 9.42 -9.06
C LEU D 494 -40.70 8.20 -8.28
N ALA D 495 -41.62 7.58 -7.53
CA ALA D 495 -41.30 6.40 -6.75
C ALA D 495 -40.82 5.22 -7.62
N ASN D 496 -41.18 5.21 -8.89
CA ASN D 496 -40.76 4.14 -9.79
C ASN D 496 -39.63 4.56 -10.72
N ILE D 497 -38.90 5.61 -10.35
CA ILE D 497 -37.83 6.11 -11.19
C ILE D 497 -36.78 5.07 -11.59
N GLN D 498 -36.51 4.10 -10.71
CA GLN D 498 -35.55 3.05 -11.02
C GLN D 498 -36.03 2.23 -12.22
N GLU D 499 -37.23 1.68 -12.15
CA GLU D 499 -37.75 0.88 -13.24
C GLU D 499 -37.96 1.71 -14.50
N VAL D 500 -38.43 2.95 -14.33
CA VAL D 500 -38.64 3.84 -15.47
C VAL D 500 -37.32 4.11 -16.20
N SER D 501 -36.24 4.32 -15.45
CA SER D 501 -34.93 4.59 -16.04
C SER D 501 -34.43 3.37 -16.83
N ILE D 502 -34.57 2.20 -16.23
CA ILE D 502 -34.13 0.96 -16.85
C ILE D 502 -34.89 0.76 -18.17
N ASN D 503 -36.19 1.03 -18.15
CA ASN D 503 -37.00 0.88 -19.35
C ASN D 503 -36.58 1.86 -20.44
N ILE D 504 -36.24 3.08 -20.06
CA ILE D 504 -35.82 4.06 -21.04
C ILE D 504 -34.51 3.58 -21.64
N ALA D 505 -33.62 3.07 -20.79
CA ALA D 505 -32.33 2.58 -21.25
C ALA D 505 -32.52 1.42 -22.22
N ILE D 506 -33.39 0.48 -21.89
CA ILE D 506 -33.63 -0.64 -22.79
C ILE D 506 -34.11 -0.13 -24.15
N LYS D 507 -35.04 0.83 -24.15
CA LYS D 507 -35.55 1.40 -25.38
C LYS D 507 -34.44 2.09 -26.17
N VAL D 508 -33.68 2.94 -25.49
CA VAL D 508 -32.59 3.64 -26.15
C VAL D 508 -31.56 2.67 -26.71
N THR D 509 -31.22 1.63 -25.94
CA THR D 509 -30.24 0.67 -26.45
C THR D 509 -30.75 0.02 -27.73
N GLU D 510 -32.04 -0.32 -27.78
CA GLU D 510 -32.59 -0.92 -28.99
C GLU D 510 -32.50 0.09 -30.13
N TYR D 511 -32.74 1.36 -29.80
CA TYR D 511 -32.68 2.43 -30.79
C TYR D 511 -31.27 2.61 -31.36
N LEU D 512 -30.27 2.57 -30.48
CA LEU D 512 -28.88 2.74 -30.92
C LEU D 512 -28.38 1.61 -31.83
N TYR D 513 -28.74 0.37 -31.52
CA TYR D 513 -28.31 -0.74 -32.37
C TYR D 513 -29.03 -0.71 -33.72
N ALA D 514 -30.34 -0.49 -33.69
CA ALA D 514 -31.14 -0.45 -34.92
C ALA D 514 -30.62 0.63 -35.87
N ASN D 515 -30.08 1.70 -35.31
CA ASN D 515 -29.58 2.78 -36.14
C ASN D 515 -28.07 2.80 -36.35
N LYS D 516 -27.42 1.68 -36.02
CA LYS D 516 -25.98 1.57 -36.21
C LYS D 516 -25.19 2.62 -35.42
N MSE D 517 -25.59 2.86 -34.18
CA MSE D 517 -24.91 3.83 -33.34
C MSE D 517 -24.26 3.15 -32.13
O MSE D 517 -23.62 3.81 -31.31
CB MSE D 517 -25.88 4.91 -32.87
CG MSE D 517 -26.33 5.86 -33.97
SE MSE D 517 -27.81 6.95 -33.35
CE MSE D 517 -26.81 8.41 -32.55
N ALA D 518 -24.42 1.83 -32.04
CA ALA D 518 -23.87 1.05 -30.95
C ALA D 518 -22.70 0.22 -31.45
N PHE D 519 -21.58 0.22 -30.73
CA PHE D 519 -20.42 -0.55 -31.15
C PHE D 519 -20.00 -1.67 -30.22
N ARG D 520 -20.82 -1.92 -29.21
CA ARG D 520 -20.55 -3.00 -28.26
C ARG D 520 -20.82 -4.32 -28.99
N TYR D 521 -19.81 -5.18 -29.08
CA TYR D 521 -19.96 -6.46 -29.78
C TYR D 521 -19.83 -7.65 -28.82
N PRO D 522 -20.58 -8.72 -29.05
CA PRO D 522 -21.54 -8.86 -30.15
C PRO D 522 -22.84 -8.17 -29.75
N GLU D 523 -23.74 -7.96 -30.70
CA GLU D 523 -25.01 -7.33 -30.37
C GLU D 523 -25.84 -8.32 -29.59
N PRO D 524 -26.35 -7.91 -28.43
CA PRO D 524 -27.17 -8.78 -27.60
C PRO D 524 -28.49 -9.15 -28.28
N GLU D 525 -28.94 -10.38 -28.05
CA GLU D 525 -30.19 -10.88 -28.60
C GLU D 525 -31.35 -10.14 -27.93
N ASP D 526 -31.40 -10.26 -26.60
CA ASP D 526 -32.44 -9.61 -25.80
C ASP D 526 -31.87 -8.39 -25.07
N LYS D 527 -32.18 -7.20 -25.60
CA LYS D 527 -31.69 -5.97 -25.01
C LYS D 527 -32.16 -5.80 -23.57
N ALA D 528 -33.38 -6.24 -23.27
CA ALA D 528 -33.90 -6.12 -21.92
C ALA D 528 -33.05 -6.87 -20.89
N LYS D 529 -32.71 -8.12 -21.20
CA LYS D 529 -31.90 -8.93 -20.29
C LYS D 529 -30.49 -8.38 -20.24
N TYR D 530 -29.99 -7.94 -21.39
CA TYR D 530 -28.65 -7.37 -21.50
C TYR D 530 -28.45 -6.21 -20.52
N VAL D 531 -29.40 -5.29 -20.49
CA VAL D 531 -29.33 -4.13 -19.62
C VAL D 531 -29.52 -4.47 -18.15
N LYS D 532 -30.54 -5.28 -17.86
CA LYS D 532 -30.82 -5.66 -16.47
C LYS D 532 -29.70 -6.46 -15.81
N GLU D 533 -28.98 -7.23 -16.59
CA GLU D 533 -27.89 -8.03 -16.05
C GLU D 533 -26.67 -7.21 -15.65
N ARG D 534 -26.54 -6.02 -16.24
CA ARG D 534 -25.40 -5.15 -15.97
C ARG D 534 -25.64 -3.98 -15.03
N THR D 535 -26.76 -3.97 -14.32
CA THR D 535 -27.03 -2.87 -13.40
C THR D 535 -26.38 -3.13 -12.04
N TRP D 536 -25.69 -2.11 -11.53
CA TRP D 536 -25.02 -2.20 -10.24
C TRP D 536 -26.09 -2.32 -9.16
N ARG D 537 -25.79 -3.08 -8.12
CA ARG D 537 -26.73 -3.30 -7.03
C ARG D 537 -26.12 -2.82 -5.73
N SER D 538 -26.98 -2.40 -4.80
CA SER D 538 -26.52 -1.90 -3.51
C SER D 538 -26.34 -3.00 -2.46
N GLU D 539 -26.56 -4.26 -2.84
CA GLU D 539 -26.39 -5.35 -1.88
C GLU D 539 -24.89 -5.56 -1.66
N TYR D 540 -24.49 -5.86 -0.44
CA TYR D 540 -23.07 -6.10 -0.19
C TYR D 540 -22.57 -7.30 -0.97
N ASP D 541 -21.32 -7.24 -1.38
CA ASP D 541 -20.69 -8.33 -2.11
C ASP D 541 -19.77 -9.03 -1.10
N SER D 542 -19.45 -10.29 -1.36
CA SER D 542 -18.56 -11.01 -0.46
C SER D 542 -17.14 -10.58 -0.77
N LEU D 543 -16.36 -10.30 0.27
CA LEU D 543 -14.97 -9.88 0.09
C LEU D 543 -14.00 -11.00 0.46
N LEU D 544 -14.53 -12.19 0.66
CA LEU D 544 -13.69 -13.34 1.01
C LEU D 544 -12.86 -13.82 -0.17
N PRO D 545 -11.60 -14.19 0.11
CA PRO D 545 -10.71 -14.69 -0.94
C PRO D 545 -11.20 -16.10 -1.27
N ASP D 546 -10.92 -16.57 -2.48
CA ASP D 546 -11.39 -17.87 -2.90
C ASP D 546 -10.57 -19.02 -2.29
N VAL D 547 -11.13 -19.66 -1.27
CA VAL D 547 -10.47 -20.79 -0.62
C VAL D 547 -11.18 -22.09 -0.98
N TYR D 548 -10.39 -23.09 -1.35
CA TYR D 548 -10.91 -24.39 -1.76
C TYR D 548 -9.76 -25.39 -1.73
N GLU D 549 -10.04 -26.64 -1.42
CA GLU D 549 -8.98 -27.64 -1.38
C GLU D 549 -8.71 -28.20 -2.75
N TRP D 550 -7.49 -28.67 -2.96
CA TRP D 550 -7.08 -29.26 -4.22
C TRP D 550 -7.38 -30.74 -4.15
N PRO D 551 -8.11 -31.27 -5.14
CA PRO D 551 -8.42 -32.72 -5.12
C PRO D 551 -7.16 -33.55 -5.32
PG ATP E . 7.74 -28.62 -35.56
O1G ATP E . 7.16 -27.25 -35.71
O2G ATP E . 8.30 -28.90 -34.20
O3G ATP E . 8.66 -28.97 -36.67
PB ATP E . 4.84 -29.54 -35.53
O1B ATP E . 4.18 -29.77 -36.84
O2B ATP E . 4.58 -28.27 -34.84
O3B ATP E . 6.45 -29.67 -35.71
PA ATP E . 3.26 -31.85 -34.53
O1A ATP E . 3.47 -32.75 -33.36
O2A ATP E . 1.94 -31.20 -34.69
O3A ATP E . 4.44 -30.75 -34.54
O5' ATP E . 3.58 -32.65 -35.88
C5' ATP E . 4.75 -33.48 -35.97
C4' ATP E . 4.68 -34.27 -37.26
O4' ATP E . 5.99 -34.86 -37.55
C3' ATP E . 3.69 -35.42 -37.12
O3' ATP E . 2.76 -35.42 -38.23
C2' ATP E . 4.53 -36.67 -37.12
O2' ATP E . 3.85 -37.75 -37.79
C1' ATP E . 5.78 -36.27 -37.85
N9 ATP E . 6.95 -37.09 -37.47
C8 ATP E . 7.40 -37.40 -36.21
N7 ATP E . 8.49 -38.21 -36.33
C5 ATP E . 8.64 -38.35 -37.62
C6 ATP E . 9.65 -39.13 -38.15
N6 ATP E . 10.52 -39.77 -37.39
N1 ATP E . 9.71 -39.19 -39.52
C2 ATP E . 8.79 -38.52 -40.30
N3 ATP E . 7.81 -37.76 -39.72
C4 ATP E . 7.74 -37.69 -38.34
PG ATP F . -5.51 3.90 -23.58
O1G ATP F . -4.55 4.57 -22.66
O2G ATP F . -6.93 4.05 -23.18
O3G ATP F . -5.14 2.51 -23.89
PB ATP F . -6.19 4.74 -26.40
O1B ATP F . -6.31 6.16 -26.85
O2B ATP F . -7.41 3.93 -26.25
O3B ATP F . -5.38 4.71 -24.99
PA ATP F . -4.72 4.10 -28.91
O1A ATP F . -5.89 4.48 -29.72
O2A ATP F . -3.52 4.96 -28.97
O3A ATP F . -5.18 3.98 -27.38
O5' ATP F . -4.29 2.58 -29.26
C5' ATP F . -5.28 1.57 -29.54
C4' ATP F . -5.11 0.34 -28.63
O4' ATP F . -3.72 -0.10 -28.65
C3' ATP F . -5.45 0.66 -27.20
O3' ATP F . -6.38 -0.31 -26.67
C2' ATP F . -4.12 0.62 -26.44
O2' ATP F . -4.32 0.07 -25.13
C1' ATP F . -3.23 -0.24 -27.26
N9 ATP F . -1.80 0.13 -27.18
C8 ATP F . -1.20 1.30 -27.62
N7 ATP F . 0.15 1.16 -27.54
C5 ATP F . 0.33 -0.05 -27.07
C6 ATP F . 1.59 -0.58 -26.86
N6 ATP F . 2.70 0.09 -27.13
N1 ATP F . 1.63 -1.86 -26.34
C2 ATP F . 0.47 -2.54 -26.07
N3 ATP F . -0.75 -1.97 -26.31
C4 ATP F . -0.82 -0.70 -26.84
C1 TTN G . 8.40 -23.65 -32.52
C2 TTN G . 8.20 -22.15 -32.79
C3 TTN G . 9.54 -21.46 -32.93
O1 TTN G . 7.87 -24.19 -31.54
O2 TTN G . 9.10 -24.33 -33.27
O3 TTN G . 7.47 -21.54 -31.73
O4 TTN G . 10.04 -21.28 -34.04
O5 TTN G . 10.13 -21.07 -31.92
MN MN H . 6.16 -22.88 -30.54
OXT FUM I . 22.35 -6.97 -13.20
C FUM I . 21.67 -5.93 -12.93
O FUM I . 20.47 -5.95 -12.60
C4 FUM I . 22.47 -4.59 -13.02
C5 FUM I . 21.87 -3.36 -12.75
C6 FUM I . 22.60 -2.03 -12.81
O7 FUM I . 23.61 -1.90 -13.49
O8 FUM I . 22.14 -1.07 -12.15
PG ATP J . 45.11 -5.51 10.55
O1G ATP J . 43.93 -5.75 11.44
O2G ATP J . 44.72 -5.20 9.15
O3G ATP J . 46.15 -6.57 10.66
PB ATP J . 45.32 -2.85 11.96
O1B ATP J . 46.08 -2.77 13.21
O2B ATP J . 43.86 -2.95 12.06
O3B ATP J . 45.81 -4.11 11.11
PA ATP J . 46.29 -0.07 11.34
O1A ATP J . 46.33 0.69 10.06
O2A ATP J . 45.59 0.53 12.51
O3A ATP J . 45.70 -1.57 11.06
O5' ATP J . 47.79 -0.39 11.80
C5' ATP J . 48.73 -1.02 10.91
C4' ATP J . 50.06 -1.15 11.63
O4' ATP J . 50.98 -2.01 10.86
C3' ATP J . 50.72 0.19 11.77
O3' ATP J . 51.22 0.36 13.12
C2' ATP J . 51.85 0.18 10.78
O2' ATP J . 52.94 0.97 11.24
C1' ATP J . 52.22 -1.27 10.68
N9 ATP J . 52.91 -1.59 9.39
C8 ATP J . 52.53 -1.25 8.11
N7 ATP J . 53.44 -1.75 7.24
C5 ATP J . 54.32 -2.34 8.00
C6 ATP J . 55.44 -2.98 7.49
N6 ATP J . 55.68 -3.03 6.18
N1 ATP J . 56.27 -3.57 8.39
C2 ATP J . 56.00 -3.52 9.73
N3 ATP J . 54.89 -2.87 10.19
C4 ATP J . 54.03 -2.29 9.30
PG ATP K . 9.82 -5.94 21.62
O1G ATP K . 8.92 -6.59 20.64
O2G ATP K . 9.23 -4.73 22.25
O3G ATP K . 11.18 -5.70 21.10
PB ATP K . 10.52 -6.96 24.37
O1B ATP K . 9.62 -7.75 25.23
O2B ATP K . 10.81 -5.54 24.72
O3B ATP K . 9.98 -7.00 22.84
PA ATP K . 12.76 -8.84 25.12
O1A ATP K . 12.69 -8.44 26.54
O2A ATP K . 12.33 -10.19 24.73
O3A ATP K . 11.93 -7.76 24.24
O5' ATP K . 14.29 -8.59 24.57
C5' ATP K . 15.05 -7.40 24.98
C4' ATP K . 15.56 -6.60 23.75
O4' ATP K . 16.20 -7.50 22.78
C3' ATP K . 14.42 -5.92 23.01
O3' ATP K . 14.69 -4.51 22.83
C2' ATP K . 14.30 -6.63 21.69
O2' ATP K . 13.99 -5.70 20.65
C1' ATP K . 15.63 -7.26 21.46
N9 ATP K . 15.57 -8.54 20.69
C8 ATP K . 15.00 -9.75 21.07
N7 ATP K . 15.35 -10.71 20.18
C5 ATP K . 16.10 -10.07 19.30
C6 ATP K . 16.69 -10.71 18.22
N6 ATP K . 16.56 -12.02 18.01
N1 ATP K . 17.42 -9.93 17.37
C2 ATP K . 17.58 -8.59 17.61
N3 ATP K . 16.99 -8.01 18.71
C4 ATP K . 16.25 -8.77 19.57
C1 TTN L . 39.68 -7.22 9.70
C2 TTN L . 38.65 -7.98 10.57
C3 TTN L . 38.50 -9.41 10.08
O1 TTN L . 39.42 -6.11 9.24
O2 TTN L . 40.77 -7.72 9.46
O3 TTN L . 37.37 -7.35 10.51
O4 TTN L . 39.37 -10.24 10.30
O5 TTN L . 37.48 -9.74 9.46
MN MN M . 37.28 -5.22 10.01
OXT FUM N . 18.02 -18.56 -6.03
C FUM N . 16.93 -18.50 -5.36
O FUM N . 16.54 -17.47 -4.77
C4 FUM N . 16.12 -19.81 -5.31
C5 FUM N . 14.93 -19.91 -4.60
C6 FUM N . 14.11 -21.19 -4.53
O7 FUM N . 14.64 -22.26 -4.70
O8 FUM N . 12.86 -21.09 -4.32
PG ATP O . -19.34 6.67 41.21
O1G ATP O . -17.91 6.94 40.84
O2G ATP O . -20.18 6.26 40.06
O3G ATP O . -19.94 7.77 42.04
PB ATP O . -18.27 4.13 42.45
O1B ATP O . -17.85 4.13 43.86
O2B ATP O . -17.21 4.19 41.43
O3B ATP O . -19.30 5.35 42.20
PA ATP O . -19.33 1.35 42.83
O1A ATP O . -20.35 0.59 42.07
O2A ATP O . -17.98 0.76 43.01
O3A ATP O . -19.17 2.82 42.18
O5' ATP O . -19.93 1.68 44.31
C5' ATP O . -21.25 2.24 44.46
C4' ATP O . -21.55 2.37 45.93
O4' ATP O . -22.72 3.25 46.16
C3' ATP O . -21.90 1.03 46.52
O3' ATP O . -21.18 0.82 47.75
C2' ATP O . -23.37 1.08 46.78
O2' ATP O . -23.72 0.26 47.90
C1' ATP O . -23.63 2.54 47.02
N9 ATP O . -25.05 2.92 46.78
C8 ATP O . -25.85 2.58 45.71
N7 ATP O . -27.09 3.10 45.91
C5 ATP O . -27.00 3.70 47.07
C6 ATP O . -28.07 4.35 47.65
N6 ATP O . -29.27 4.38 47.07
N1 ATP O . -27.85 4.95 48.85
C2 ATP O . -26.61 4.88 49.44
N3 ATP O . -25.58 4.23 48.83
C4 ATP O . -25.79 3.62 47.62
PG ATP P . 11.37 7.29 20.48
O1G ATP P . 11.09 7.94 19.17
O2G ATP P . 12.26 6.10 20.39
O3G ATP P . 10.15 7.06 21.27
PB ATP P . 13.04 8.43 22.72
O1B ATP P . 14.27 9.24 22.55
O2B ATP P . 13.15 7.02 23.21
O3B ATP P . 12.23 8.40 21.31
PA ATP P . 12.13 10.31 24.87
O1A ATP P . 13.28 9.93 25.71
O2A ATP P . 12.08 11.66 24.28
O3A ATP P . 12.01 9.24 23.67
O5' ATP P . 10.75 10.05 25.71
C5' ATP P . 10.64 8.92 26.63
C4' ATP P . 9.43 8.03 26.29
O4' ATP P . 8.22 8.86 26.21
C3' ATP P . 9.60 7.36 24.95
O3' ATP P . 9.34 5.94 25.04
C2' ATP P . 8.60 8.03 24.02
O2' ATP P . 8.03 7.08 23.12
C1' ATP P . 7.56 8.62 24.92
N9 ATP P . 6.96 9.87 24.40
C8 ATP P . 7.59 11.07 24.16
N7 ATP P . 6.65 11.99 23.83
C5 ATP P . 5.52 11.34 23.87
C6 ATP P . 4.30 11.95 23.61
N6 ATP P . 4.20 13.25 23.33
N1 ATP P . 3.19 11.17 23.69
C2 ATP P . 3.31 9.84 24.01
N3 ATP P . 4.54 9.28 24.27
C4 ATP P . 5.65 10.06 24.20
C1 TTN Q . -16.35 8.42 36.59
C2 TTN Q . -15.09 9.27 36.36
C3 TTN Q . -15.44 10.53 35.57
O1 TTN Q . -16.43 7.29 36.13
O2 TTN Q . -17.28 8.88 37.25
O3 TTN Q . -14.10 8.54 35.65
O4 TTN Q . -15.69 11.58 36.15
O5 TTN Q . -15.48 10.48 34.33
MN MN R . -14.74 6.33 35.09
OXT FUM S . -15.76 18.90 9.65
C FUM S . -14.60 18.86 9.07
O FUM S . -13.87 17.84 8.97
C4 FUM S . -14.10 20.18 8.49
C5 FUM S . -12.85 20.28 7.86
C6 FUM S . -12.33 21.55 7.29
O7 FUM S . -12.88 22.59 7.56
O8 FUM S . -11.32 21.53 6.53
PG ATP T . -33.84 27.32 -16.69
O1G ATP T . -33.60 25.91 -17.16
O2G ATP T . -33.04 27.68 -15.47
O3G ATP T . -35.29 27.64 -16.58
PB ATP T . -32.11 28.14 -19.04
O1B ATP T . -32.75 28.22 -20.36
O2B ATP T . -31.30 26.94 -18.72
O3B ATP T . -33.24 28.29 -17.89
PA ATP T . -30.46 30.50 -19.84
O1A ATP T . -29.65 31.45 -19.05
O2A ATP T . -29.82 29.77 -20.95
O3A ATP T . -31.17 29.45 -18.86
O5' ATP T . -31.72 31.30 -20.45
C5' ATP T . -32.58 32.05 -19.59
C4' ATP T . -33.59 32.79 -20.45
O4' ATP T . -34.63 33.39 -19.59
C3' ATP T . -32.92 33.93 -21.19
O3' ATP T . -33.26 33.89 -22.58
C2' ATP T . -33.46 35.19 -20.57
O2' ATP T . -33.59 36.23 -21.54
C1' ATP T . -34.78 34.78 -19.99
N9 ATP T . -35.21 35.66 -18.87
C8 ATP T . -34.49 36.04 -17.76
N7 ATP T . -35.26 36.86 -17.00
C5 ATP T . -36.38 36.95 -17.67
C6 ATP T . -37.44 37.72 -17.22
N6 ATP T . -37.38 38.42 -16.11
N1 ATP T . -38.57 37.72 -18.00
C2 ATP T . -38.60 37.01 -19.17
N3 ATP T . -37.52 36.27 -19.57
C4 ATP T . -36.40 36.25 -18.80
PG ATP U . -15.29 -4.75 -18.71
O1G ATP U . -15.09 -5.36 -17.36
O2G ATP U . -14.13 -4.94 -19.61
O3G ATP U . -15.78 -3.36 -18.65
PB ATP U . -17.12 -5.75 -20.86
O1B ATP U . -17.39 -7.20 -21.14
O2B ATP U . -16.28 -4.97 -21.79
O3B ATP U . -16.51 -5.61 -19.38
PA ATP U . -20.02 -5.23 -21.25
O1A ATP U . -19.94 -5.66 -22.65
O2A ATP U . -20.72 -6.08 -20.27
O3A ATP U . -18.53 -5.01 -20.70
O5' ATP U . -20.62 -3.74 -21.17
C5' ATP U . -20.32 -2.76 -22.20
C4' ATP U . -19.75 -1.48 -21.59
O4' ATP U . -20.60 -1.02 -20.49
C3' ATP U . -18.39 -1.69 -21.01
O3' ATP U . -17.49 -0.65 -21.45
C2' ATP U . -18.55 -1.63 -19.52
O2' ATP U . -17.40 -1.05 -18.90
C1' ATP U . -19.77 -0.79 -19.32
N9 ATP U . -20.53 -1.10 -18.09
C8 ATP U . -21.17 -2.29 -17.76
N7 ATP U . -21.89 -2.09 -16.63
C5 ATP U . -21.66 -0.86 -16.32
C6 ATP U . -22.23 -0.27 -15.20
N6 ATP U . -23.09 -0.91 -14.43
N1 ATP U . -21.89 1.05 -14.96
C2 ATP U . -21.04 1.72 -15.83
N3 ATP U . -20.53 1.09 -16.92
C4 ATP U . -20.84 -0.22 -17.17
C1 TTN V . -31.67 22.59 -13.88
C2 TTN V . -31.87 21.10 -14.23
C3 TTN V . -32.80 20.43 -13.24
O1 TTN V . -30.54 23.06 -13.80
O2 TTN V . -32.64 23.32 -13.69
O3 TTN V . -30.62 20.41 -14.20
O4 TTN V . -34.00 20.38 -13.45
O5 TTN V . -32.33 19.95 -12.21
MN MN W . -28.77 21.70 -14.75
OXT FUM X . -23.68 7.02 9.17
C FUM X . -23.13 5.91 8.86
O FUM X . -22.20 5.81 8.04
C4 FUM X . -23.71 4.66 9.55
C5 FUM X . -23.24 3.37 9.29
C6 FUM X . -23.78 2.13 9.96
O7 FUM X . -24.94 2.07 10.36
O8 FUM X . -23.00 1.14 10.08
#